data_2BF0
# 
_entry.id   2BF0 
# 
_audit_conform.dict_name       mmcif_pdbx.dic 
_audit_conform.dict_version    5.398 
_audit_conform.dict_location   http://mmcif.pdb.org/dictionaries/ascii/mmcif_pdbx.dic 
# 
loop_
_database_2.database_id 
_database_2.database_code 
_database_2.pdbx_database_accession 
_database_2.pdbx_DOI 
PDB   2BF0         pdb_00002bf0 10.2210/pdb2bf0/pdb 
PDBE  EBI-21843    ?            ?                   
WWPDB D_1290021843 ?            ?                   
# 
loop_
_pdbx_audit_revision_history.ordinal 
_pdbx_audit_revision_history.data_content_type 
_pdbx_audit_revision_history.major_revision 
_pdbx_audit_revision_history.minor_revision 
_pdbx_audit_revision_history.revision_date 
1 'Structure model' 1 0 2005-01-18 
2 'Structure model' 1 1 2011-05-08 
3 'Structure model' 1 2 2011-07-13 
4 'Structure model' 1 3 2024-11-06 
# 
_pdbx_audit_revision_details.ordinal             1 
_pdbx_audit_revision_details.revision_ordinal    1 
_pdbx_audit_revision_details.data_content_type   'Structure model' 
_pdbx_audit_revision_details.provider            repository 
_pdbx_audit_revision_details.type                'Initial release' 
_pdbx_audit_revision_details.description         ? 
_pdbx_audit_revision_details.details             ? 
# 
loop_
_pdbx_audit_revision_group.ordinal 
_pdbx_audit_revision_group.revision_ordinal 
_pdbx_audit_revision_group.data_content_type 
_pdbx_audit_revision_group.group 
1 2 'Structure model' 'Version format compliance' 
2 3 'Structure model' 'Version format compliance' 
3 4 'Structure model' 'Data collection'           
4 4 'Structure model' 'Database references'       
5 4 'Structure model' 'Derived calculations'      
6 4 'Structure model' 'Structure summary'         
# 
loop_
_pdbx_audit_revision_category.ordinal 
_pdbx_audit_revision_category.revision_ordinal 
_pdbx_audit_revision_category.data_content_type 
_pdbx_audit_revision_category.category 
1 4 'Structure model' chem_comp_atom            
2 4 'Structure model' chem_comp_bond            
3 4 'Structure model' database_2                
4 4 'Structure model' pdbx_entry_details        
5 4 'Structure model' pdbx_modification_feature 
6 4 'Structure model' pdbx_struct_conn_angle    
7 4 'Structure model' struct_conn               
# 
loop_
_pdbx_audit_revision_item.ordinal 
_pdbx_audit_revision_item.revision_ordinal 
_pdbx_audit_revision_item.data_content_type 
_pdbx_audit_revision_item.item 
1  4 'Structure model' '_database_2.pdbx_DOI'                        
2  4 'Structure model' '_database_2.pdbx_database_accession'         
3  4 'Structure model' '_pdbx_struct_conn_angle.ptnr1_auth_comp_id'  
4  4 'Structure model' '_pdbx_struct_conn_angle.ptnr1_auth_seq_id'   
5  4 'Structure model' '_pdbx_struct_conn_angle.ptnr1_label_comp_id' 
6  4 'Structure model' '_pdbx_struct_conn_angle.ptnr1_label_seq_id'  
7  4 'Structure model' '_pdbx_struct_conn_angle.ptnr1_symmetry'      
8  4 'Structure model' '_pdbx_struct_conn_angle.ptnr3_auth_comp_id'  
9  4 'Structure model' '_pdbx_struct_conn_angle.ptnr3_auth_seq_id'   
10 4 'Structure model' '_pdbx_struct_conn_angle.ptnr3_label_comp_id' 
11 4 'Structure model' '_pdbx_struct_conn_angle.ptnr3_label_seq_id'  
12 4 'Structure model' '_pdbx_struct_conn_angle.ptnr3_symmetry'      
13 4 'Structure model' '_pdbx_struct_conn_angle.value'               
14 4 'Structure model' '_struct_conn.pdbx_dist_value'                
15 4 'Structure model' '_struct_conn.pdbx_leaving_atom_flag'         
16 4 'Structure model' '_struct_conn.ptnr1_auth_comp_id'             
17 4 'Structure model' '_struct_conn.ptnr1_auth_seq_id'              
18 4 'Structure model' '_struct_conn.ptnr1_label_asym_id'            
19 4 'Structure model' '_struct_conn.ptnr1_label_atom_id'            
20 4 'Structure model' '_struct_conn.ptnr1_label_comp_id'            
21 4 'Structure model' '_struct_conn.ptnr1_label_seq_id'             
22 4 'Structure model' '_struct_conn.ptnr1_symmetry'                 
23 4 'Structure model' '_struct_conn.ptnr2_auth_comp_id'             
24 4 'Structure model' '_struct_conn.ptnr2_auth_seq_id'              
25 4 'Structure model' '_struct_conn.ptnr2_label_asym_id'            
26 4 'Structure model' '_struct_conn.ptnr2_label_atom_id'            
27 4 'Structure model' '_struct_conn.ptnr2_label_comp_id'            
28 4 'Structure model' '_struct_conn.ptnr2_label_seq_id'             
29 4 'Structure model' '_struct_conn.ptnr2_symmetry'                 
# 
_pdbx_database_status.status_code                     REL 
_pdbx_database_status.entry_id                        2BF0 
_pdbx_database_status.deposit_site                    PDBE 
_pdbx_database_status.process_site                    PDBE 
_pdbx_database_status.SG_entry                        . 
_pdbx_database_status.recvd_initial_deposition_date   2004-12-02 
_pdbx_database_status.pdb_format_compatible           Y 
_pdbx_database_status.status_code_sf                  ? 
_pdbx_database_status.status_code_mr                  ? 
_pdbx_database_status.status_code_cs                  ? 
_pdbx_database_status.methods_development_category    ? 
_pdbx_database_status.status_code_nmr_data            ? 
# 
loop_
_pdbx_database_related.db_name 
_pdbx_database_related.db_id 
_pdbx_database_related.content_type 
_pdbx_database_related.details 
PDB 1SZ9 unspecified 'THE RNA POLYMERASE II CTD IN MRNA PROCESSING: BETA-TURNRECOGNITION AND BETA- SPIRAL MODEL' 
PDB 1SZA unspecified 'THE RNA POLYMERASE II CTD IN MRNA PROCESSING: BETA-TURNRECOGNITION AND BETA- SPIRAL MODEL' 
# 
loop_
_audit_author.name 
_audit_author.pdbx_ordinal 
'Noble, C.G.'      1 
'Hollingworth, D.' 2 
'Martin, S.R.'     3 
'Adeniran, V.E.'   4 
'Smerdon, S.J.'    5 
'Kelly, G.'        6 
'Taylor, I.A.'     7 
'Ramos, A.'        8 
# 
_citation.id                        primary 
_citation.title                     'Key Features of the Interaction between Pcf11 Cid and RNA Polymerase II Ctd.' 
_citation.journal_abbrev            Nat.Struct.Mol.Biol. 
_citation.journal_volume            12 
_citation.page_first                144 
_citation.page_last                 ? 
_citation.year                      2005 
_citation.journal_id_ASTM           ? 
_citation.country                   US 
_citation.journal_id_ISSN           1545-9993 
_citation.journal_id_CSD            ? 
_citation.book_publisher            ? 
_citation.pdbx_database_id_PubMed   15665873 
_citation.pdbx_database_id_DOI      10.1038/NSMB887 
# 
loop_
_citation_author.citation_id 
_citation_author.name 
_citation_author.ordinal 
_citation_author.identifier_ORCID 
primary 'Noble, C.G.'      1 ? 
primary 'Hollingworth, D.' 2 ? 
primary 'Martin, S.R.'     3 ? 
primary 'Adeniran, V.E.'   4 ? 
primary 'Smerdon, S.J.'    5 ? 
primary 'Kelly, G.'        6 ? 
primary 'Taylor, I.A.'     7 ? 
primary 'Ramos, A.'        8 ? 
# 
loop_
_entity.id 
_entity.type 
_entity.src_method 
_entity.pdbx_description 
_entity.formula_weight 
_entity.pdbx_number_of_molecules 
_entity.pdbx_ec 
_entity.pdbx_mutation 
_entity.pdbx_fragment 
_entity.details 
1 polymer     man PCF11         16633.701 1  ? ? 'CID, RESIDUES 1-138' ? 
2 non-polymer syn 'CALCIUM ION' 40.078    1  ? ? ?                     ? 
3 water       nat water         18.015    56 ? ? ?                     ? 
# 
_entity_poly.entity_id                      1 
_entity_poly.type                           'polypeptide(L)' 
_entity_poly.nstd_linkage                   no 
_entity_poly.nstd_monomer                   yes 
_entity_poly.pdbx_seq_one_letter_code       
;GPLGS(MSE)DHDTEVIVKDFNSILEELTFNSRPIITTLTKLAEENISCAQYFVDAIESRIEKC(MSE)PKQKLYAFYAL
DSICKNVGSPYTIYFSRNLFNLYKRTYLLVDNTTRTKLIN(MSE)FKLWLNPNDTGLPLFEGSALEKIEQFLIKA
;
_entity_poly.pdbx_seq_one_letter_code_can   
;GPLGSMDHDTEVIVKDFNSILEELTFNSRPIITTLTKLAEENISCAQYFVDAIESRIEKCMPKQKLYAFYALDSICKNVG
SPYTIYFSRNLFNLYKRTYLLVDNTTRTKLINMFKLWLNPNDTGLPLFEGSALEKIEQFLIKA
;
_entity_poly.pdbx_strand_id                 X 
_entity_poly.pdbx_target_identifier         ? 
# 
loop_
_pdbx_entity_nonpoly.entity_id 
_pdbx_entity_nonpoly.name 
_pdbx_entity_nonpoly.comp_id 
2 'CALCIUM ION' CA  
3 water         HOH 
# 
loop_
_entity_poly_seq.entity_id 
_entity_poly_seq.num 
_entity_poly_seq.mon_id 
_entity_poly_seq.hetero 
1 1   GLY n 
1 2   PRO n 
1 3   LEU n 
1 4   GLY n 
1 5   SER n 
1 6   MSE n 
1 7   ASP n 
1 8   HIS n 
1 9   ASP n 
1 10  THR n 
1 11  GLU n 
1 12  VAL n 
1 13  ILE n 
1 14  VAL n 
1 15  LYS n 
1 16  ASP n 
1 17  PHE n 
1 18  ASN n 
1 19  SER n 
1 20  ILE n 
1 21  LEU n 
1 22  GLU n 
1 23  GLU n 
1 24  LEU n 
1 25  THR n 
1 26  PHE n 
1 27  ASN n 
1 28  SER n 
1 29  ARG n 
1 30  PRO n 
1 31  ILE n 
1 32  ILE n 
1 33  THR n 
1 34  THR n 
1 35  LEU n 
1 36  THR n 
1 37  LYS n 
1 38  LEU n 
1 39  ALA n 
1 40  GLU n 
1 41  GLU n 
1 42  ASN n 
1 43  ILE n 
1 44  SER n 
1 45  CYS n 
1 46  ALA n 
1 47  GLN n 
1 48  TYR n 
1 49  PHE n 
1 50  VAL n 
1 51  ASP n 
1 52  ALA n 
1 53  ILE n 
1 54  GLU n 
1 55  SER n 
1 56  ARG n 
1 57  ILE n 
1 58  GLU n 
1 59  LYS n 
1 60  CYS n 
1 61  MSE n 
1 62  PRO n 
1 63  LYS n 
1 64  GLN n 
1 65  LYS n 
1 66  LEU n 
1 67  TYR n 
1 68  ALA n 
1 69  PHE n 
1 70  TYR n 
1 71  ALA n 
1 72  LEU n 
1 73  ASP n 
1 74  SER n 
1 75  ILE n 
1 76  CYS n 
1 77  LYS n 
1 78  ASN n 
1 79  VAL n 
1 80  GLY n 
1 81  SER n 
1 82  PRO n 
1 83  TYR n 
1 84  THR n 
1 85  ILE n 
1 86  TYR n 
1 87  PHE n 
1 88  SER n 
1 89  ARG n 
1 90  ASN n 
1 91  LEU n 
1 92  PHE n 
1 93  ASN n 
1 94  LEU n 
1 95  TYR n 
1 96  LYS n 
1 97  ARG n 
1 98  THR n 
1 99  TYR n 
1 100 LEU n 
1 101 LEU n 
1 102 VAL n 
1 103 ASP n 
1 104 ASN n 
1 105 THR n 
1 106 THR n 
1 107 ARG n 
1 108 THR n 
1 109 LYS n 
1 110 LEU n 
1 111 ILE n 
1 112 ASN n 
1 113 MSE n 
1 114 PHE n 
1 115 LYS n 
1 116 LEU n 
1 117 TRP n 
1 118 LEU n 
1 119 ASN n 
1 120 PRO n 
1 121 ASN n 
1 122 ASP n 
1 123 THR n 
1 124 GLY n 
1 125 LEU n 
1 126 PRO n 
1 127 LEU n 
1 128 PHE n 
1 129 GLU n 
1 130 GLY n 
1 131 SER n 
1 132 ALA n 
1 133 LEU n 
1 134 GLU n 
1 135 LYS n 
1 136 ILE n 
1 137 GLU n 
1 138 GLN n 
1 139 PHE n 
1 140 LEU n 
1 141 ILE n 
1 142 LYS n 
1 143 ALA n 
# 
_entity_src_gen.entity_id                          1 
_entity_src_gen.pdbx_src_id                        1 
_entity_src_gen.pdbx_alt_source_flag               sample 
_entity_src_gen.pdbx_seq_type                      ? 
_entity_src_gen.pdbx_beg_seq_num                   ? 
_entity_src_gen.pdbx_end_seq_num                   ? 
_entity_src_gen.gene_src_common_name               'BAKERS YEAST' 
_entity_src_gen.gene_src_genus                     ? 
_entity_src_gen.pdbx_gene_src_gene                 ? 
_entity_src_gen.gene_src_species                   ? 
_entity_src_gen.gene_src_strain                    ? 
_entity_src_gen.gene_src_tissue                    ? 
_entity_src_gen.gene_src_tissue_fraction           ? 
_entity_src_gen.gene_src_details                   ? 
_entity_src_gen.pdbx_gene_src_fragment             ? 
_entity_src_gen.pdbx_gene_src_scientific_name      'SACCHAROMYCES CEREVISIAE' 
_entity_src_gen.pdbx_gene_src_ncbi_taxonomy_id     4932 
_entity_src_gen.pdbx_gene_src_variant              ? 
_entity_src_gen.pdbx_gene_src_cell_line            ? 
_entity_src_gen.pdbx_gene_src_atcc                 ? 
_entity_src_gen.pdbx_gene_src_organ                ? 
_entity_src_gen.pdbx_gene_src_organelle            ? 
_entity_src_gen.pdbx_gene_src_cell                 ? 
_entity_src_gen.pdbx_gene_src_cellular_location    ? 
_entity_src_gen.host_org_common_name               ? 
_entity_src_gen.pdbx_host_org_scientific_name      'ESCHERICHIA COLI' 
_entity_src_gen.pdbx_host_org_ncbi_taxonomy_id     469008 
_entity_src_gen.host_org_genus                     ? 
_entity_src_gen.pdbx_host_org_gene                 ? 
_entity_src_gen.pdbx_host_org_organ                ? 
_entity_src_gen.host_org_species                   ? 
_entity_src_gen.pdbx_host_org_tissue               ? 
_entity_src_gen.pdbx_host_org_tissue_fraction      ? 
_entity_src_gen.pdbx_host_org_strain               'BL21(DE3)' 
_entity_src_gen.pdbx_host_org_variant              ? 
_entity_src_gen.pdbx_host_org_cell_line            ? 
_entity_src_gen.pdbx_host_org_atcc                 ? 
_entity_src_gen.pdbx_host_org_culture_collection   ? 
_entity_src_gen.pdbx_host_org_cell                 ? 
_entity_src_gen.pdbx_host_org_organelle            ? 
_entity_src_gen.pdbx_host_org_cellular_location    ? 
_entity_src_gen.pdbx_host_org_vector_type          ? 
_entity_src_gen.pdbx_host_org_vector               ? 
_entity_src_gen.host_org_details                   ? 
_entity_src_gen.expression_system_id               ? 
_entity_src_gen.plasmid_name                       PGEX6P1 
_entity_src_gen.plasmid_details                    ? 
_entity_src_gen.pdbx_description                   ? 
# 
loop_
_chem_comp.id 
_chem_comp.type 
_chem_comp.mon_nstd_flag 
_chem_comp.name 
_chem_comp.pdbx_synonyms 
_chem_comp.formula 
_chem_comp.formula_weight 
ALA 'L-peptide linking' y ALANINE          ? 'C3 H7 N O2'     89.093  
ARG 'L-peptide linking' y ARGININE         ? 'C6 H15 N4 O2 1' 175.209 
ASN 'L-peptide linking' y ASPARAGINE       ? 'C4 H8 N2 O3'    132.118 
ASP 'L-peptide linking' y 'ASPARTIC ACID'  ? 'C4 H7 N O4'     133.103 
CA  non-polymer         . 'CALCIUM ION'    ? 'Ca 2'           40.078  
CYS 'L-peptide linking' y CYSTEINE         ? 'C3 H7 N O2 S'   121.158 
GLN 'L-peptide linking' y GLUTAMINE        ? 'C5 H10 N2 O3'   146.144 
GLU 'L-peptide linking' y 'GLUTAMIC ACID'  ? 'C5 H9 N O4'     147.129 
GLY 'peptide linking'   y GLYCINE          ? 'C2 H5 N O2'     75.067  
HIS 'L-peptide linking' y HISTIDINE        ? 'C6 H10 N3 O2 1' 156.162 
HOH non-polymer         . WATER            ? 'H2 O'           18.015  
ILE 'L-peptide linking' y ISOLEUCINE       ? 'C6 H13 N O2'    131.173 
LEU 'L-peptide linking' y LEUCINE          ? 'C6 H13 N O2'    131.173 
LYS 'L-peptide linking' y LYSINE           ? 'C6 H15 N2 O2 1' 147.195 
MSE 'L-peptide linking' n SELENOMETHIONINE ? 'C5 H11 N O2 Se' 196.106 
PHE 'L-peptide linking' y PHENYLALANINE    ? 'C9 H11 N O2'    165.189 
PRO 'L-peptide linking' y PROLINE          ? 'C5 H9 N O2'     115.130 
SER 'L-peptide linking' y SERINE           ? 'C3 H7 N O3'     105.093 
THR 'L-peptide linking' y THREONINE        ? 'C4 H9 N O3'     119.119 
TRP 'L-peptide linking' y TRYPTOPHAN       ? 'C11 H12 N2 O2'  204.225 
TYR 'L-peptide linking' y TYROSINE         ? 'C9 H11 N O3'    181.189 
VAL 'L-peptide linking' y VALINE           ? 'C5 H11 N O2'    117.146 
# 
loop_
_pdbx_poly_seq_scheme.asym_id 
_pdbx_poly_seq_scheme.entity_id 
_pdbx_poly_seq_scheme.seq_id 
_pdbx_poly_seq_scheme.mon_id 
_pdbx_poly_seq_scheme.ndb_seq_num 
_pdbx_poly_seq_scheme.pdb_seq_num 
_pdbx_poly_seq_scheme.auth_seq_num 
_pdbx_poly_seq_scheme.pdb_mon_id 
_pdbx_poly_seq_scheme.auth_mon_id 
_pdbx_poly_seq_scheme.pdb_strand_id 
_pdbx_poly_seq_scheme.pdb_ins_code 
_pdbx_poly_seq_scheme.hetero 
A 1 1   GLY 1   -4  ?   ?   ?   X . n 
A 1 2   PRO 2   -3  ?   ?   ?   X . n 
A 1 3   LEU 3   -2  ?   ?   ?   X . n 
A 1 4   GLY 4   -1  ?   ?   ?   X . n 
A 1 5   SER 5   0   ?   ?   ?   X . n 
A 1 6   MSE 6   1   ?   ?   ?   X . n 
A 1 7   ASP 7   2   ?   ?   ?   X . n 
A 1 8   HIS 8   3   ?   ?   ?   X . n 
A 1 9   ASP 9   4   ?   ?   ?   X . n 
A 1 10  THR 10  5   ?   ?   ?   X . n 
A 1 11  GLU 11  6   ?   ?   ?   X . n 
A 1 12  VAL 12  7   ?   ?   ?   X . n 
A 1 13  ILE 13  8   8   ILE ILE X . n 
A 1 14  VAL 14  9   9   VAL VAL X . n 
A 1 15  LYS 15  10  10  LYS LYS X . n 
A 1 16  ASP 16  11  11  ASP ASP X . n 
A 1 17  PHE 17  12  12  PHE PHE X . n 
A 1 18  ASN 18  13  13  ASN ASN X . n 
A 1 19  SER 19  14  14  SER SER X . n 
A 1 20  ILE 20  15  15  ILE ILE X . n 
A 1 21  LEU 21  16  16  LEU LEU X . n 
A 1 22  GLU 22  17  17  GLU GLU X . n 
A 1 23  GLU 23  18  18  GLU GLU X . n 
A 1 24  LEU 24  19  19  LEU LEU X . n 
A 1 25  THR 25  20  20  THR THR X . n 
A 1 26  PHE 26  21  21  PHE PHE X . n 
A 1 27  ASN 27  22  22  ASN ASN X . n 
A 1 28  SER 28  23  23  SER SER X . n 
A 1 29  ARG 29  24  24  ARG ARG X . n 
A 1 30  PRO 30  25  25  PRO PRO X . n 
A 1 31  ILE 31  26  26  ILE ILE X . n 
A 1 32  ILE 32  27  27  ILE ILE X . n 
A 1 33  THR 33  28  28  THR THR X . n 
A 1 34  THR 34  29  29  THR THR X . n 
A 1 35  LEU 35  30  30  LEU LEU X . n 
A 1 36  THR 36  31  31  THR THR X . n 
A 1 37  LYS 37  32  32  LYS LYS X . n 
A 1 38  LEU 38  33  33  LEU LEU X . n 
A 1 39  ALA 39  34  34  ALA ALA X . n 
A 1 40  GLU 40  35  35  GLU GLU X . n 
A 1 41  GLU 41  36  36  GLU GLU X . n 
A 1 42  ASN 42  37  37  ASN ASN X . n 
A 1 43  ILE 43  38  38  ILE ILE X . n 
A 1 44  SER 44  39  39  SER SER X . n 
A 1 45  CYS 45  40  40  CYS CYS X . n 
A 1 46  ALA 46  41  41  ALA ALA X . n 
A 1 47  GLN 47  42  42  GLN GLN X . n 
A 1 48  TYR 48  43  43  TYR TYR X . n 
A 1 49  PHE 49  44  44  PHE PHE X . n 
A 1 50  VAL 50  45  45  VAL VAL X . n 
A 1 51  ASP 51  46  46  ASP ASP X . n 
A 1 52  ALA 52  47  47  ALA ALA X . n 
A 1 53  ILE 53  48  48  ILE ILE X . n 
A 1 54  GLU 54  49  49  GLU GLU X . n 
A 1 55  SER 55  50  50  SER SER X . n 
A 1 56  ARG 56  51  51  ARG ARG X . n 
A 1 57  ILE 57  52  52  ILE ILE X . n 
A 1 58  GLU 58  53  53  GLU GLU X . n 
A 1 59  LYS 59  54  54  LYS LYS X . n 
A 1 60  CYS 60  55  55  CYS CYS X . n 
A 1 61  MSE 61  56  56  MSE MSE X . n 
A 1 62  PRO 62  57  57  PRO PRO X . n 
A 1 63  LYS 63  58  58  LYS LYS X . n 
A 1 64  GLN 64  59  59  GLN GLN X . n 
A 1 65  LYS 65  60  60  LYS LYS X . n 
A 1 66  LEU 66  61  61  LEU LEU X . n 
A 1 67  TYR 67  62  62  TYR TYR X . n 
A 1 68  ALA 68  63  63  ALA ALA X . n 
A 1 69  PHE 69  64  64  PHE PHE X . n 
A 1 70  TYR 70  65  65  TYR TYR X . n 
A 1 71  ALA 71  66  66  ALA ALA X . n 
A 1 72  LEU 72  67  67  LEU LEU X . n 
A 1 73  ASP 73  68  68  ASP ASP X . n 
A 1 74  SER 74  69  69  SER SER X . n 
A 1 75  ILE 75  70  70  ILE ILE X . n 
A 1 76  CYS 76  71  71  CYS CYS X . n 
A 1 77  LYS 77  72  72  LYS LYS X . n 
A 1 78  ASN 78  73  73  ASN ASN X . n 
A 1 79  VAL 79  74  74  VAL VAL X . n 
A 1 80  GLY 80  75  75  GLY GLY X . n 
A 1 81  SER 81  76  76  SER SER X . n 
A 1 82  PRO 82  77  77  PRO PRO X . n 
A 1 83  TYR 83  78  78  TYR TYR X . n 
A 1 84  THR 84  79  79  THR THR X . n 
A 1 85  ILE 85  80  80  ILE ILE X . n 
A 1 86  TYR 86  81  81  TYR TYR X . n 
A 1 87  PHE 87  82  82  PHE PHE X . n 
A 1 88  SER 88  83  83  SER SER X . n 
A 1 89  ARG 89  84  84  ARG ARG X . n 
A 1 90  ASN 90  85  85  ASN ASN X . n 
A 1 91  LEU 91  86  86  LEU LEU X . n 
A 1 92  PHE 92  87  87  PHE PHE X . n 
A 1 93  ASN 93  88  88  ASN ASN X . n 
A 1 94  LEU 94  89  89  LEU LEU X . n 
A 1 95  TYR 95  90  90  TYR TYR X . n 
A 1 96  LYS 96  91  91  LYS LYS X . n 
A 1 97  ARG 97  92  92  ARG ARG X . n 
A 1 98  THR 98  93  93  THR THR X . n 
A 1 99  TYR 99  94  94  TYR TYR X . n 
A 1 100 LEU 100 95  95  LEU LEU X . n 
A 1 101 LEU 101 96  96  LEU LEU X . n 
A 1 102 VAL 102 97  97  VAL VAL X . n 
A 1 103 ASP 103 98  98  ASP ASP X . n 
A 1 104 ASN 104 99  99  ASN ASN X . n 
A 1 105 THR 105 100 100 THR THR X . n 
A 1 106 THR 106 101 101 THR THR X . n 
A 1 107 ARG 107 102 102 ARG ARG X . n 
A 1 108 THR 108 103 103 THR THR X . n 
A 1 109 LYS 109 104 104 LYS LYS X . n 
A 1 110 LEU 110 105 105 LEU LEU X . n 
A 1 111 ILE 111 106 106 ILE ILE X . n 
A 1 112 ASN 112 107 107 ASN ASN X . n 
A 1 113 MSE 113 108 108 MSE MSE X . n 
A 1 114 PHE 114 109 109 PHE PHE X . n 
A 1 115 LYS 115 110 110 LYS LYS X . n 
A 1 116 LEU 116 111 111 LEU LEU X . n 
A 1 117 TRP 117 112 112 TRP TRP X . n 
A 1 118 LEU 118 113 113 LEU LEU X . n 
A 1 119 ASN 119 114 114 ASN ASN X . n 
A 1 120 PRO 120 115 115 PRO PRO X . n 
A 1 121 ASN 121 116 116 ASN ASN X . n 
A 1 122 ASP 122 117 117 ASP ASP X . n 
A 1 123 THR 123 118 118 THR THR X . n 
A 1 124 GLY 124 119 119 GLY GLY X . n 
A 1 125 LEU 125 120 120 LEU LEU X . n 
A 1 126 PRO 126 121 121 PRO PRO X . n 
A 1 127 LEU 127 122 122 LEU LEU X . n 
A 1 128 PHE 128 123 123 PHE PHE X . n 
A 1 129 GLU 129 124 124 GLU GLU X . n 
A 1 130 GLY 130 125 125 GLY GLY X . n 
A 1 131 SER 131 126 126 SER SER X . n 
A 1 132 ALA 132 127 127 ALA ALA X . n 
A 1 133 LEU 133 128 128 LEU LEU X . n 
A 1 134 GLU 134 129 129 GLU GLU X . n 
A 1 135 LYS 135 130 130 LYS LYS X . n 
A 1 136 ILE 136 131 131 ILE ILE X . n 
A 1 137 GLU 137 132 132 GLU GLU X . n 
A 1 138 GLN 138 133 133 GLN GLN X . n 
A 1 139 PHE 139 134 134 PHE PHE X . n 
A 1 140 LEU 140 135 135 LEU LEU X . n 
A 1 141 ILE 141 136 136 ILE ILE X . n 
A 1 142 LYS 142 137 137 LYS LYS X . n 
A 1 143 ALA 143 138 138 ALA ALA X . n 
# 
loop_
_pdbx_nonpoly_scheme.asym_id 
_pdbx_nonpoly_scheme.entity_id 
_pdbx_nonpoly_scheme.mon_id 
_pdbx_nonpoly_scheme.ndb_seq_num 
_pdbx_nonpoly_scheme.pdb_seq_num 
_pdbx_nonpoly_scheme.auth_seq_num 
_pdbx_nonpoly_scheme.pdb_mon_id 
_pdbx_nonpoly_scheme.auth_mon_id 
_pdbx_nonpoly_scheme.pdb_strand_id 
_pdbx_nonpoly_scheme.pdb_ins_code 
B 2 CA  1  1139 1139 CA  CA  X . 
C 3 HOH 1  2001 2001 HOH HOH X . 
C 3 HOH 2  2002 2002 HOH HOH X . 
C 3 HOH 3  2003 2003 HOH HOH X . 
C 3 HOH 4  2004 2004 HOH HOH X . 
C 3 HOH 5  2005 2005 HOH HOH X . 
C 3 HOH 6  2006 2006 HOH HOH X . 
C 3 HOH 7  2007 2007 HOH HOH X . 
C 3 HOH 8  2008 2008 HOH HOH X . 
C 3 HOH 9  2009 2009 HOH HOH X . 
C 3 HOH 10 2010 2010 HOH HOH X . 
C 3 HOH 11 2011 2011 HOH HOH X . 
C 3 HOH 12 2012 2012 HOH HOH X . 
C 3 HOH 13 2013 2013 HOH HOH X . 
C 3 HOH 14 2014 2014 HOH HOH X . 
C 3 HOH 15 2015 2015 HOH HOH X . 
C 3 HOH 16 2016 2016 HOH HOH X . 
C 3 HOH 17 2017 2017 HOH HOH X . 
C 3 HOH 18 2018 2018 HOH HOH X . 
C 3 HOH 19 2019 2019 HOH HOH X . 
C 3 HOH 20 2020 2020 HOH HOH X . 
C 3 HOH 21 2021 2021 HOH HOH X . 
C 3 HOH 22 2022 2022 HOH HOH X . 
C 3 HOH 23 2023 2023 HOH HOH X . 
C 3 HOH 24 2024 2024 HOH HOH X . 
C 3 HOH 25 2025 2025 HOH HOH X . 
C 3 HOH 26 2026 2026 HOH HOH X . 
C 3 HOH 27 2027 2027 HOH HOH X . 
C 3 HOH 28 2028 2028 HOH HOH X . 
C 3 HOH 29 2029 2029 HOH HOH X . 
C 3 HOH 30 2030 2030 HOH HOH X . 
C 3 HOH 31 2031 2031 HOH HOH X . 
C 3 HOH 32 2032 2032 HOH HOH X . 
C 3 HOH 33 2033 2033 HOH HOH X . 
C 3 HOH 34 2034 2034 HOH HOH X . 
C 3 HOH 35 2035 2035 HOH HOH X . 
C 3 HOH 36 2036 2036 HOH HOH X . 
C 3 HOH 37 2037 2037 HOH HOH X . 
C 3 HOH 38 2038 2038 HOH HOH X . 
C 3 HOH 39 2039 2039 HOH HOH X . 
C 3 HOH 40 2040 2040 HOH HOH X . 
C 3 HOH 41 2041 2041 HOH HOH X . 
C 3 HOH 42 2042 2042 HOH HOH X . 
C 3 HOH 43 2043 2043 HOH HOH X . 
C 3 HOH 44 2044 2044 HOH HOH X . 
C 3 HOH 45 2045 2045 HOH HOH X . 
C 3 HOH 46 2046 2046 HOH HOH X . 
C 3 HOH 47 2047 2047 HOH HOH X . 
C 3 HOH 48 2048 2048 HOH HOH X . 
C 3 HOH 49 2049 2049 HOH HOH X . 
C 3 HOH 50 2050 2050 HOH HOH X . 
C 3 HOH 51 2051 2051 HOH HOH X . 
C 3 HOH 52 2052 2052 HOH HOH X . 
C 3 HOH 53 2053 2053 HOH HOH X . 
C 3 HOH 54 2054 2054 HOH HOH X . 
C 3 HOH 55 2055 2055 HOH HOH X . 
C 3 HOH 56 2056 2056 HOH HOH X . 
# 
loop_
_software.name 
_software.classification 
_software.version 
_software.citation_id 
_software.pdbx_ordinal 
REFMAC    refinement       5.0 ? 1 
DENZO     'data reduction' .   ? 2 
SCALEPACK 'data scaling'   .   ? 3 
SOLVE     phasing          .   ? 4 
# 
_cell.entry_id           2BF0 
_cell.length_a           75.494 
_cell.length_b           75.494 
_cell.length_c           56.135 
_cell.angle_alpha        90.00 
_cell.angle_beta         90.00 
_cell.angle_gamma        90.00 
_cell.Z_PDB              8 
_cell.pdbx_unique_axis   ? 
# 
_symmetry.entry_id                         2BF0 
_symmetry.space_group_name_H-M             'P 43 21 2' 
_symmetry.pdbx_full_space_group_name_H-M   ? 
_symmetry.cell_setting                     ? 
_symmetry.Int_Tables_number                96 
# 
_exptl.entry_id          2BF0 
_exptl.method            'X-RAY DIFFRACTION' 
_exptl.crystals_number   1 
# 
_exptl_crystal.id                    1 
_exptl_crystal.density_meas          ? 
_exptl_crystal.density_Matthews      2.40 
_exptl_crystal.density_percent_sol   44 
_exptl_crystal.description           ? 
# 
_exptl_crystal_grow.crystal_id      1 
_exptl_crystal_grow.method          ? 
_exptl_crystal_grow.temp            ? 
_exptl_crystal_grow.temp_details    ? 
_exptl_crystal_grow.pH              7.80 
_exptl_crystal_grow.pdbx_pH_range   ? 
_exptl_crystal_grow.pdbx_details    '25% PEG 4000, 0.1 M TRIS PH 7.0, 0.2 M (NH4)2SO4 AND 10 MM CACL2' 
# 
_diffrn.id                     1 
_diffrn.ambient_temp           100.0 
_diffrn.ambient_temp_details   ? 
_diffrn.crystal_id             1 
# 
_diffrn_detector.diffrn_id              1 
_diffrn_detector.detector               CCD 
_diffrn_detector.type                   'ADSC CCD' 
_diffrn_detector.pdbx_collection_date   2004-05-15 
_diffrn_detector.details                ? 
# 
_diffrn_radiation.diffrn_id                        1 
_diffrn_radiation.wavelength_id                    1 
_diffrn_radiation.pdbx_monochromatic_or_laue_m_l   M 
_diffrn_radiation.monochromator                    ? 
_diffrn_radiation.pdbx_diffrn_protocol             MAD 
_diffrn_radiation.pdbx_scattering_type             x-ray 
# 
loop_
_diffrn_radiation_wavelength.id 
_diffrn_radiation_wavelength.wavelength 
_diffrn_radiation_wavelength.wt 
1 0.976  1.0 
2 0.9792 1.0 
3 0.9795 1.0 
# 
_diffrn_source.diffrn_id                   1 
_diffrn_source.source                      SYNCHROTRON 
_diffrn_source.type                        'ESRF BEAMLINE ID29' 
_diffrn_source.pdbx_synchrotron_site       ESRF 
_diffrn_source.pdbx_synchrotron_beamline   ID29 
_diffrn_source.pdbx_wavelength             ? 
_diffrn_source.pdbx_wavelength_list        0.976,0.9792,0.9795 
# 
_reflns.pdbx_diffrn_id               1 
_reflns.pdbx_ordinal                 1 
_reflns.entry_id                     2BF0 
_reflns.observed_criterion_sigma_I   2.000 
_reflns.observed_criterion_sigma_F   ? 
_reflns.d_resolution_low             20.000 
_reflns.d_resolution_high            2.300 
_reflns.number_obs                   7191 
_reflns.number_all                   ? 
_reflns.percent_possible_obs         100.0 
_reflns.pdbx_Rmerge_I_obs            0.06000 
_reflns.pdbx_Rsym_value              ? 
_reflns.pdbx_netI_over_sigmaI        36.0000 
_reflns.B_iso_Wilson_estimate        ? 
_reflns.pdbx_redundancy              7.000 
# 
_refine.pdbx_refine_id                           'X-RAY DIFFRACTION' 
_refine.entry_id                                 2BF0 
_refine.pdbx_diffrn_id                           1 
_refine.pdbx_TLS_residual_ADP_flag               ? 
_refine.ls_number_reflns_obs                     7191 
_refine.ls_number_reflns_all                     ? 
_refine.pdbx_ls_sigma_I                          ? 
_refine.pdbx_ls_sigma_F                          ? 
_refine.pdbx_data_cutoff_high_absF               ? 
_refine.pdbx_data_cutoff_low_absF                ? 
_refine.pdbx_data_cutoff_high_rms_absF           ? 
_refine.ls_d_res_low                             15.00 
_refine.ls_d_res_high                            2.30 
_refine.ls_percent_reflns_obs                    99.5 
_refine.ls_R_factor_obs                          0.260 
_refine.ls_R_factor_all                          ? 
_refine.ls_R_factor_R_work                       0.258 
_refine.ls_R_factor_R_free                       0.282 
_refine.ls_R_factor_R_free_error                 ? 
_refine.ls_R_factor_R_free_error_details         ? 
_refine.ls_percent_reflns_R_free                 4.600 
_refine.ls_number_reflns_R_free                  350 
_refine.ls_number_parameters                     ? 
_refine.ls_number_restraints                     ? 
_refine.occupancy_min                            ? 
_refine.occupancy_max                            ? 
_refine.correlation_coeff_Fo_to_Fc               0.899 
_refine.correlation_coeff_Fo_to_Fc_free          0.875 
_refine.B_iso_mean                               30.88 
_refine.aniso_B[1][1]                            -1.52000 
_refine.aniso_B[2][2]                            -1.52000 
_refine.aniso_B[3][3]                            3.04000 
_refine.aniso_B[1][2]                            0.00000 
_refine.aniso_B[1][3]                            0.00000 
_refine.aniso_B[2][3]                            0.00000 
_refine.solvent_model_details                    'BABINET MODEL WITH MASK' 
_refine.solvent_model_param_ksol                 ? 
_refine.solvent_model_param_bsol                 ? 
_refine.pdbx_solvent_vdw_probe_radii             1.40 
_refine.pdbx_solvent_ion_probe_radii             0.80 
_refine.pdbx_solvent_shrinkage_radii             0.80 
_refine.pdbx_ls_cross_valid_method               THROUGHOUT 
_refine.details                                  'HYDROGENS HAVE BEEN ADDED IN THE RIDING POSITIONS.' 
_refine.pdbx_starting_model                      ? 
_refine.pdbx_method_to_determine_struct          MAD 
_refine.pdbx_isotropic_thermal_model             ? 
_refine.pdbx_stereochemistry_target_values       'MAXIMUM LIKELIHOOD' 
_refine.pdbx_stereochem_target_val_spec_case     ? 
_refine.pdbx_R_Free_selection_details            RANDOM 
_refine.pdbx_overall_ESU_R                       0.394 
_refine.pdbx_overall_ESU_R_Free                  0.262 
_refine.overall_SU_ML                            ? 
_refine.pdbx_overall_phase_error                 ? 
_refine.overall_SU_B                             ? 
_refine.overall_SU_R_Cruickshank_DPI             ? 
_refine.pdbx_overall_SU_R_free_Cruickshank_DPI   ? 
_refine.pdbx_overall_SU_R_Blow_DPI               ? 
_refine.pdbx_overall_SU_R_free_Blow_DPI          ? 
# 
_refine_hist.pdbx_refine_id                   'X-RAY DIFFRACTION' 
_refine_hist.cycle_id                         LAST 
_refine_hist.pdbx_number_atoms_protein        1074 
_refine_hist.pdbx_number_atoms_nucleic_acid   0 
_refine_hist.pdbx_number_atoms_ligand         1 
_refine_hist.number_atoms_solvent             56 
_refine_hist.number_atoms_total               1131 
_refine_hist.d_res_high                       2.30 
_refine_hist.d_res_low                        15.00 
# 
loop_
_refine_ls_restr.type 
_refine_ls_restr.dev_ideal 
_refine_ls_restr.dev_ideal_target 
_refine_ls_restr.weight 
_refine_ls_restr.number 
_refine_ls_restr.pdbx_refine_id 
_refine_ls_restr.pdbx_restraint_function 
r_bond_refined_d             0.010  0.022  ? 1098 'X-RAY DIFFRACTION' ? 
r_bond_other_d               ?      ?      ? ?    'X-RAY DIFFRACTION' ? 
r_angle_refined_deg          1.845  1.972  ? 1482 'X-RAY DIFFRACTION' ? 
r_angle_other_deg            ?      ?      ? ?    'X-RAY DIFFRACTION' ? 
r_dihedral_angle_1_deg       3.800  3.000  ? 130  'X-RAY DIFFRACTION' ? 
r_dihedral_angle_2_deg       ?      ?      ? ?    'X-RAY DIFFRACTION' ? 
r_dihedral_angle_3_deg       15.958 15.000 ? 212  'X-RAY DIFFRACTION' ? 
r_dihedral_angle_4_deg       ?      ?      ? ?    'X-RAY DIFFRACTION' ? 
r_chiral_restr               0.094  0.200  ? 171  'X-RAY DIFFRACTION' ? 
r_gen_planes_refined         0.005  0.020  ? 806  'X-RAY DIFFRACTION' ? 
r_gen_planes_other           ?      ?      ? ?    'X-RAY DIFFRACTION' ? 
r_nbd_refined                0.283  0.300  ? 576  'X-RAY DIFFRACTION' ? 
r_nbd_other                  ?      ?      ? ?    'X-RAY DIFFRACTION' ? 
r_nbtor_refined              ?      ?      ? ?    'X-RAY DIFFRACTION' ? 
r_nbtor_other                ?      ?      ? ?    'X-RAY DIFFRACTION' ? 
r_xyhbond_nbd_refined        0.201  0.500  ? 73   'X-RAY DIFFRACTION' ? 
r_xyhbond_nbd_other          ?      ?      ? ?    'X-RAY DIFFRACTION' ? 
r_metal_ion_refined          ?      ?      ? ?    'X-RAY DIFFRACTION' ? 
r_metal_ion_other            ?      ?      ? ?    'X-RAY DIFFRACTION' ? 
r_symmetry_vdw_refined       0.375  0.300  ? 16   'X-RAY DIFFRACTION' ? 
r_symmetry_vdw_other         ?      ?      ? ?    'X-RAY DIFFRACTION' ? 
r_symmetry_hbond_refined     0.907  0.500  ? 4    'X-RAY DIFFRACTION' ? 
r_symmetry_hbond_other       ?      ?      ? ?    'X-RAY DIFFRACTION' ? 
r_symmetry_metal_ion_refined ?      ?      ? ?    'X-RAY DIFFRACTION' ? 
r_symmetry_metal_ion_other   ?      ?      ? ?    'X-RAY DIFFRACTION' ? 
r_mcbond_it                  0.801  1.500  ? 659  'X-RAY DIFFRACTION' ? 
r_mcbond_other               ?      ?      ? ?    'X-RAY DIFFRACTION' ? 
r_mcangle_it                 1.507  2.000  ? 1071 'X-RAY DIFFRACTION' ? 
r_mcangle_other              ?      ?      ? ?    'X-RAY DIFFRACTION' ? 
r_scbond_it                  2.243  3.000  ? 439  'X-RAY DIFFRACTION' ? 
r_scbond_other               ?      ?      ? ?    'X-RAY DIFFRACTION' ? 
r_scangle_it                 3.818  4.500  ? 411  'X-RAY DIFFRACTION' ? 
r_scangle_other              ?      ?      ? ?    'X-RAY DIFFRACTION' ? 
r_long_range_B_refined       ?      ?      ? ?    'X-RAY DIFFRACTION' ? 
r_long_range_B_other         ?      ?      ? ?    'X-RAY DIFFRACTION' ? 
r_rigid_bond_restr           ?      ?      ? ?    'X-RAY DIFFRACTION' ? 
r_sphericity_free            ?      ?      ? ?    'X-RAY DIFFRACTION' ? 
r_sphericity_bonded          ?      ?      ? ?    'X-RAY DIFFRACTION' ? 
# 
_refine_ls_shell.pdbx_refine_id                   'X-RAY DIFFRACTION' 
_refine_ls_shell.pdbx_total_number_of_bins_used   20 
_refine_ls_shell.d_res_high                       2.30 
_refine_ls_shell.d_res_low                        2.36 
_refine_ls_shell.number_reflns_R_work             525 
_refine_ls_shell.R_factor_R_work                  0.2440 
_refine_ls_shell.percent_reflns_obs               ? 
_refine_ls_shell.R_factor_R_free                  0.4810 
_refine_ls_shell.R_factor_R_free_error            ? 
_refine_ls_shell.percent_reflns_R_free            ? 
_refine_ls_shell.number_reflns_R_free             21 
_refine_ls_shell.number_reflns_all                ? 
_refine_ls_shell.R_factor_all                     ? 
# 
_struct.entry_id                  2BF0 
_struct.title                     'crystal structure of the rpr of pcf11' 
_struct.pdbx_model_details        ? 
_struct.pdbx_CASP_flag            ? 
_struct.pdbx_model_type_details   ? 
# 
_struct_keywords.entry_id        2BF0 
_struct_keywords.pdbx_keywords   TRANSCRIPTION 
_struct_keywords.text            'TRANSCRIPTION, RNA, PHOSPHORYLATION' 
# 
loop_
_struct_asym.id 
_struct_asym.pdbx_blank_PDB_chainid_flag 
_struct_asym.pdbx_modified 
_struct_asym.entity_id 
_struct_asym.details 
A N N 1 ? 
B N N 2 ? 
C N N 3 ? 
# 
loop_
_struct_ref.id 
_struct_ref.db_name 
_struct_ref.db_code 
_struct_ref.entity_id 
_struct_ref.pdbx_seq_one_letter_code 
_struct_ref.pdbx_align_begin 
_struct_ref.pdbx_db_accession 
_struct_ref.pdbx_db_isoform 
1 PDB 2BF0       1 ? ? 2BF0   ? 
2 UNP PC11_YEAST 1 ? ? P39081 ? 
# 
loop_
_struct_ref_seq.align_id 
_struct_ref_seq.ref_id 
_struct_ref_seq.pdbx_PDB_id_code 
_struct_ref_seq.pdbx_strand_id 
_struct_ref_seq.seq_align_beg 
_struct_ref_seq.pdbx_seq_align_beg_ins_code 
_struct_ref_seq.seq_align_end 
_struct_ref_seq.pdbx_seq_align_end_ins_code 
_struct_ref_seq.pdbx_db_accession 
_struct_ref_seq.db_align_beg 
_struct_ref_seq.pdbx_db_align_beg_ins_code 
_struct_ref_seq.db_align_end 
_struct_ref_seq.pdbx_db_align_end_ins_code 
_struct_ref_seq.pdbx_auth_seq_align_beg 
_struct_ref_seq.pdbx_auth_seq_align_end 
1 1 2BF0 X 1 ? 5   ? 2BF0   -4 ? 0   ? -4 0   
2 2 2BF0 X 6 ? 143 ? P39081 1  ? 138 ? 1  138 
# 
_pdbx_struct_assembly.id                   1 
_pdbx_struct_assembly.details              author_and_software_defined_assembly 
_pdbx_struct_assembly.method_details       PQS 
_pdbx_struct_assembly.oligomeric_details   monomeric 
_pdbx_struct_assembly.oligomeric_count     1 
# 
_pdbx_struct_assembly_gen.assembly_id       1 
_pdbx_struct_assembly_gen.oper_expression   1 
_pdbx_struct_assembly_gen.asym_id_list      A,B,C 
# 
_pdbx_struct_oper_list.id                   1 
_pdbx_struct_oper_list.type                 'identity operation' 
_pdbx_struct_oper_list.name                 1_555 
_pdbx_struct_oper_list.symmetry_operation   x,y,z 
_pdbx_struct_oper_list.matrix[1][1]         1.0000000000 
_pdbx_struct_oper_list.matrix[1][2]         0.0000000000 
_pdbx_struct_oper_list.matrix[1][3]         0.0000000000 
_pdbx_struct_oper_list.vector[1]            0.0000000000 
_pdbx_struct_oper_list.matrix[2][1]         0.0000000000 
_pdbx_struct_oper_list.matrix[2][2]         1.0000000000 
_pdbx_struct_oper_list.matrix[2][3]         0.0000000000 
_pdbx_struct_oper_list.vector[2]            0.0000000000 
_pdbx_struct_oper_list.matrix[3][1]         0.0000000000 
_pdbx_struct_oper_list.matrix[3][2]         0.0000000000 
_pdbx_struct_oper_list.matrix[3][3]         1.0000000000 
_pdbx_struct_oper_list.vector[3]            0.0000000000 
# 
_struct_biol.id   1 
# 
loop_
_struct_conf.conf_type_id 
_struct_conf.id 
_struct_conf.pdbx_PDB_helix_id 
_struct_conf.beg_label_comp_id 
_struct_conf.beg_label_asym_id 
_struct_conf.beg_label_seq_id 
_struct_conf.pdbx_beg_PDB_ins_code 
_struct_conf.end_label_comp_id 
_struct_conf.end_label_asym_id 
_struct_conf.end_label_seq_id 
_struct_conf.pdbx_end_PDB_ins_code 
_struct_conf.beg_auth_comp_id 
_struct_conf.beg_auth_asym_id 
_struct_conf.beg_auth_seq_id 
_struct_conf.end_auth_comp_id 
_struct_conf.end_auth_asym_id 
_struct_conf.end_auth_seq_id 
_struct_conf.pdbx_PDB_helix_class 
_struct_conf.details 
_struct_conf.pdbx_PDB_helix_length 
HELX_P HELX_P1 1 ILE A 13  ? GLU A 23  ? ILE X 8   GLU X 18  1 ? 11 
HELX_P HELX_P2 2 SER A 28  ? ASN A 42  ? SER X 23  ASN X 37  1 ? 15 
HELX_P HELX_P3 3 ILE A 43  ? ALA A 46  ? ILE X 38  ALA X 41  5 ? 4  
HELX_P HELX_P4 4 GLN A 47  ? CYS A 60  ? GLN X 42  CYS X 55  1 ? 14 
HELX_P HELX_P5 5 GLN A 64  ? VAL A 79  ? GLN X 59  VAL X 74  1 ? 16 
HELX_P HELX_P6 6 PRO A 82  ? VAL A 102 ? PRO X 77  VAL X 97  1 ? 21 
HELX_P HELX_P7 7 ASP A 103 ? ASN A 119 ? ASP X 98  ASN X 114 1 ? 17 
HELX_P HELX_P8 8 SER A 131 ? ALA A 143 ? SER X 126 ALA X 138 1 ? 13 
# 
_struct_conf_type.id          HELX_P 
_struct_conf_type.criteria    ? 
_struct_conf_type.reference   ? 
# 
loop_
_struct_conn.id 
_struct_conn.conn_type_id 
_struct_conn.pdbx_leaving_atom_flag 
_struct_conn.pdbx_PDB_id 
_struct_conn.ptnr1_label_asym_id 
_struct_conn.ptnr1_label_comp_id 
_struct_conn.ptnr1_label_seq_id 
_struct_conn.ptnr1_label_atom_id 
_struct_conn.pdbx_ptnr1_label_alt_id 
_struct_conn.pdbx_ptnr1_PDB_ins_code 
_struct_conn.pdbx_ptnr1_standard_comp_id 
_struct_conn.ptnr1_symmetry 
_struct_conn.ptnr2_label_asym_id 
_struct_conn.ptnr2_label_comp_id 
_struct_conn.ptnr2_label_seq_id 
_struct_conn.ptnr2_label_atom_id 
_struct_conn.pdbx_ptnr2_label_alt_id 
_struct_conn.pdbx_ptnr2_PDB_ins_code 
_struct_conn.ptnr1_auth_asym_id 
_struct_conn.ptnr1_auth_comp_id 
_struct_conn.ptnr1_auth_seq_id 
_struct_conn.ptnr2_auth_asym_id 
_struct_conn.ptnr2_auth_comp_id 
_struct_conn.ptnr2_auth_seq_id 
_struct_conn.ptnr2_symmetry 
_struct_conn.pdbx_ptnr3_label_atom_id 
_struct_conn.pdbx_ptnr3_label_seq_id 
_struct_conn.pdbx_ptnr3_label_comp_id 
_struct_conn.pdbx_ptnr3_label_asym_id 
_struct_conn.pdbx_ptnr3_label_alt_id 
_struct_conn.pdbx_ptnr3_PDB_ins_code 
_struct_conn.details 
_struct_conn.pdbx_dist_value 
_struct_conn.pdbx_value_order 
_struct_conn.pdbx_role 
covale1 covale both ? A CYS 60  C ? ? ? 1_555 A MSE 61  N  ? ? X CYS 55  X MSE 56   1_555 ? ? ? ? ? ? ? 1.331 ? ? 
covale2 covale both ? A MSE 61  C ? ? ? 1_555 A PRO 62  N  ? ? X MSE 56  X PRO 57   1_555 ? ? ? ? ? ? ? 1.330 ? ? 
covale3 covale both ? A ASN 112 C ? ? ? 1_555 A MSE 113 N  ? ? X ASN 107 X MSE 108  1_555 ? ? ? ? ? ? ? 1.334 ? ? 
covale4 covale both ? A MSE 113 C ? ? ? 1_555 A PHE 114 N  ? ? X MSE 108 X PHE 109  1_555 ? ? ? ? ? ? ? 1.334 ? ? 
metalc1 metalc ?    ? A LEU 140 O ? ? ? 1_555 B CA  .   CA ? ? X LEU 135 X CA  1139 1_555 ? ? ? ? ? ? ? 2.228 ? ? 
metalc2 metalc ?    ? A LEU 140 O ? ? ? 7_465 B CA  .   CA ? ? X LEU 135 X CA  1139 1_555 ? ? ? ? ? ? ? 2.486 ? ? 
metalc3 metalc ?    ? A ALA 143 O ? ? ? 1_555 B CA  .   CA ? ? X ALA 138 X CA  1139 1_555 ? ? ? ? ? ? ? 2.224 ? ? 
metalc4 metalc ?    ? A ALA 143 O ? ? ? 7_465 B CA  .   CA ? ? X ALA 138 X CA  1139 1_555 ? ? ? ? ? ? ? 2.515 ? ? 
# 
loop_
_struct_conn_type.id 
_struct_conn_type.criteria 
_struct_conn_type.reference 
covale ? ? 
metalc ? ? 
# 
loop_
_pdbx_struct_conn_angle.id 
_pdbx_struct_conn_angle.ptnr1_label_atom_id 
_pdbx_struct_conn_angle.ptnr1_label_alt_id 
_pdbx_struct_conn_angle.ptnr1_label_asym_id 
_pdbx_struct_conn_angle.ptnr1_label_comp_id 
_pdbx_struct_conn_angle.ptnr1_label_seq_id 
_pdbx_struct_conn_angle.ptnr1_auth_atom_id 
_pdbx_struct_conn_angle.ptnr1_auth_asym_id 
_pdbx_struct_conn_angle.ptnr1_auth_comp_id 
_pdbx_struct_conn_angle.ptnr1_auth_seq_id 
_pdbx_struct_conn_angle.ptnr1_PDB_ins_code 
_pdbx_struct_conn_angle.ptnr1_symmetry 
_pdbx_struct_conn_angle.ptnr2_label_atom_id 
_pdbx_struct_conn_angle.ptnr2_label_alt_id 
_pdbx_struct_conn_angle.ptnr2_label_asym_id 
_pdbx_struct_conn_angle.ptnr2_label_comp_id 
_pdbx_struct_conn_angle.ptnr2_label_seq_id 
_pdbx_struct_conn_angle.ptnr2_auth_atom_id 
_pdbx_struct_conn_angle.ptnr2_auth_asym_id 
_pdbx_struct_conn_angle.ptnr2_auth_comp_id 
_pdbx_struct_conn_angle.ptnr2_auth_seq_id 
_pdbx_struct_conn_angle.ptnr2_PDB_ins_code 
_pdbx_struct_conn_angle.ptnr2_symmetry 
_pdbx_struct_conn_angle.ptnr3_label_atom_id 
_pdbx_struct_conn_angle.ptnr3_label_alt_id 
_pdbx_struct_conn_angle.ptnr3_label_asym_id 
_pdbx_struct_conn_angle.ptnr3_label_comp_id 
_pdbx_struct_conn_angle.ptnr3_label_seq_id 
_pdbx_struct_conn_angle.ptnr3_auth_atom_id 
_pdbx_struct_conn_angle.ptnr3_auth_asym_id 
_pdbx_struct_conn_angle.ptnr3_auth_comp_id 
_pdbx_struct_conn_angle.ptnr3_auth_seq_id 
_pdbx_struct_conn_angle.ptnr3_PDB_ins_code 
_pdbx_struct_conn_angle.ptnr3_symmetry 
_pdbx_struct_conn_angle.value 
_pdbx_struct_conn_angle.value_esd 
1 O ? A LEU 140 ? X LEU 135 ? 1_555 CA ? B CA . ? X CA 1139 ? 1_555 O ? A LEU 140 ? X LEU 135 ? 7_465 85.9  ? 
2 O ? A LEU 140 ? X LEU 135 ? 1_555 CA ? B CA . ? X CA 1139 ? 1_555 O ? A ALA 143 ? X ALA 138 ? 1_555 91.4  ? 
3 O ? A LEU 140 ? X LEU 135 ? 7_465 CA ? B CA . ? X CA 1139 ? 1_555 O ? A ALA 143 ? X ALA 138 ? 1_555 164.4 ? 
4 O ? A LEU 140 ? X LEU 135 ? 1_555 CA ? B CA . ? X CA 1139 ? 1_555 O ? A ALA 143 ? X ALA 138 ? 7_465 159.4 ? 
5 O ? A LEU 140 ? X LEU 135 ? 7_465 CA ? B CA . ? X CA 1139 ? 1_555 O ? A ALA 143 ? X ALA 138 ? 7_465 79.1  ? 
6 O ? A ALA 143 ? X ALA 138 ? 1_555 CA ? B CA . ? X CA 1139 ? 1_555 O ? A ALA 143 ? X ALA 138 ? 7_465 99.3  ? 
# 
loop_
_pdbx_modification_feature.ordinal 
_pdbx_modification_feature.label_comp_id 
_pdbx_modification_feature.label_asym_id 
_pdbx_modification_feature.label_seq_id 
_pdbx_modification_feature.label_alt_id 
_pdbx_modification_feature.modified_residue_label_comp_id 
_pdbx_modification_feature.modified_residue_label_asym_id 
_pdbx_modification_feature.modified_residue_label_seq_id 
_pdbx_modification_feature.modified_residue_label_alt_id 
_pdbx_modification_feature.auth_comp_id 
_pdbx_modification_feature.auth_asym_id 
_pdbx_modification_feature.auth_seq_id 
_pdbx_modification_feature.PDB_ins_code 
_pdbx_modification_feature.symmetry 
_pdbx_modification_feature.modified_residue_auth_comp_id 
_pdbx_modification_feature.modified_residue_auth_asym_id 
_pdbx_modification_feature.modified_residue_auth_seq_id 
_pdbx_modification_feature.modified_residue_PDB_ins_code 
_pdbx_modification_feature.modified_residue_symmetry 
_pdbx_modification_feature.comp_id_linking_atom 
_pdbx_modification_feature.modified_residue_id_linking_atom 
_pdbx_modification_feature.modified_residue_id 
_pdbx_modification_feature.ref_pcm_id 
_pdbx_modification_feature.ref_comp_id 
_pdbx_modification_feature.type 
_pdbx_modification_feature.category 
1 MSE A 61  ? . . . . MSE X 56  ? 1_555 . . . . . . . MET 1 MSE Selenomethionine 'Named protein modification' 
2 MSE A 113 ? . . . . MSE X 108 ? 1_555 . . . . . . . MET 1 MSE Selenomethionine 'Named protein modification' 
# 
_struct_mon_prot_cis.pdbx_id                1 
_struct_mon_prot_cis.label_comp_id          SER 
_struct_mon_prot_cis.label_seq_id           81 
_struct_mon_prot_cis.label_asym_id          A 
_struct_mon_prot_cis.label_alt_id           . 
_struct_mon_prot_cis.pdbx_PDB_ins_code      ? 
_struct_mon_prot_cis.auth_comp_id           SER 
_struct_mon_prot_cis.auth_seq_id            76 
_struct_mon_prot_cis.auth_asym_id           X 
_struct_mon_prot_cis.pdbx_label_comp_id_2   PRO 
_struct_mon_prot_cis.pdbx_label_seq_id_2    82 
_struct_mon_prot_cis.pdbx_label_asym_id_2   A 
_struct_mon_prot_cis.pdbx_PDB_ins_code_2    ? 
_struct_mon_prot_cis.pdbx_auth_comp_id_2    PRO 
_struct_mon_prot_cis.pdbx_auth_seq_id_2     77 
_struct_mon_prot_cis.pdbx_auth_asym_id_2    X 
_struct_mon_prot_cis.pdbx_PDB_model_num     1 
_struct_mon_prot_cis.pdbx_omega_angle       4.68 
# 
_struct_site.id                   AC1 
_struct_site.pdbx_evidence_code   Software 
_struct_site.pdbx_auth_asym_id    ? 
_struct_site.pdbx_auth_comp_id    ? 
_struct_site.pdbx_auth_seq_id     ? 
_struct_site.pdbx_auth_ins_code   ? 
_struct_site.pdbx_num_residues    2 
_struct_site.details              'BINDING SITE FOR RESIDUE CA X1139' 
# 
loop_
_struct_site_gen.id 
_struct_site_gen.site_id 
_struct_site_gen.pdbx_num_res 
_struct_site_gen.label_comp_id 
_struct_site_gen.label_asym_id 
_struct_site_gen.label_seq_id 
_struct_site_gen.pdbx_auth_ins_code 
_struct_site_gen.auth_comp_id 
_struct_site_gen.auth_asym_id 
_struct_site_gen.auth_seq_id 
_struct_site_gen.label_atom_id 
_struct_site_gen.label_alt_id 
_struct_site_gen.symmetry 
_struct_site_gen.details 
1 AC1 2 LEU A 140 ? LEU X 135 . ? 1_555 ? 
2 AC1 2 ALA A 143 ? ALA X 138 . ? 1_555 ? 
# 
_pdbx_entry_details.entry_id                   2BF0 
_pdbx_entry_details.compound_details           ? 
_pdbx_entry_details.source_details             ? 
_pdbx_entry_details.nonpolymer_details         ? 
_pdbx_entry_details.sequence_details           ? 
_pdbx_entry_details.has_ligand_of_interest     ? 
_pdbx_entry_details.has_protein_modification   Y 
# 
loop_
_pdbx_validate_close_contact.id 
_pdbx_validate_close_contact.PDB_model_num 
_pdbx_validate_close_contact.auth_atom_id_1 
_pdbx_validate_close_contact.auth_asym_id_1 
_pdbx_validate_close_contact.auth_comp_id_1 
_pdbx_validate_close_contact.auth_seq_id_1 
_pdbx_validate_close_contact.PDB_ins_code_1 
_pdbx_validate_close_contact.label_alt_id_1 
_pdbx_validate_close_contact.auth_atom_id_2 
_pdbx_validate_close_contact.auth_asym_id_2 
_pdbx_validate_close_contact.auth_comp_id_2 
_pdbx_validate_close_contact.auth_seq_id_2 
_pdbx_validate_close_contact.PDB_ins_code_2 
_pdbx_validate_close_contact.label_alt_id_2 
_pdbx_validate_close_contact.dist 
1 1 O X ASN 116 ? ? CB X ASP 117 ? ? 1.64 
2 1 O X ASN 114 ? ? N  X ASN 116 ? ? 2.02 
# 
_pdbx_validate_symm_contact.id                1 
_pdbx_validate_symm_contact.PDB_model_num     1 
_pdbx_validate_symm_contact.auth_atom_id_1    O 
_pdbx_validate_symm_contact.auth_asym_id_1    X 
_pdbx_validate_symm_contact.auth_comp_id_1    HOH 
_pdbx_validate_symm_contact.auth_seq_id_1     2046 
_pdbx_validate_symm_contact.PDB_ins_code_1    ? 
_pdbx_validate_symm_contact.label_alt_id_1    ? 
_pdbx_validate_symm_contact.site_symmetry_1   1_555 
_pdbx_validate_symm_contact.auth_atom_id_2    O 
_pdbx_validate_symm_contact.auth_asym_id_2    X 
_pdbx_validate_symm_contact.auth_comp_id_2    HOH 
_pdbx_validate_symm_contact.auth_seq_id_2     2046 
_pdbx_validate_symm_contact.PDB_ins_code_2    ? 
_pdbx_validate_symm_contact.label_alt_id_2    ? 
_pdbx_validate_symm_contact.site_symmetry_2   8_665 
_pdbx_validate_symm_contact.dist              0.98 
# 
loop_
_pdbx_validate_rmsd_angle.id 
_pdbx_validate_rmsd_angle.PDB_model_num 
_pdbx_validate_rmsd_angle.auth_atom_id_1 
_pdbx_validate_rmsd_angle.auth_asym_id_1 
_pdbx_validate_rmsd_angle.auth_comp_id_1 
_pdbx_validate_rmsd_angle.auth_seq_id_1 
_pdbx_validate_rmsd_angle.PDB_ins_code_1 
_pdbx_validate_rmsd_angle.label_alt_id_1 
_pdbx_validate_rmsd_angle.auth_atom_id_2 
_pdbx_validate_rmsd_angle.auth_asym_id_2 
_pdbx_validate_rmsd_angle.auth_comp_id_2 
_pdbx_validate_rmsd_angle.auth_seq_id_2 
_pdbx_validate_rmsd_angle.PDB_ins_code_2 
_pdbx_validate_rmsd_angle.label_alt_id_2 
_pdbx_validate_rmsd_angle.auth_atom_id_3 
_pdbx_validate_rmsd_angle.auth_asym_id_3 
_pdbx_validate_rmsd_angle.auth_comp_id_3 
_pdbx_validate_rmsd_angle.auth_seq_id_3 
_pdbx_validate_rmsd_angle.PDB_ins_code_3 
_pdbx_validate_rmsd_angle.label_alt_id_3 
_pdbx_validate_rmsd_angle.angle_value 
_pdbx_validate_rmsd_angle.angle_target_value 
_pdbx_validate_rmsd_angle.angle_deviation 
_pdbx_validate_rmsd_angle.angle_standard_deviation 
_pdbx_validate_rmsd_angle.linker_flag 
1 1 CB X ASP 11  ? ? CG X ASP 11  ? ? OD2 X ASP 11  ? ? 123.99 118.30 5.69   0.90 N 
2 1 N  X ASN 116 ? ? CA X ASN 116 ? ? C   X ASN 116 ? ? 88.72  111.00 -22.28 2.70 N 
3 1 C  X ASN 116 ? ? N  X ASP 117 ? ? CA  X ASP 117 ? ? 104.45 121.70 -17.25 2.50 Y 
4 1 N  X ASP 117 ? ? CA X ASP 117 ? ? C   X ASP 117 ? ? 136.09 111.00 25.09  2.70 N 
# 
loop_
_pdbx_validate_torsion.id 
_pdbx_validate_torsion.PDB_model_num 
_pdbx_validate_torsion.auth_comp_id 
_pdbx_validate_torsion.auth_asym_id 
_pdbx_validate_torsion.auth_seq_id 
_pdbx_validate_torsion.PDB_ins_code 
_pdbx_validate_torsion.label_alt_id 
_pdbx_validate_torsion.phi 
_pdbx_validate_torsion.psi 
1 1 GLN X 42  ? ? 113.56  -46.26  
2 1 PRO X 115 ? ? -56.91  29.43   
3 1 ASN X 116 ? ? 36.33   -126.31 
4 1 ASP X 117 ? ? 149.47  -168.34 
5 1 LEU X 120 ? ? -175.03 138.89  
6 1 PRO X 121 ? ? -31.87  110.70  
# 
loop_
_pdbx_struct_mod_residue.id 
_pdbx_struct_mod_residue.label_asym_id 
_pdbx_struct_mod_residue.label_comp_id 
_pdbx_struct_mod_residue.label_seq_id 
_pdbx_struct_mod_residue.auth_asym_id 
_pdbx_struct_mod_residue.auth_comp_id 
_pdbx_struct_mod_residue.auth_seq_id 
_pdbx_struct_mod_residue.PDB_ins_code 
_pdbx_struct_mod_residue.parent_comp_id 
_pdbx_struct_mod_residue.details 
1 A MSE 61  X MSE 56  ? MET SELENOMETHIONINE 
2 A MSE 113 X MSE 108 ? MET SELENOMETHIONINE 
# 
loop_
_pdbx_unobs_or_zero_occ_residues.id 
_pdbx_unobs_or_zero_occ_residues.PDB_model_num 
_pdbx_unobs_or_zero_occ_residues.polymer_flag 
_pdbx_unobs_or_zero_occ_residues.occupancy_flag 
_pdbx_unobs_or_zero_occ_residues.auth_asym_id 
_pdbx_unobs_or_zero_occ_residues.auth_comp_id 
_pdbx_unobs_or_zero_occ_residues.auth_seq_id 
_pdbx_unobs_or_zero_occ_residues.PDB_ins_code 
_pdbx_unobs_or_zero_occ_residues.label_asym_id 
_pdbx_unobs_or_zero_occ_residues.label_comp_id 
_pdbx_unobs_or_zero_occ_residues.label_seq_id 
1  1 Y 1 X GLY -4 ? A GLY 1  
2  1 Y 1 X PRO -3 ? A PRO 2  
3  1 Y 1 X LEU -2 ? A LEU 3  
4  1 Y 1 X GLY -1 ? A GLY 4  
5  1 Y 1 X SER 0  ? A SER 5  
6  1 Y 1 X MSE 1  ? A MSE 6  
7  1 Y 1 X ASP 2  ? A ASP 7  
8  1 Y 1 X HIS 3  ? A HIS 8  
9  1 Y 1 X ASP 4  ? A ASP 9  
10 1 Y 1 X THR 5  ? A THR 10 
11 1 Y 1 X GLU 6  ? A GLU 11 
12 1 Y 1 X VAL 7  ? A VAL 12 
# 
loop_
_chem_comp_atom.comp_id 
_chem_comp_atom.atom_id 
_chem_comp_atom.type_symbol 
_chem_comp_atom.pdbx_aromatic_flag 
_chem_comp_atom.pdbx_stereo_config 
_chem_comp_atom.pdbx_ordinal 
ALA N    N  N N 1   
ALA CA   C  N S 2   
ALA C    C  N N 3   
ALA O    O  N N 4   
ALA CB   C  N N 5   
ALA OXT  O  N N 6   
ALA H    H  N N 7   
ALA H2   H  N N 8   
ALA HA   H  N N 9   
ALA HB1  H  N N 10  
ALA HB2  H  N N 11  
ALA HB3  H  N N 12  
ALA HXT  H  N N 13  
ARG N    N  N N 14  
ARG CA   C  N S 15  
ARG C    C  N N 16  
ARG O    O  N N 17  
ARG CB   C  N N 18  
ARG CG   C  N N 19  
ARG CD   C  N N 20  
ARG NE   N  N N 21  
ARG CZ   C  N N 22  
ARG NH1  N  N N 23  
ARG NH2  N  N N 24  
ARG OXT  O  N N 25  
ARG H    H  N N 26  
ARG H2   H  N N 27  
ARG HA   H  N N 28  
ARG HB2  H  N N 29  
ARG HB3  H  N N 30  
ARG HG2  H  N N 31  
ARG HG3  H  N N 32  
ARG HD2  H  N N 33  
ARG HD3  H  N N 34  
ARG HE   H  N N 35  
ARG HH11 H  N N 36  
ARG HH12 H  N N 37  
ARG HH21 H  N N 38  
ARG HH22 H  N N 39  
ARG HXT  H  N N 40  
ASN N    N  N N 41  
ASN CA   C  N S 42  
ASN C    C  N N 43  
ASN O    O  N N 44  
ASN CB   C  N N 45  
ASN CG   C  N N 46  
ASN OD1  O  N N 47  
ASN ND2  N  N N 48  
ASN OXT  O  N N 49  
ASN H    H  N N 50  
ASN H2   H  N N 51  
ASN HA   H  N N 52  
ASN HB2  H  N N 53  
ASN HB3  H  N N 54  
ASN HD21 H  N N 55  
ASN HD22 H  N N 56  
ASN HXT  H  N N 57  
ASP N    N  N N 58  
ASP CA   C  N S 59  
ASP C    C  N N 60  
ASP O    O  N N 61  
ASP CB   C  N N 62  
ASP CG   C  N N 63  
ASP OD1  O  N N 64  
ASP OD2  O  N N 65  
ASP OXT  O  N N 66  
ASP H    H  N N 67  
ASP H2   H  N N 68  
ASP HA   H  N N 69  
ASP HB2  H  N N 70  
ASP HB3  H  N N 71  
ASP HD2  H  N N 72  
ASP HXT  H  N N 73  
CA  CA   CA N N 74  
CYS N    N  N N 75  
CYS CA   C  N R 76  
CYS C    C  N N 77  
CYS O    O  N N 78  
CYS CB   C  N N 79  
CYS SG   S  N N 80  
CYS OXT  O  N N 81  
CYS H    H  N N 82  
CYS H2   H  N N 83  
CYS HA   H  N N 84  
CYS HB2  H  N N 85  
CYS HB3  H  N N 86  
CYS HG   H  N N 87  
CYS HXT  H  N N 88  
GLN N    N  N N 89  
GLN CA   C  N S 90  
GLN C    C  N N 91  
GLN O    O  N N 92  
GLN CB   C  N N 93  
GLN CG   C  N N 94  
GLN CD   C  N N 95  
GLN OE1  O  N N 96  
GLN NE2  N  N N 97  
GLN OXT  O  N N 98  
GLN H    H  N N 99  
GLN H2   H  N N 100 
GLN HA   H  N N 101 
GLN HB2  H  N N 102 
GLN HB3  H  N N 103 
GLN HG2  H  N N 104 
GLN HG3  H  N N 105 
GLN HE21 H  N N 106 
GLN HE22 H  N N 107 
GLN HXT  H  N N 108 
GLU N    N  N N 109 
GLU CA   C  N S 110 
GLU C    C  N N 111 
GLU O    O  N N 112 
GLU CB   C  N N 113 
GLU CG   C  N N 114 
GLU CD   C  N N 115 
GLU OE1  O  N N 116 
GLU OE2  O  N N 117 
GLU OXT  O  N N 118 
GLU H    H  N N 119 
GLU H2   H  N N 120 
GLU HA   H  N N 121 
GLU HB2  H  N N 122 
GLU HB3  H  N N 123 
GLU HG2  H  N N 124 
GLU HG3  H  N N 125 
GLU HE2  H  N N 126 
GLU HXT  H  N N 127 
GLY N    N  N N 128 
GLY CA   C  N N 129 
GLY C    C  N N 130 
GLY O    O  N N 131 
GLY OXT  O  N N 132 
GLY H    H  N N 133 
GLY H2   H  N N 134 
GLY HA2  H  N N 135 
GLY HA3  H  N N 136 
GLY HXT  H  N N 137 
HIS N    N  N N 138 
HIS CA   C  N S 139 
HIS C    C  N N 140 
HIS O    O  N N 141 
HIS CB   C  N N 142 
HIS CG   C  Y N 143 
HIS ND1  N  Y N 144 
HIS CD2  C  Y N 145 
HIS CE1  C  Y N 146 
HIS NE2  N  Y N 147 
HIS OXT  O  N N 148 
HIS H    H  N N 149 
HIS H2   H  N N 150 
HIS HA   H  N N 151 
HIS HB2  H  N N 152 
HIS HB3  H  N N 153 
HIS HD1  H  N N 154 
HIS HD2  H  N N 155 
HIS HE1  H  N N 156 
HIS HE2  H  N N 157 
HIS HXT  H  N N 158 
HOH O    O  N N 159 
HOH H1   H  N N 160 
HOH H2   H  N N 161 
ILE N    N  N N 162 
ILE CA   C  N S 163 
ILE C    C  N N 164 
ILE O    O  N N 165 
ILE CB   C  N S 166 
ILE CG1  C  N N 167 
ILE CG2  C  N N 168 
ILE CD1  C  N N 169 
ILE OXT  O  N N 170 
ILE H    H  N N 171 
ILE H2   H  N N 172 
ILE HA   H  N N 173 
ILE HB   H  N N 174 
ILE HG12 H  N N 175 
ILE HG13 H  N N 176 
ILE HG21 H  N N 177 
ILE HG22 H  N N 178 
ILE HG23 H  N N 179 
ILE HD11 H  N N 180 
ILE HD12 H  N N 181 
ILE HD13 H  N N 182 
ILE HXT  H  N N 183 
LEU N    N  N N 184 
LEU CA   C  N S 185 
LEU C    C  N N 186 
LEU O    O  N N 187 
LEU CB   C  N N 188 
LEU CG   C  N N 189 
LEU CD1  C  N N 190 
LEU CD2  C  N N 191 
LEU OXT  O  N N 192 
LEU H    H  N N 193 
LEU H2   H  N N 194 
LEU HA   H  N N 195 
LEU HB2  H  N N 196 
LEU HB3  H  N N 197 
LEU HG   H  N N 198 
LEU HD11 H  N N 199 
LEU HD12 H  N N 200 
LEU HD13 H  N N 201 
LEU HD21 H  N N 202 
LEU HD22 H  N N 203 
LEU HD23 H  N N 204 
LEU HXT  H  N N 205 
LYS N    N  N N 206 
LYS CA   C  N S 207 
LYS C    C  N N 208 
LYS O    O  N N 209 
LYS CB   C  N N 210 
LYS CG   C  N N 211 
LYS CD   C  N N 212 
LYS CE   C  N N 213 
LYS NZ   N  N N 214 
LYS OXT  O  N N 215 
LYS H    H  N N 216 
LYS H2   H  N N 217 
LYS HA   H  N N 218 
LYS HB2  H  N N 219 
LYS HB3  H  N N 220 
LYS HG2  H  N N 221 
LYS HG3  H  N N 222 
LYS HD2  H  N N 223 
LYS HD3  H  N N 224 
LYS HE2  H  N N 225 
LYS HE3  H  N N 226 
LYS HZ1  H  N N 227 
LYS HZ2  H  N N 228 
LYS HZ3  H  N N 229 
LYS HXT  H  N N 230 
MSE N    N  N N 231 
MSE CA   C  N S 232 
MSE C    C  N N 233 
MSE O    O  N N 234 
MSE OXT  O  N N 235 
MSE CB   C  N N 236 
MSE CG   C  N N 237 
MSE SE   SE N N 238 
MSE CE   C  N N 239 
MSE H    H  N N 240 
MSE H2   H  N N 241 
MSE HA   H  N N 242 
MSE HXT  H  N N 243 
MSE HB2  H  N N 244 
MSE HB3  H  N N 245 
MSE HG2  H  N N 246 
MSE HG3  H  N N 247 
MSE HE1  H  N N 248 
MSE HE2  H  N N 249 
MSE HE3  H  N N 250 
PHE N    N  N N 251 
PHE CA   C  N S 252 
PHE C    C  N N 253 
PHE O    O  N N 254 
PHE CB   C  N N 255 
PHE CG   C  Y N 256 
PHE CD1  C  Y N 257 
PHE CD2  C  Y N 258 
PHE CE1  C  Y N 259 
PHE CE2  C  Y N 260 
PHE CZ   C  Y N 261 
PHE OXT  O  N N 262 
PHE H    H  N N 263 
PHE H2   H  N N 264 
PHE HA   H  N N 265 
PHE HB2  H  N N 266 
PHE HB3  H  N N 267 
PHE HD1  H  N N 268 
PHE HD2  H  N N 269 
PHE HE1  H  N N 270 
PHE HE2  H  N N 271 
PHE HZ   H  N N 272 
PHE HXT  H  N N 273 
PRO N    N  N N 274 
PRO CA   C  N S 275 
PRO C    C  N N 276 
PRO O    O  N N 277 
PRO CB   C  N N 278 
PRO CG   C  N N 279 
PRO CD   C  N N 280 
PRO OXT  O  N N 281 
PRO H    H  N N 282 
PRO HA   H  N N 283 
PRO HB2  H  N N 284 
PRO HB3  H  N N 285 
PRO HG2  H  N N 286 
PRO HG3  H  N N 287 
PRO HD2  H  N N 288 
PRO HD3  H  N N 289 
PRO HXT  H  N N 290 
SER N    N  N N 291 
SER CA   C  N S 292 
SER C    C  N N 293 
SER O    O  N N 294 
SER CB   C  N N 295 
SER OG   O  N N 296 
SER OXT  O  N N 297 
SER H    H  N N 298 
SER H2   H  N N 299 
SER HA   H  N N 300 
SER HB2  H  N N 301 
SER HB3  H  N N 302 
SER HG   H  N N 303 
SER HXT  H  N N 304 
THR N    N  N N 305 
THR CA   C  N S 306 
THR C    C  N N 307 
THR O    O  N N 308 
THR CB   C  N R 309 
THR OG1  O  N N 310 
THR CG2  C  N N 311 
THR OXT  O  N N 312 
THR H    H  N N 313 
THR H2   H  N N 314 
THR HA   H  N N 315 
THR HB   H  N N 316 
THR HG1  H  N N 317 
THR HG21 H  N N 318 
THR HG22 H  N N 319 
THR HG23 H  N N 320 
THR HXT  H  N N 321 
TRP N    N  N N 322 
TRP CA   C  N S 323 
TRP C    C  N N 324 
TRP O    O  N N 325 
TRP CB   C  N N 326 
TRP CG   C  Y N 327 
TRP CD1  C  Y N 328 
TRP CD2  C  Y N 329 
TRP NE1  N  Y N 330 
TRP CE2  C  Y N 331 
TRP CE3  C  Y N 332 
TRP CZ2  C  Y N 333 
TRP CZ3  C  Y N 334 
TRP CH2  C  Y N 335 
TRP OXT  O  N N 336 
TRP H    H  N N 337 
TRP H2   H  N N 338 
TRP HA   H  N N 339 
TRP HB2  H  N N 340 
TRP HB3  H  N N 341 
TRP HD1  H  N N 342 
TRP HE1  H  N N 343 
TRP HE3  H  N N 344 
TRP HZ2  H  N N 345 
TRP HZ3  H  N N 346 
TRP HH2  H  N N 347 
TRP HXT  H  N N 348 
TYR N    N  N N 349 
TYR CA   C  N S 350 
TYR C    C  N N 351 
TYR O    O  N N 352 
TYR CB   C  N N 353 
TYR CG   C  Y N 354 
TYR CD1  C  Y N 355 
TYR CD2  C  Y N 356 
TYR CE1  C  Y N 357 
TYR CE2  C  Y N 358 
TYR CZ   C  Y N 359 
TYR OH   O  N N 360 
TYR OXT  O  N N 361 
TYR H    H  N N 362 
TYR H2   H  N N 363 
TYR HA   H  N N 364 
TYR HB2  H  N N 365 
TYR HB3  H  N N 366 
TYR HD1  H  N N 367 
TYR HD2  H  N N 368 
TYR HE1  H  N N 369 
TYR HE2  H  N N 370 
TYR HH   H  N N 371 
TYR HXT  H  N N 372 
VAL N    N  N N 373 
VAL CA   C  N S 374 
VAL C    C  N N 375 
VAL O    O  N N 376 
VAL CB   C  N N 377 
VAL CG1  C  N N 378 
VAL CG2  C  N N 379 
VAL OXT  O  N N 380 
VAL H    H  N N 381 
VAL H2   H  N N 382 
VAL HA   H  N N 383 
VAL HB   H  N N 384 
VAL HG11 H  N N 385 
VAL HG12 H  N N 386 
VAL HG13 H  N N 387 
VAL HG21 H  N N 388 
VAL HG22 H  N N 389 
VAL HG23 H  N N 390 
VAL HXT  H  N N 391 
# 
loop_
_chem_comp_bond.comp_id 
_chem_comp_bond.atom_id_1 
_chem_comp_bond.atom_id_2 
_chem_comp_bond.value_order 
_chem_comp_bond.pdbx_aromatic_flag 
_chem_comp_bond.pdbx_stereo_config 
_chem_comp_bond.pdbx_ordinal 
ALA N   CA   sing N N 1   
ALA N   H    sing N N 2   
ALA N   H2   sing N N 3   
ALA CA  C    sing N N 4   
ALA CA  CB   sing N N 5   
ALA CA  HA   sing N N 6   
ALA C   O    doub N N 7   
ALA C   OXT  sing N N 8   
ALA CB  HB1  sing N N 9   
ALA CB  HB2  sing N N 10  
ALA CB  HB3  sing N N 11  
ALA OXT HXT  sing N N 12  
ARG N   CA   sing N N 13  
ARG N   H    sing N N 14  
ARG N   H2   sing N N 15  
ARG CA  C    sing N N 16  
ARG CA  CB   sing N N 17  
ARG CA  HA   sing N N 18  
ARG C   O    doub N N 19  
ARG C   OXT  sing N N 20  
ARG CB  CG   sing N N 21  
ARG CB  HB2  sing N N 22  
ARG CB  HB3  sing N N 23  
ARG CG  CD   sing N N 24  
ARG CG  HG2  sing N N 25  
ARG CG  HG3  sing N N 26  
ARG CD  NE   sing N N 27  
ARG CD  HD2  sing N N 28  
ARG CD  HD3  sing N N 29  
ARG NE  CZ   sing N N 30  
ARG NE  HE   sing N N 31  
ARG CZ  NH1  sing N N 32  
ARG CZ  NH2  doub N N 33  
ARG NH1 HH11 sing N N 34  
ARG NH1 HH12 sing N N 35  
ARG NH2 HH21 sing N N 36  
ARG NH2 HH22 sing N N 37  
ARG OXT HXT  sing N N 38  
ASN N   CA   sing N N 39  
ASN N   H    sing N N 40  
ASN N   H2   sing N N 41  
ASN CA  C    sing N N 42  
ASN CA  CB   sing N N 43  
ASN CA  HA   sing N N 44  
ASN C   O    doub N N 45  
ASN C   OXT  sing N N 46  
ASN CB  CG   sing N N 47  
ASN CB  HB2  sing N N 48  
ASN CB  HB3  sing N N 49  
ASN CG  OD1  doub N N 50  
ASN CG  ND2  sing N N 51  
ASN ND2 HD21 sing N N 52  
ASN ND2 HD22 sing N N 53  
ASN OXT HXT  sing N N 54  
ASP N   CA   sing N N 55  
ASP N   H    sing N N 56  
ASP N   H2   sing N N 57  
ASP CA  C    sing N N 58  
ASP CA  CB   sing N N 59  
ASP CA  HA   sing N N 60  
ASP C   O    doub N N 61  
ASP C   OXT  sing N N 62  
ASP CB  CG   sing N N 63  
ASP CB  HB2  sing N N 64  
ASP CB  HB3  sing N N 65  
ASP CG  OD1  doub N N 66  
ASP CG  OD2  sing N N 67  
ASP OD2 HD2  sing N N 68  
ASP OXT HXT  sing N N 69  
CYS N   CA   sing N N 70  
CYS N   H    sing N N 71  
CYS N   H2   sing N N 72  
CYS CA  C    sing N N 73  
CYS CA  CB   sing N N 74  
CYS CA  HA   sing N N 75  
CYS C   O    doub N N 76  
CYS C   OXT  sing N N 77  
CYS CB  SG   sing N N 78  
CYS CB  HB2  sing N N 79  
CYS CB  HB3  sing N N 80  
CYS SG  HG   sing N N 81  
CYS OXT HXT  sing N N 82  
GLN N   CA   sing N N 83  
GLN N   H    sing N N 84  
GLN N   H2   sing N N 85  
GLN CA  C    sing N N 86  
GLN CA  CB   sing N N 87  
GLN CA  HA   sing N N 88  
GLN C   O    doub N N 89  
GLN C   OXT  sing N N 90  
GLN CB  CG   sing N N 91  
GLN CB  HB2  sing N N 92  
GLN CB  HB3  sing N N 93  
GLN CG  CD   sing N N 94  
GLN CG  HG2  sing N N 95  
GLN CG  HG3  sing N N 96  
GLN CD  OE1  doub N N 97  
GLN CD  NE2  sing N N 98  
GLN NE2 HE21 sing N N 99  
GLN NE2 HE22 sing N N 100 
GLN OXT HXT  sing N N 101 
GLU N   CA   sing N N 102 
GLU N   H    sing N N 103 
GLU N   H2   sing N N 104 
GLU CA  C    sing N N 105 
GLU CA  CB   sing N N 106 
GLU CA  HA   sing N N 107 
GLU C   O    doub N N 108 
GLU C   OXT  sing N N 109 
GLU CB  CG   sing N N 110 
GLU CB  HB2  sing N N 111 
GLU CB  HB3  sing N N 112 
GLU CG  CD   sing N N 113 
GLU CG  HG2  sing N N 114 
GLU CG  HG3  sing N N 115 
GLU CD  OE1  doub N N 116 
GLU CD  OE2  sing N N 117 
GLU OE2 HE2  sing N N 118 
GLU OXT HXT  sing N N 119 
GLY N   CA   sing N N 120 
GLY N   H    sing N N 121 
GLY N   H2   sing N N 122 
GLY CA  C    sing N N 123 
GLY CA  HA2  sing N N 124 
GLY CA  HA3  sing N N 125 
GLY C   O    doub N N 126 
GLY C   OXT  sing N N 127 
GLY OXT HXT  sing N N 128 
HIS N   CA   sing N N 129 
HIS N   H    sing N N 130 
HIS N   H2   sing N N 131 
HIS CA  C    sing N N 132 
HIS CA  CB   sing N N 133 
HIS CA  HA   sing N N 134 
HIS C   O    doub N N 135 
HIS C   OXT  sing N N 136 
HIS CB  CG   sing N N 137 
HIS CB  HB2  sing N N 138 
HIS CB  HB3  sing N N 139 
HIS CG  ND1  sing Y N 140 
HIS CG  CD2  doub Y N 141 
HIS ND1 CE1  doub Y N 142 
HIS ND1 HD1  sing N N 143 
HIS CD2 NE2  sing Y N 144 
HIS CD2 HD2  sing N N 145 
HIS CE1 NE2  sing Y N 146 
HIS CE1 HE1  sing N N 147 
HIS NE2 HE2  sing N N 148 
HIS OXT HXT  sing N N 149 
HOH O   H1   sing N N 150 
HOH O   H2   sing N N 151 
ILE N   CA   sing N N 152 
ILE N   H    sing N N 153 
ILE N   H2   sing N N 154 
ILE CA  C    sing N N 155 
ILE CA  CB   sing N N 156 
ILE CA  HA   sing N N 157 
ILE C   O    doub N N 158 
ILE C   OXT  sing N N 159 
ILE CB  CG1  sing N N 160 
ILE CB  CG2  sing N N 161 
ILE CB  HB   sing N N 162 
ILE CG1 CD1  sing N N 163 
ILE CG1 HG12 sing N N 164 
ILE CG1 HG13 sing N N 165 
ILE CG2 HG21 sing N N 166 
ILE CG2 HG22 sing N N 167 
ILE CG2 HG23 sing N N 168 
ILE CD1 HD11 sing N N 169 
ILE CD1 HD12 sing N N 170 
ILE CD1 HD13 sing N N 171 
ILE OXT HXT  sing N N 172 
LEU N   CA   sing N N 173 
LEU N   H    sing N N 174 
LEU N   H2   sing N N 175 
LEU CA  C    sing N N 176 
LEU CA  CB   sing N N 177 
LEU CA  HA   sing N N 178 
LEU C   O    doub N N 179 
LEU C   OXT  sing N N 180 
LEU CB  CG   sing N N 181 
LEU CB  HB2  sing N N 182 
LEU CB  HB3  sing N N 183 
LEU CG  CD1  sing N N 184 
LEU CG  CD2  sing N N 185 
LEU CG  HG   sing N N 186 
LEU CD1 HD11 sing N N 187 
LEU CD1 HD12 sing N N 188 
LEU CD1 HD13 sing N N 189 
LEU CD2 HD21 sing N N 190 
LEU CD2 HD22 sing N N 191 
LEU CD2 HD23 sing N N 192 
LEU OXT HXT  sing N N 193 
LYS N   CA   sing N N 194 
LYS N   H    sing N N 195 
LYS N   H2   sing N N 196 
LYS CA  C    sing N N 197 
LYS CA  CB   sing N N 198 
LYS CA  HA   sing N N 199 
LYS C   O    doub N N 200 
LYS C   OXT  sing N N 201 
LYS CB  CG   sing N N 202 
LYS CB  HB2  sing N N 203 
LYS CB  HB3  sing N N 204 
LYS CG  CD   sing N N 205 
LYS CG  HG2  sing N N 206 
LYS CG  HG3  sing N N 207 
LYS CD  CE   sing N N 208 
LYS CD  HD2  sing N N 209 
LYS CD  HD3  sing N N 210 
LYS CE  NZ   sing N N 211 
LYS CE  HE2  sing N N 212 
LYS CE  HE3  sing N N 213 
LYS NZ  HZ1  sing N N 214 
LYS NZ  HZ2  sing N N 215 
LYS NZ  HZ3  sing N N 216 
LYS OXT HXT  sing N N 217 
MSE N   CA   sing N N 218 
MSE N   H    sing N N 219 
MSE N   H2   sing N N 220 
MSE CA  C    sing N N 221 
MSE CA  CB   sing N N 222 
MSE CA  HA   sing N N 223 
MSE C   O    doub N N 224 
MSE C   OXT  sing N N 225 
MSE OXT HXT  sing N N 226 
MSE CB  CG   sing N N 227 
MSE CB  HB2  sing N N 228 
MSE CB  HB3  sing N N 229 
MSE CG  SE   sing N N 230 
MSE CG  HG2  sing N N 231 
MSE CG  HG3  sing N N 232 
MSE SE  CE   sing N N 233 
MSE CE  HE1  sing N N 234 
MSE CE  HE2  sing N N 235 
MSE CE  HE3  sing N N 236 
PHE N   CA   sing N N 237 
PHE N   H    sing N N 238 
PHE N   H2   sing N N 239 
PHE CA  C    sing N N 240 
PHE CA  CB   sing N N 241 
PHE CA  HA   sing N N 242 
PHE C   O    doub N N 243 
PHE C   OXT  sing N N 244 
PHE CB  CG   sing N N 245 
PHE CB  HB2  sing N N 246 
PHE CB  HB3  sing N N 247 
PHE CG  CD1  doub Y N 248 
PHE CG  CD2  sing Y N 249 
PHE CD1 CE1  sing Y N 250 
PHE CD1 HD1  sing N N 251 
PHE CD2 CE2  doub Y N 252 
PHE CD2 HD2  sing N N 253 
PHE CE1 CZ   doub Y N 254 
PHE CE1 HE1  sing N N 255 
PHE CE2 CZ   sing Y N 256 
PHE CE2 HE2  sing N N 257 
PHE CZ  HZ   sing N N 258 
PHE OXT HXT  sing N N 259 
PRO N   CA   sing N N 260 
PRO N   CD   sing N N 261 
PRO N   H    sing N N 262 
PRO CA  C    sing N N 263 
PRO CA  CB   sing N N 264 
PRO CA  HA   sing N N 265 
PRO C   O    doub N N 266 
PRO C   OXT  sing N N 267 
PRO CB  CG   sing N N 268 
PRO CB  HB2  sing N N 269 
PRO CB  HB3  sing N N 270 
PRO CG  CD   sing N N 271 
PRO CG  HG2  sing N N 272 
PRO CG  HG3  sing N N 273 
PRO CD  HD2  sing N N 274 
PRO CD  HD3  sing N N 275 
PRO OXT HXT  sing N N 276 
SER N   CA   sing N N 277 
SER N   H    sing N N 278 
SER N   H2   sing N N 279 
SER CA  C    sing N N 280 
SER CA  CB   sing N N 281 
SER CA  HA   sing N N 282 
SER C   O    doub N N 283 
SER C   OXT  sing N N 284 
SER CB  OG   sing N N 285 
SER CB  HB2  sing N N 286 
SER CB  HB3  sing N N 287 
SER OG  HG   sing N N 288 
SER OXT HXT  sing N N 289 
THR N   CA   sing N N 290 
THR N   H    sing N N 291 
THR N   H2   sing N N 292 
THR CA  C    sing N N 293 
THR CA  CB   sing N N 294 
THR CA  HA   sing N N 295 
THR C   O    doub N N 296 
THR C   OXT  sing N N 297 
THR CB  OG1  sing N N 298 
THR CB  CG2  sing N N 299 
THR CB  HB   sing N N 300 
THR OG1 HG1  sing N N 301 
THR CG2 HG21 sing N N 302 
THR CG2 HG22 sing N N 303 
THR CG2 HG23 sing N N 304 
THR OXT HXT  sing N N 305 
TRP N   CA   sing N N 306 
TRP N   H    sing N N 307 
TRP N   H2   sing N N 308 
TRP CA  C    sing N N 309 
TRP CA  CB   sing N N 310 
TRP CA  HA   sing N N 311 
TRP C   O    doub N N 312 
TRP C   OXT  sing N N 313 
TRP CB  CG   sing N N 314 
TRP CB  HB2  sing N N 315 
TRP CB  HB3  sing N N 316 
TRP CG  CD1  doub Y N 317 
TRP CG  CD2  sing Y N 318 
TRP CD1 NE1  sing Y N 319 
TRP CD1 HD1  sing N N 320 
TRP CD2 CE2  doub Y N 321 
TRP CD2 CE3  sing Y N 322 
TRP NE1 CE2  sing Y N 323 
TRP NE1 HE1  sing N N 324 
TRP CE2 CZ2  sing Y N 325 
TRP CE3 CZ3  doub Y N 326 
TRP CE3 HE3  sing N N 327 
TRP CZ2 CH2  doub Y N 328 
TRP CZ2 HZ2  sing N N 329 
TRP CZ3 CH2  sing Y N 330 
TRP CZ3 HZ3  sing N N 331 
TRP CH2 HH2  sing N N 332 
TRP OXT HXT  sing N N 333 
TYR N   CA   sing N N 334 
TYR N   H    sing N N 335 
TYR N   H2   sing N N 336 
TYR CA  C    sing N N 337 
TYR CA  CB   sing N N 338 
TYR CA  HA   sing N N 339 
TYR C   O    doub N N 340 
TYR C   OXT  sing N N 341 
TYR CB  CG   sing N N 342 
TYR CB  HB2  sing N N 343 
TYR CB  HB3  sing N N 344 
TYR CG  CD1  doub Y N 345 
TYR CG  CD2  sing Y N 346 
TYR CD1 CE1  sing Y N 347 
TYR CD1 HD1  sing N N 348 
TYR CD2 CE2  doub Y N 349 
TYR CD2 HD2  sing N N 350 
TYR CE1 CZ   doub Y N 351 
TYR CE1 HE1  sing N N 352 
TYR CE2 CZ   sing Y N 353 
TYR CE2 HE2  sing N N 354 
TYR CZ  OH   sing N N 355 
TYR OH  HH   sing N N 356 
TYR OXT HXT  sing N N 357 
VAL N   CA   sing N N 358 
VAL N   H    sing N N 359 
VAL N   H2   sing N N 360 
VAL CA  C    sing N N 361 
VAL CA  CB   sing N N 362 
VAL CA  HA   sing N N 363 
VAL C   O    doub N N 364 
VAL C   OXT  sing N N 365 
VAL CB  CG1  sing N N 366 
VAL CB  CG2  sing N N 367 
VAL CB  HB   sing N N 368 
VAL CG1 HG11 sing N N 369 
VAL CG1 HG12 sing N N 370 
VAL CG1 HG13 sing N N 371 
VAL CG2 HG21 sing N N 372 
VAL CG2 HG22 sing N N 373 
VAL CG2 HG23 sing N N 374 
VAL OXT HXT  sing N N 375 
# 
_atom_sites.entry_id                    2BF0 
_atom_sites.fract_transf_matrix[1][1]   0.00293591 
_atom_sites.fract_transf_matrix[1][2]   0.01049964 
_atom_sites.fract_transf_matrix[1][3]   -0.00752294 
_atom_sites.fract_transf_matrix[2][1]   -0.00391215 
_atom_sites.fract_transf_matrix[2][2]   -0.00662961 
_atom_sites.fract_transf_matrix[2][3]   -0.01077960 
_atom_sites.fract_transf_matrix[3][1]   -0.01655499 
_atom_sites.fract_transf_matrix[3][2]   0.00620129 
_atom_sites.fract_transf_matrix[3][3]   0.00219428 
_atom_sites.fract_transf_vector[1]      0.135972 
_atom_sites.fract_transf_vector[2]      0.765977 
_atom_sites.fract_transf_vector[3]      0.007613 
# 
loop_
_atom_type.symbol 
C  
CA 
N  
O  
S  
SE 
# 
loop_
_atom_site.group_PDB 
_atom_site.id 
_atom_site.type_symbol 
_atom_site.label_atom_id 
_atom_site.label_alt_id 
_atom_site.label_comp_id 
_atom_site.label_asym_id 
_atom_site.label_entity_id 
_atom_site.label_seq_id 
_atom_site.pdbx_PDB_ins_code 
_atom_site.Cartn_x 
_atom_site.Cartn_y 
_atom_site.Cartn_z 
_atom_site.occupancy 
_atom_site.B_iso_or_equiv 
_atom_site.pdbx_formal_charge 
_atom_site.auth_seq_id 
_atom_site.auth_comp_id 
_atom_site.auth_asym_id 
_atom_site.auth_atom_id 
_atom_site.pdbx_PDB_model_num 
ATOM   1    N  N   . ILE A 1 13  ? 10.159  18.348  2.459   1.00 43.44 ? 8    ILE X N   1 
ATOM   2    C  CA  . ILE A 1 13  ? 8.944   17.633  1.965   1.00 43.62 ? 8    ILE X CA  1 
ATOM   3    C  C   . ILE A 1 13  ? 8.965   16.181  2.427   1.00 42.96 ? 8    ILE X C   1 
ATOM   4    O  O   . ILE A 1 13  ? 7.981   15.667  2.944   1.00 42.79 ? 8    ILE X O   1 
ATOM   5    C  CB  . ILE A 1 13  ? 8.858   17.685  0.422   1.00 43.93 ? 8    ILE X CB  1 
ATOM   6    C  CG1 . ILE A 1 13  ? 8.665   19.123  -0.074  1.00 44.73 ? 8    ILE X CG1 1 
ATOM   7    C  CG2 . ILE A 1 13  ? 7.708   16.823  -0.061  1.00 43.50 ? 8    ILE X CG2 1 
ATOM   8    C  CD1 . ILE A 1 13  ? 7.213   19.598  -0.021  1.00 46.51 ? 8    ILE X CD1 1 
ATOM   9    N  N   . VAL A 1 14  ? 10.114  15.540  2.267   1.00 42.63 ? 9    VAL X N   1 
ATOM   10   C  CA  . VAL A 1 14  ? 10.274  14.145  2.642   1.00 42.41 ? 9    VAL X CA  1 
ATOM   11   C  C   . VAL A 1 14  ? 10.217  13.905  4.147   1.00 42.26 ? 9    VAL X C   1 
ATOM   12   O  O   . VAL A 1 14  ? 9.657   12.890  4.610   1.00 42.26 ? 9    VAL X O   1 
ATOM   13   C  CB  . VAL A 1 14  ? 11.578  13.578  2.108   1.00 42.04 ? 9    VAL X CB  1 
ATOM   14   C  CG1 . VAL A 1 14  ? 11.781  12.191  2.638   1.00 43.02 ? 9    VAL X CG1 1 
ATOM   15   C  CG2 . VAL A 1 14  ? 11.555  13.555  0.606   1.00 42.65 ? 9    VAL X CG2 1 
ATOM   16   N  N   . LYS A 1 15  ? 10.792  14.826  4.913   1.00 41.68 ? 10   LYS X N   1 
ATOM   17   C  CA  . LYS A 1 15  ? 10.799  14.677  6.358   1.00 41.47 ? 10   LYS X CA  1 
ATOM   18   C  C   . LYS A 1 15  ? 9.376   14.773  6.865   1.00 41.00 ? 10   LYS X C   1 
ATOM   19   O  O   . LYS A 1 15  ? 8.971   13.995  7.726   1.00 40.93 ? 10   LYS X O   1 
ATOM   20   C  CB  . LYS A 1 15  ? 11.675  15.726  7.039   1.00 41.64 ? 10   LYS X CB  1 
ATOM   21   C  CG  . LYS A 1 15  ? 11.510  15.743  8.554   1.00 43.70 ? 10   LYS X CG  1 
ATOM   22   C  CD  . LYS A 1 15  ? 12.597  16.568  9.231   1.00 47.33 ? 10   LYS X CD  1 
ATOM   23   C  CE  . LYS A 1 15  ? 12.212  16.921  10.665  1.00 48.49 ? 10   LYS X CE  1 
ATOM   24   N  NZ  . LYS A 1 15  ? 13.040  18.058  11.180  1.00 51.23 ? 10   LYS X NZ  1 
ATOM   25   N  N   . ASP A 1 16  ? 8.625   15.732  6.334   1.00 40.36 ? 11   ASP X N   1 
ATOM   26   C  CA  . ASP A 1 16  ? 7.222   15.868  6.685   1.00 40.07 ? 11   ASP X CA  1 
ATOM   27   C  C   . ASP A 1 16  ? 6.486   14.580  6.325   1.00 39.44 ? 11   ASP X C   1 
ATOM   28   O  O   . ASP A 1 16  ? 5.829   13.990  7.189   1.00 39.43 ? 11   ASP X O   1 
ATOM   29   C  CB  . ASP A 1 16  ? 6.598   17.084  5.993   1.00 40.66 ? 11   ASP X CB  1 
ATOM   30   C  CG  . ASP A 1 16  ? 6.883   18.378  6.736   1.00 41.06 ? 11   ASP X CG  1 
ATOM   31   O  OD1 . ASP A 1 16  ? 7.548   18.332  7.776   1.00 42.72 ? 11   ASP X OD1 1 
ATOM   32   O  OD2 . ASP A 1 16  ? 6.498   19.496  6.357   1.00 43.90 ? 11   ASP X OD2 1 
ATOM   33   N  N   . PHE A 1 17  ? 6.628   14.134  5.068   1.00 38.42 ? 12   PHE X N   1 
ATOM   34   C  CA  . PHE A 1 17  ? 5.979   12.894  4.617   1.00 37.32 ? 12   PHE X CA  1 
ATOM   35   C  C   . PHE A 1 17  ? 6.257   11.812  5.637   1.00 37.06 ? 12   PHE X C   1 
ATOM   36   O  O   . PHE A 1 17  ? 5.351   11.088  6.037   1.00 36.82 ? 12   PHE X O   1 
ATOM   37   C  CB  . PHE A 1 17  ? 6.457   12.451  3.230   1.00 36.63 ? 12   PHE X CB  1 
ATOM   38   C  CG  . PHE A 1 17  ? 5.639   11.329  2.627   1.00 35.44 ? 12   PHE X CG  1 
ATOM   39   C  CD1 . PHE A 1 17  ? 4.570   11.603  1.783   1.00 32.51 ? 12   PHE X CD1 1 
ATOM   40   C  CD2 . PHE A 1 17  ? 5.956   9.997   2.881   1.00 33.91 ? 12   PHE X CD2 1 
ATOM   41   C  CE1 . PHE A 1 17  ? 3.829   10.576  1.222   1.00 31.62 ? 12   PHE X CE1 1 
ATOM   42   C  CE2 . PHE A 1 17  ? 5.226   8.973   2.319   1.00 31.89 ? 12   PHE X CE2 1 
ATOM   43   C  CZ  . PHE A 1 17  ? 4.161   9.257   1.494   1.00 31.77 ? 12   PHE X CZ  1 
ATOM   44   N  N   . ASN A 1 18  ? 7.508   11.720  6.081   1.00 37.03 ? 13   ASN X N   1 
ATOM   45   C  CA  . ASN A 1 18  ? 7.865   10.702  7.065   1.00 36.98 ? 13   ASN X CA  1 
ATOM   46   C  C   . ASN A 1 18  ? 7.223   10.857  8.436   1.00 36.58 ? 13   ASN X C   1 
ATOM   47   O  O   . ASN A 1 18  ? 6.782   9.877   9.020   1.00 36.04 ? 13   ASN X O   1 
ATOM   48   C  CB  . ASN A 1 18  ? 9.376   10.548  7.208   1.00 37.55 ? 13   ASN X CB  1 
ATOM   49   C  CG  . ASN A 1 18  ? 9.937   9.489   6.281   1.00 38.85 ? 13   ASN X CG  1 
ATOM   50   O  OD1 . ASN A 1 18  ? 9.621   8.307   6.419   1.00 40.05 ? 13   ASN X OD1 1 
ATOM   51   N  ND2 . ASN A 1 18  ? 10.768  9.910   5.322   1.00 40.29 ? 13   ASN X ND2 1 
ATOM   52   N  N   . SER A 1 19  ? 7.148   12.071  8.956   1.00 36.49 ? 14   SER X N   1 
ATOM   53   C  CA  . SER A 1 19  ? 6.590   12.204  10.292  1.00 36.67 ? 14   SER X CA  1 
ATOM   54   C  C   . SER A 1 19  ? 5.090   12.047  10.244  1.00 36.43 ? 14   SER X C   1 
ATOM   55   O  O   . SER A 1 19  ? 4.505   11.447  11.134  1.00 36.57 ? 14   SER X O   1 
ATOM   56   C  CB  . SER A 1 19  ? 6.973   13.534  10.944  1.00 37.29 ? 14   SER X CB  1 
ATOM   57   O  OG  . SER A 1 19  ? 8.221   13.979  10.453  1.00 37.13 ? 14   SER X OG  1 
ATOM   58   N  N   . ILE A 1 20  ? 4.449   12.576  9.208   1.00 35.94 ? 15   ILE X N   1 
ATOM   59   C  CA  . ILE A 1 20  ? 3.008   12.413  9.136   1.00 36.02 ? 15   ILE X CA  1 
ATOM   60   C  C   . ILE A 1 20  ? 2.701   10.919  9.142   1.00 35.65 ? 15   ILE X C   1 
ATOM   61   O  O   . ILE A 1 20  ? 1.772   10.477  9.813   1.00 35.09 ? 15   ILE X O   1 
ATOM   62   C  CB  . ILE A 1 20  ? 2.405   13.135  7.913   1.00 36.21 ? 15   ILE X CB  1 
ATOM   63   C  CG1 . ILE A 1 20  ? 1.144   12.427  7.435   1.00 36.88 ? 15   ILE X CG1 1 
ATOM   64   C  CG2 . ILE A 1 20  ? 3.387   13.201  6.771   1.00 37.35 ? 15   ILE X CG2 1 
ATOM   65   C  CD1 . ILE A 1 20  ? -0.118  13.201  7.696   1.00 39.19 ? 15   ILE X CD1 1 
ATOM   66   N  N   . LEU A 1 21  ? 3.529   10.158  8.423   1.00 35.11 ? 16   LEU X N   1 
ATOM   67   C  CA  . LEU A 1 21  ? 3.411   8.702   8.293   1.00 35.11 ? 16   LEU X CA  1 
ATOM   68   C  C   . LEU A 1 21  ? 3.660   7.955   9.614   1.00 35.19 ? 16   LEU X C   1 
ATOM   69   O  O   . LEU A 1 21  ? 3.228   6.813   9.791   1.00 34.99 ? 16   LEU X O   1 
ATOM   70   C  CB  . LEU A 1 21  ? 4.363   8.199   7.198   1.00 34.73 ? 16   LEU X CB  1 
ATOM   71   C  CG  . LEU A 1 21  ? 4.397   6.702   6.922   1.00 34.88 ? 16   LEU X CG  1 
ATOM   72   C  CD1 . LEU A 1 21  ? 3.006   6.221   6.511   1.00 34.23 ? 16   LEU X CD1 1 
ATOM   73   C  CD2 . LEU A 1 21  ? 5.443   6.362   5.853   1.00 32.93 ? 16   LEU X CD2 1 
ATOM   74   N  N   . GLU A 1 22  ? 4.366   8.590   10.540  1.00 35.37 ? 17   GLU X N   1 
ATOM   75   C  CA  . GLU A 1 22  ? 4.575   7.958   11.850  1.00 35.89 ? 17   GLU X CA  1 
ATOM   76   C  C   . GLU A 1 22  ? 3.313   8.046   12.718  1.00 35.01 ? 17   GLU X C   1 
ATOM   77   O  O   . GLU A 1 22  ? 3.002   7.141   13.489  1.00 35.37 ? 17   GLU X O   1 
ATOM   78   C  CB  . GLU A 1 22  ? 5.810   8.519   12.552  1.00 35.90 ? 17   GLU X CB  1 
ATOM   79   C  CG  . GLU A 1 22  ? 7.102   7.858   12.084  1.00 39.07 ? 17   GLU X CG  1 
ATOM   80   C  CD  . GLU A 1 22  ? 7.151   6.365   12.402  1.00 42.46 ? 17   GLU X CD  1 
ATOM   81   O  OE1 . GLU A 1 22  ? 6.798   6.001   13.549  1.00 44.41 ? 17   GLU X OE1 1 
ATOM   82   O  OE2 . GLU A 1 22  ? 7.546   5.551   11.517  1.00 42.83 ? 17   GLU X OE2 1 
ATOM   83   N  N   . GLU A 1 23  ? 2.575   9.133   12.532  1.00 34.15 ? 18   GLU X N   1 
ATOM   84   C  CA  . GLU A 1 23  ? 1.303   9.371   13.200  1.00 33.73 ? 18   GLU X CA  1 
ATOM   85   C  C   . GLU A 1 23  ? 0.128   8.538   12.659  1.00 32.85 ? 18   GLU X C   1 
ATOM   86   O  O   . GLU A 1 23  ? -0.955  8.542   13.243  1.00 31.97 ? 18   GLU X O   1 
ATOM   87   C  CB  . GLU A 1 23  ? 0.953   10.862  13.131  1.00 34.29 ? 18   GLU X CB  1 
ATOM   88   C  CG  . GLU A 1 23  ? 2.072   11.783  13.600  1.00 35.82 ? 18   GLU X CG  1 
ATOM   89   C  CD  . GLU A 1 23  ? 2.554   11.426  14.993  1.00 37.91 ? 18   GLU X CD  1 
ATOM   90   O  OE1 . GLU A 1 23  ? 1.700   11.116  15.836  1.00 37.09 ? 18   GLU X OE1 1 
ATOM   91   O  OE2 . GLU A 1 23  ? 3.784   11.448  15.250  1.00 39.98 ? 18   GLU X OE2 1 
ATOM   92   N  N   . LEU A 1 24  ? 0.340   7.819   11.561  1.00 32.02 ? 19   LEU X N   1 
ATOM   93   C  CA  . LEU A 1 24  ? -0.715  6.987   10.984  1.00 31.64 ? 19   LEU X CA  1 
ATOM   94   C  C   . LEU A 1 24  ? -0.916  5.697   11.803  1.00 31.42 ? 19   LEU X C   1 
ATOM   95   O  O   . LEU A 1 24  ? -0.606  4.605   11.337  1.00 31.15 ? 19   LEU X O   1 
ATOM   96   C  CB  . LEU A 1 24  ? -0.394  6.671   9.520   1.00 31.17 ? 19   LEU X CB  1 
ATOM   97   C  CG  . LEU A 1 24  ? -1.404  5.879   8.691   1.00 31.04 ? 19   LEU X CG  1 
ATOM   98   C  CD1 . LEU A 1 24  ? -2.741  6.583   8.722   1.00 29.97 ? 19   LEU X CD1 1 
ATOM   99   C  CD2 . LEU A 1 24  ? -0.913  5.736   7.262   1.00 31.01 ? 19   LEU X CD2 1 
ATOM   100  N  N   . THR A 1 25  ? -1.428  5.854   13.028  1.00 31.88 ? 20   THR X N   1 
ATOM   101  C  CA  . THR A 1 25  ? -1.664  4.750   13.952  1.00 32.08 ? 20   THR X CA  1 
ATOM   102  C  C   . THR A 1 25  ? -3.117  4.280   13.912  1.00 32.19 ? 20   THR X C   1 
ATOM   103  O  O   . THR A 1 25  ? -3.491  3.345   14.625  1.00 32.69 ? 20   THR X O   1 
ATOM   104  C  CB  . THR A 1 25  ? -1.277  5.155   15.397  1.00 32.46 ? 20   THR X CB  1 
ATOM   105  O  OG1 . THR A 1 25  ? -1.969  6.356   15.759  1.00 33.34 ? 20   THR X OG1 1 
ATOM   106  C  CG2 . THR A 1 25  ? 0.197   5.567   15.480  1.00 32.40 ? 20   THR X CG2 1 
ATOM   107  N  N   . PHE A 1 26  ? -3.941  4.933   13.098  1.00 31.62 ? 21   PHE X N   1 
ATOM   108  C  CA  . PHE A 1 26  ? -5.326  4.504   12.918  1.00 31.23 ? 21   PHE X CA  1 
ATOM   109  C  C   . PHE A 1 26  ? -5.759  4.746   11.489  1.00 30.28 ? 21   PHE X C   1 
ATOM   110  O  O   . PHE A 1 26  ? -4.984  5.242   10.680  1.00 30.44 ? 21   PHE X O   1 
ATOM   111  C  CB  . PHE A 1 26  ? -6.283  5.171   13.929  1.00 31.66 ? 21   PHE X CB  1 
ATOM   112  C  CG  . PHE A 1 26  ? -6.468  6.657   13.730  1.00 32.46 ? 21   PHE X CG  1 
ATOM   113  C  CD1 . PHE A 1 26  ? -7.685  7.163   13.307  1.00 32.52 ? 21   PHE X CD1 1 
ATOM   114  C  CD2 . PHE A 1 26  ? -5.434  7.550   13.994  1.00 34.32 ? 21   PHE X CD2 1 
ATOM   115  C  CE1 . PHE A 1 26  ? -7.878  8.533   13.143  1.00 32.65 ? 21   PHE X CE1 1 
ATOM   116  C  CE2 . PHE A 1 26  ? -5.622  8.933   13.813  1.00 34.42 ? 21   PHE X CE2 1 
ATOM   117  C  CZ  . PHE A 1 26  ? -6.844  9.411   13.389  1.00 33.29 ? 21   PHE X CZ  1 
ATOM   118  N  N   . ASN A 1 27  ? -6.985  4.377   11.157  1.00 29.37 ? 22   ASN X N   1 
ATOM   119  C  CA  . ASN A 1 27  ? -7.454  4.577   9.791   1.00 28.74 ? 22   ASN X CA  1 
ATOM   120  C  C   . ASN A 1 27  ? -7.830  6.038   9.559   1.00 28.21 ? 22   ASN X C   1 
ATOM   121  O  O   . ASN A 1 27  ? -9.001  6.358   9.404   1.00 27.45 ? 22   ASN X O   1 
ATOM   122  C  CB  . ASN A 1 27  ? -8.634  3.654   9.461   1.00 28.26 ? 22   ASN X CB  1 
ATOM   123  C  CG  . ASN A 1 27  ? -8.938  3.611   7.975   1.00 28.82 ? 22   ASN X CG  1 
ATOM   124  O  OD1 . ASN A 1 27  ? -8.374  4.378   7.191   1.00 27.13 ? 22   ASN X OD1 1 
ATOM   125  N  ND2 . ASN A 1 27  ? -9.835  2.709   7.576   1.00 28.80 ? 22   ASN X ND2 1 
ATOM   126  N  N   . SER A 1 28  ? -6.832  6.921   9.557   1.00 27.22 ? 23   SER X N   1 
ATOM   127  C  CA  . SER A 1 28  ? -7.120  8.338   9.382   1.00 27.02 ? 23   SER X CA  1 
ATOM   128  C  C   . SER A 1 28  ? -7.263  8.795   7.934   1.00 26.32 ? 23   SER X C   1 
ATOM   129  O  O   . SER A 1 28  ? -6.283  8.912   7.206   1.00 25.71 ? 23   SER X O   1 
ATOM   130  C  CB  . SER A 1 28  ? -6.056  9.200   10.049  1.00 27.19 ? 23   SER X CB  1 
ATOM   131  O  OG  . SER A 1 28  ? -6.162  10.545  9.580   1.00 27.83 ? 23   SER X OG  1 
ATOM   132  N  N   . ARG A 1 29  ? -8.489  9.070   7.531   1.00 26.91 ? 24   ARG X N   1 
ATOM   133  C  CA  . ARG A 1 29  ? -8.760  9.628   6.207   1.00 27.72 ? 24   ARG X CA  1 
ATOM   134  C  C   . ARG A 1 29  ? -7.936  10.892  5.938   1.00 26.99 ? 24   ARG X C   1 
ATOM   135  O  O   . ARG A 1 29  ? -7.343  11.013  4.885   1.00 27.30 ? 24   ARG X O   1 
ATOM   136  C  CB  . ARG A 1 29  ? -10.243 9.942   6.047   1.00 28.76 ? 24   ARG X CB  1 
ATOM   137  C  CG  . ARG A 1 29  ? -11.150 8.804   6.427   1.00 33.72 ? 24   ARG X CG  1 
ATOM   138  C  CD  . ARG A 1 29  ? -10.925 7.557   5.610   1.00 40.43 ? 24   ARG X CD  1 
ATOM   139  N  NE  . ARG A 1 29  ? -11.602 6.392   6.190   1.00 46.10 ? 24   ARG X NE  1 
ATOM   140  C  CZ  . ARG A 1 29  ? -12.128 5.390   5.499   1.00 47.49 ? 24   ARG X CZ  1 
ATOM   141  N  NH1 . ARG A 1 29  ? -12.078 5.371   4.172   1.00 48.25 ? 24   ARG X NH1 1 
ATOM   142  N  NH2 . ARG A 1 29  ? -12.707 4.401   6.153   1.00 47.95 ? 24   ARG X NH2 1 
ATOM   143  N  N   . PRO A 1 30  ? -7.927  11.846  6.865   1.00 26.34 ? 25   PRO X N   1 
ATOM   144  C  CA  . PRO A 1 30  ? -7.140  13.070  6.680   1.00 25.75 ? 25   PRO X CA  1 
ATOM   145  C  C   . PRO A 1 30  ? -5.684  12.801  6.357   1.00 24.72 ? 25   PRO X C   1 
ATOM   146  O  O   . PRO A 1 30  ? -5.148  13.350  5.399   1.00 24.05 ? 25   PRO X O   1 
ATOM   147  C  CB  . PRO A 1 30  ? -7.229  13.765  8.054   1.00 25.75 ? 25   PRO X CB  1 
ATOM   148  C  CG  . PRO A 1 30  ? -8.542  13.300  8.621   1.00 26.74 ? 25   PRO X CG  1 
ATOM   149  C  CD  . PRO A 1 30  ? -8.696  11.861  8.128   1.00 26.62 ? 25   PRO X CD  1 
ATOM   150  N  N   . ILE A 1 31  ? -5.043  11.985  7.183   1.00 23.81 ? 26   ILE X N   1 
ATOM   151  C  CA  . ILE A 1 31  ? -3.644  11.699  7.010   1.00 22.85 ? 26   ILE X CA  1 
ATOM   152  C  C   . ILE A 1 31  ? -3.448  11.009  5.673   1.00 22.26 ? 26   ILE X C   1 
ATOM   153  O  O   . ILE A 1 31  ? -2.593  11.407  4.869   1.00 21.52 ? 26   ILE X O   1 
ATOM   154  C  CB  . ILE A 1 31  ? -3.131  10.849  8.180   1.00 23.83 ? 26   ILE X CB  1 
ATOM   155  C  CG1 . ILE A 1 31  ? -2.989  11.699  9.448   1.00 24.95 ? 26   ILE X CG1 1 
ATOM   156  C  CG2 . ILE A 1 31  ? -1.809  10.158  7.830   1.00 22.26 ? 26   ILE X CG2 1 
ATOM   157  C  CD1 . ILE A 1 31  ? -2.738  10.868  10.728  1.00 26.46 ? 26   ILE X CD1 1 
ATOM   158  N  N   . ILE A 1 32  ? -4.271  10.010  5.399   1.00 21.42 ? 27   ILE X N   1 
ATOM   159  C  CA  . ILE A 1 32  ? -4.129  9.312   4.132   1.00 20.98 ? 27   ILE X CA  1 
ATOM   160  C  C   . ILE A 1 32  ? -4.279  10.292  2.983   1.00 21.26 ? 27   ILE X C   1 
ATOM   161  O  O   . ILE A 1 32  ? -3.478  10.297  2.037   1.00 21.27 ? 27   ILE X O   1 
ATOM   162  C  CB  . ILE A 1 32  ? -5.112  8.129   4.042   1.00 20.76 ? 27   ILE X CB  1 
ATOM   163  C  CG1 . ILE A 1 32  ? -4.583  6.985   4.909   1.00 19.71 ? 27   ILE X CG1 1 
ATOM   164  C  CG2 . ILE A 1 32  ? -5.281  7.664   2.586   1.00 19.06 ? 27   ILE X CG2 1 
ATOM   165  C  CD1 . ILE A 1 32  ? -5.558  5.872   5.119   1.00 19.46 ? 27   ILE X CD1 1 
ATOM   166  N  N   . THR A 1 33  ? -5.300  11.134  3.064   1.00 21.45 ? 28   THR X N   1 
ATOM   167  C  CA  . THR A 1 33  ? -5.540  12.117  2.021   1.00 22.07 ? 28   THR X CA  1 
ATOM   168  C  C   . THR A 1 33  ? -4.340  13.027  1.916   1.00 22.44 ? 28   THR X C   1 
ATOM   169  O  O   . THR A 1 33  ? -3.923  13.378  0.813   1.00 23.28 ? 28   THR X O   1 
ATOM   170  C  CB  . THR A 1 33  ? -6.805  12.932  2.329   1.00 21.95 ? 28   THR X CB  1 
ATOM   171  O  OG1 . THR A 1 33  ? -7.948  12.100  2.114   1.00 22.29 ? 28   THR X OG1 1 
ATOM   172  C  CG2 . THR A 1 33  ? -7.006  14.045  1.317   1.00 21.47 ? 28   THR X CG2 1 
ATOM   173  N  N   . THR A 1 34  ? -3.754  13.372  3.058   1.00 22.43 ? 29   THR X N   1 
ATOM   174  C  CA  . THR A 1 34  ? -2.608  14.279  3.063   1.00 22.55 ? 29   THR X CA  1 
ATOM   175  C  C   . THR A 1 34  ? -1.401  13.642  2.391   1.00 22.43 ? 29   THR X C   1 
ATOM   176  O  O   . THR A 1 34  ? -0.768  14.257  1.539   1.00 22.40 ? 29   THR X O   1 
ATOM   177  C  CB  . THR A 1 34  ? -2.259  14.694  4.485   1.00 23.11 ? 29   THR X CB  1 
ATOM   178  O  OG1 . THR A 1 34  ? -3.153  15.726  4.906   1.00 22.68 ? 29   THR X OG1 1 
ATOM   179  C  CG2 . THR A 1 34  ? -0.883  15.363  4.532   1.00 23.88 ? 29   THR X CG2 1 
ATOM   180  N  N   . LEU A 1 35  ? -1.085  12.407  2.757   1.00 22.17 ? 30   LEU X N   1 
ATOM   181  C  CA  . LEU A 1 35  ? 0.057   11.728  2.156   1.00 21.85 ? 30   LEU X CA  1 
ATOM   182  C  C   . LEU A 1 35  ? -0.116  11.625  0.641   1.00 22.44 ? 30   LEU X C   1 
ATOM   183  O  O   . LEU A 1 35  ? 0.854   11.783  -0.109  1.00 22.49 ? 30   LEU X O   1 
ATOM   184  C  CB  . LEU A 1 35  ? 0.259   10.343  2.767   1.00 21.31 ? 30   LEU X CB  1 
ATOM   185  C  CG  . LEU A 1 35  ? 0.679   10.273  4.248   1.00 20.48 ? 30   LEU X CG  1 
ATOM   186  C  CD1 . LEU A 1 35  ? 0.343   8.913   4.863   1.00 19.60 ? 30   LEU X CD1 1 
ATOM   187  C  CD2 . LEU A 1 35  ? 2.140   10.580  4.406   1.00 20.15 ? 30   LEU X CD2 1 
ATOM   188  N  N   . THR A 1 36  ? -1.362  11.412  0.217   1.00 22.57 ? 31   THR X N   1 
ATOM   189  C  CA  . THR A 1 36  ? -1.716  11.202  -1.173  1.00 23.49 ? 31   THR X CA  1 
ATOM   190  C  C   . THR A 1 36  ? -1.458  12.488  -1.964  1.00 24.19 ? 31   THR X C   1 
ATOM   191  O  O   . THR A 1 36  ? -0.995  12.443  -3.105  1.00 22.91 ? 31   THR X O   1 
ATOM   192  C  CB  . THR A 1 36  ? -3.192  10.790  -1.314  1.00 23.57 ? 31   THR X CB  1 
ATOM   193  O  OG1 . THR A 1 36  ? -3.380  9.450   -0.807  1.00 25.54 ? 31   THR X OG1 1 
ATOM   194  C  CG2 . THR A 1 36  ? -3.583  10.706  -2.797  1.00 22.47 ? 31   THR X CG2 1 
ATOM   195  N  N   . LYS A 1 37  ? -1.759  13.633  -1.355  1.00 24.53 ? 32   LYS X N   1 
ATOM   196  C  CA  . LYS A 1 37  ? -1.522  14.918  -2.008  1.00 25.03 ? 32   LYS X CA  1 
ATOM   197  C  C   . LYS A 1 37  ? -0.015  15.153  -2.145  1.00 25.07 ? 32   LYS X C   1 
ATOM   198  O  O   . LYS A 1 37  ? 0.464   15.539  -3.209  1.00 25.04 ? 32   LYS X O   1 
ATOM   199  C  CB  . LYS A 1 37  ? -2.194  16.064  -1.238  1.00 25.45 ? 32   LYS X CB  1 
ATOM   200  C  CG  . LYS A 1 37  ? -2.309  17.411  -1.992  1.00 25.79 ? 32   LYS X CG  1 
ATOM   201  C  CD  . LYS A 1 37  ? -3.204  18.390  -1.177  1.00 29.06 ? 32   LYS X CD  1 
ATOM   202  C  CE  . LYS A 1 37  ? -3.233  19.814  -1.757  1.00 29.46 ? 32   LYS X CE  1 
ATOM   203  N  NZ  . LYS A 1 37  ? -1.984  20.551  -1.454  1.00 32.08 ? 32   LYS X NZ  1 
ATOM   204  N  N   . LEU A 1 38  ? 0.740   14.893  -1.081  1.00 25.02 ? 33   LEU X N   1 
ATOM   205  C  CA  . LEU A 1 38  ? 2.191   15.090  -1.119  1.00 26.17 ? 33   LEU X CA  1 
ATOM   206  C  C   . LEU A 1 38  ? 2.857   14.296  -2.241  1.00 26.42 ? 33   LEU X C   1 
ATOM   207  O  O   . LEU A 1 38  ? 3.759   14.792  -2.914  1.00 26.77 ? 33   LEU X O   1 
ATOM   208  C  CB  . LEU A 1 38  ? 2.847   14.750  0.228   1.00 25.76 ? 33   LEU X CB  1 
ATOM   209  C  CG  . LEU A 1 38  ? 2.605   15.789  1.320   1.00 27.14 ? 33   LEU X CG  1 
ATOM   210  C  CD1 . LEU A 1 38  ? 3.005   15.259  2.684   1.00 26.32 ? 33   LEU X CD1 1 
ATOM   211  C  CD2 . LEU A 1 38  ? 3.341   17.108  1.004   1.00 29.09 ? 33   LEU X CD2 1 
ATOM   212  N  N   . ALA A 1 39  ? 2.412   13.058  -2.421  1.00 26.50 ? 34   ALA X N   1 
ATOM   213  C  CA  . ALA A 1 39  ? 2.959   12.186  -3.452  1.00 26.45 ? 34   ALA X CA  1 
ATOM   214  C  C   . ALA A 1 39  ? 2.572   12.705  -4.847  1.00 26.87 ? 34   ALA X C   1 
ATOM   215  O  O   . ALA A 1 39  ? 3.384   12.736  -5.783  1.00 26.20 ? 34   ALA X O   1 
ATOM   216  C  CB  . ALA A 1 39  ? 2.454   10.768  -3.258  1.00 26.11 ? 34   ALA X CB  1 
ATOM   217  N  N   . GLU A 1 40  ? 1.313   13.106  -4.957  1.00 27.25 ? 35   GLU X N   1 
ATOM   218  C  CA  . GLU A 1 40  ? 0.795   13.661  -6.186  1.00 29.07 ? 35   GLU X CA  1 
ATOM   219  C  C   . GLU A 1 40  ? 1.579   14.907  -6.621  1.00 29.90 ? 35   GLU X C   1 
ATOM   220  O  O   . GLU A 1 40  ? 1.921   15.037  -7.787  1.00 30.77 ? 35   GLU X O   1 
ATOM   221  C  CB  . GLU A 1 40  ? -0.685  14.019  -6.030  1.00 28.93 ? 35   GLU X CB  1 
ATOM   222  C  CG  . GLU A 1 40  ? -1.253  14.838  -7.174  1.00 28.77 ? 35   GLU X CG  1 
ATOM   223  C  CD  . GLU A 1 40  ? -2.676  15.289  -6.923  1.00 31.05 ? 35   GLU X CD  1 
ATOM   224  O  OE1 . GLU A 1 40  ? -3.006  15.614  -5.759  1.00 31.43 ? 35   GLU X OE1 1 
ATOM   225  O  OE2 . GLU A 1 40  ? -3.463  15.334  -7.894  1.00 31.78 ? 35   GLU X OE2 1 
ATOM   226  N  N   . GLU A 1 41  ? 1.898   15.791  -5.681  1.00 30.65 ? 36   GLU X N   1 
ATOM   227  C  CA  . GLU A 1 41  ? 2.571   17.050  -6.021  1.00 32.05 ? 36   GLU X CA  1 
ATOM   228  C  C   . GLU A 1 41  ? 4.088   16.957  -6.110  1.00 32.42 ? 36   GLU X C   1 
ATOM   229  O  O   . GLU A 1 41  ? 4.735   17.858  -6.631  1.00 32.01 ? 36   GLU X O   1 
ATOM   230  C  CB  . GLU A 1 41  ? 2.194   18.161  -5.032  1.00 31.46 ? 36   GLU X CB  1 
ATOM   231  C  CG  . GLU A 1 41  ? 0.690   18.348  -4.874  1.00 33.89 ? 36   GLU X CG  1 
ATOM   232  C  CD  . GLU A 1 41  ? 0.323   19.277  -3.731  1.00 36.02 ? 36   GLU X CD  1 
ATOM   233  O  OE1 . GLU A 1 41  ? 1.084   19.346  -2.742  1.00 37.82 ? 36   GLU X OE1 1 
ATOM   234  O  OE2 . GLU A 1 41  ? -0.731  19.935  -3.821  1.00 34.52 ? 36   GLU X OE2 1 
ATOM   235  N  N   . ASN A 1 42  ? 4.667   15.884  -5.589  1.00 33.20 ? 37   ASN X N   1 
ATOM   236  C  CA  . ASN A 1 42  ? 6.116   15.765  -5.622  1.00 33.94 ? 37   ASN X CA  1 
ATOM   237  C  C   . ASN A 1 42  ? 6.623   14.498  -6.326  1.00 34.15 ? 37   ASN X C   1 
ATOM   238  O  O   . ASN A 1 42  ? 7.377   13.706  -5.744  1.00 33.68 ? 37   ASN X O   1 
ATOM   239  C  CB  . ASN A 1 42  ? 6.678   15.915  -4.209  1.00 34.18 ? 37   ASN X CB  1 
ATOM   240  C  CG  . ASN A 1 42  ? 6.186   17.189  -3.525  1.00 36.57 ? 37   ASN X CG  1 
ATOM   241  O  OD1 . ASN A 1 42  ? 6.805   18.259  -3.636  1.00 37.81 ? 37   ASN X OD1 1 
ATOM   242  N  ND2 . ASN A 1 42  ? 5.053   17.087  -2.841  1.00 37.93 ? 37   ASN X ND2 1 
ATOM   243  N  N   . ILE A 1 43  ? 6.218   14.330  -7.585  1.00 34.87 ? 38   ILE X N   1 
ATOM   244  C  CA  . ILE A 1 43  ? 6.611   13.157  -8.389  1.00 36.31 ? 38   ILE X CA  1 
ATOM   245  C  C   . ILE A 1 43  ? 8.122   12.959  -8.407  1.00 36.90 ? 38   ILE X C   1 
ATOM   246  O  O   . ILE A 1 43  ? 8.613   11.835  -8.474  1.00 37.28 ? 38   ILE X O   1 
ATOM   247  C  CB  . ILE A 1 43  ? 6.077   13.248  -9.837  1.00 36.35 ? 38   ILE X CB  1 
ATOM   248  C  CG1 . ILE A 1 43  ? 4.559   13.388  -9.840  1.00 36.79 ? 38   ILE X CG1 1 
ATOM   249  C  CG2 . ILE A 1 43  ? 6.478   12.009  -10.640 1.00 35.94 ? 38   ILE X CG2 1 
ATOM   250  C  CD1 . ILE A 1 43  ? 3.861   12.245  -9.175  1.00 34.75 ? 38   ILE X CD1 1 
ATOM   251  N  N   . SER A 1 44  ? 8.855   14.057  -8.317  1.00 37.63 ? 39   SER X N   1 
ATOM   252  C  CA  . SER A 1 44  ? 10.307  13.998  -8.274  1.00 38.59 ? 39   SER X CA  1 
ATOM   253  C  C   . SER A 1 44  ? 10.785  13.163  -7.084  1.00 38.63 ? 39   SER X C   1 
ATOM   254  O  O   . SER A 1 44  ? 11.835  12.527  -7.142  1.00 39.03 ? 39   SER X O   1 
ATOM   255  C  CB  . SER A 1 44  ? 10.896  15.417  -8.193  1.00 38.67 ? 39   SER X CB  1 
ATOM   256  O  OG  . SER A 1 44  ? 10.226  16.204  -7.211  1.00 38.98 ? 39   SER X OG  1 
ATOM   257  N  N   . CYS A 1 45  ? 10.010  13.169  -6.008  1.00 38.59 ? 40   CYS X N   1 
ATOM   258  C  CA  . CYS A 1 45  ? 10.387  12.454  -4.795  1.00 38.82 ? 40   CYS X CA  1 
ATOM   259  C  C   . CYS A 1 45  ? 9.764   11.065  -4.722  1.00 38.29 ? 40   CYS X C   1 
ATOM   260  O  O   . CYS A 1 45  ? 9.812   10.402  -3.695  1.00 37.91 ? 40   CYS X O   1 
ATOM   261  C  CB  . CYS A 1 45  ? 9.983   13.269  -3.570  1.00 38.98 ? 40   CYS X CB  1 
ATOM   262  S  SG  . CYS A 1 45  ? 10.861  14.832  -3.461  1.00 40.57 ? 40   CYS X SG  1 
ATOM   263  N  N   . ALA A 1 46  ? 9.161   10.635  -5.814  1.00 38.05 ? 41   ALA X N   1 
ATOM   264  C  CA  . ALA A 1 46  ? 8.574   9.316   -5.831  1.00 38.26 ? 41   ALA X CA  1 
ATOM   265  C  C   . ALA A 1 46  ? 9.707   8.308   -5.693  1.00 37.92 ? 41   ALA X C   1 
ATOM   266  O  O   . ALA A 1 46  ? 10.743  8.413   -6.360  1.00 39.22 ? 41   ALA X O   1 
ATOM   267  C  CB  . ALA A 1 46  ? 7.792   9.085   -7.111  1.00 37.86 ? 41   ALA X CB  1 
ATOM   268  N  N   . GLN A 1 47  ? 9.503   7.338   -4.819  1.00 37.01 ? 42   GLN X N   1 
ATOM   269  C  CA  . GLN A 1 47  ? 10.516  6.330   -4.548  1.00 35.83 ? 42   GLN X CA  1 
ATOM   270  C  C   . GLN A 1 47  ? 10.984  6.512   -3.137  1.00 35.05 ? 42   GLN X C   1 
ATOM   271  O  O   . GLN A 1 47  ? 11.108  5.537   -2.408  1.00 35.01 ? 42   GLN X O   1 
ATOM   272  C  CB  . GLN A 1 47  ? 11.697  6.410   -5.510  1.00 35.67 ? 42   GLN X CB  1 
ATOM   273  C  CG  . GLN A 1 47  ? 12.611  5.203   -5.408  1.00 33.61 ? 42   GLN X CG  1 
ATOM   274  C  CD  . GLN A 1 47  ? 11.837  3.885   -5.465  1.00 33.10 ? 42   GLN X CD  1 
ATOM   275  O  OE1 . GLN A 1 47  ? 11.400  3.471   -6.537  1.00 32.03 ? 42   GLN X OE1 1 
ATOM   276  N  NE2 . GLN A 1 47  ? 11.671  3.226   -4.308  1.00 31.00 ? 42   GLN X NE2 1 
ATOM   277  N  N   . TYR A 1 48  ? 11.257  7.766   -2.778  1.00 34.18 ? 43   TYR X N   1 
ATOM   278  C  CA  . TYR A 1 48  ? 11.552  8.131   -1.401  1.00 33.91 ? 43   TYR X CA  1 
ATOM   279  C  C   . TYR A 1 48  ? 10.231  7.940   -0.640  1.00 32.48 ? 43   TYR X C   1 
ATOM   280  O  O   . TYR A 1 48  ? 10.210  7.377   0.444   1.00 32.18 ? 43   TYR X O   1 
ATOM   281  C  CB  . TYR A 1 48  ? 12.062  9.583   -1.293  1.00 34.43 ? 43   TYR X CB  1 
ATOM   282  C  CG  . TYR A 1 48  ? 13.543  9.772   -1.611  1.00 37.97 ? 43   TYR X CG  1 
ATOM   283  C  CD1 . TYR A 1 48  ? 13.974  10.777  -2.481  1.00 40.97 ? 43   TYR X CD1 1 
ATOM   284  C  CD2 . TYR A 1 48  ? 14.502  8.942   -1.049  1.00 41.88 ? 43   TYR X CD2 1 
ATOM   285  C  CE1 . TYR A 1 48  ? 15.332  10.956  -2.775  1.00 43.93 ? 43   TYR X CE1 1 
ATOM   286  C  CE2 . TYR A 1 48  ? 15.855  9.098   -1.342  1.00 44.03 ? 43   TYR X CE2 1 
ATOM   287  C  CZ  . TYR A 1 48  ? 16.266  10.115  -2.200  1.00 45.46 ? 43   TYR X CZ  1 
ATOM   288  O  OH  . TYR A 1 48  ? 17.605  10.298  -2.494  1.00 47.86 ? 43   TYR X OH  1 
ATOM   289  N  N   . PHE A 1 49  ? 9.129   8.403   -1.227  1.00 30.66 ? 44   PHE X N   1 
ATOM   290  C  CA  . PHE A 1 49  ? 7.802   8.193   -0.642  1.00 29.14 ? 44   PHE X CA  1 
ATOM   291  C  C   . PHE A 1 49  ? 7.487   6.685   -0.560  1.00 27.84 ? 44   PHE X C   1 
ATOM   292  O  O   . PHE A 1 49  ? 7.078   6.172   0.484   1.00 26.51 ? 44   PHE X O   1 
ATOM   293  C  CB  . PHE A 1 49  ? 6.729   8.938   -1.456  1.00 28.73 ? 44   PHE X CB  1 
ATOM   294  C  CG  . PHE A 1 49  ? 6.832   10.461  -1.379  1.00 28.15 ? 44   PHE X CG  1 
ATOM   295  C  CD1 . PHE A 1 49  ? 6.279   11.253  -2.370  1.00 26.84 ? 44   PHE X CD1 1 
ATOM   296  C  CD2 . PHE A 1 49  ? 7.467   11.096  -0.304  1.00 27.38 ? 44   PHE X CD2 1 
ATOM   297  C  CE1 . PHE A 1 49  ? 6.361   12.656  -2.300  1.00 26.94 ? 44   PHE X CE1 1 
ATOM   298  C  CE2 . PHE A 1 49  ? 7.548   12.491  -0.238  1.00 26.02 ? 44   PHE X CE2 1 
ATOM   299  C  CZ  . PHE A 1 49  ? 6.992   13.264  -1.231  1.00 24.27 ? 44   PHE X CZ  1 
ATOM   300  N  N   . VAL A 1 50  ? 7.686   5.988   -1.675  1.00 27.64 ? 45   VAL X N   1 
ATOM   301  C  CA  . VAL A 1 50  ? 7.521   4.540   -1.733  1.00 27.54 ? 45   VAL X CA  1 
ATOM   302  C  C   . VAL A 1 50  ? 8.456   3.922   -0.700  1.00 27.74 ? 45   VAL X C   1 
ATOM   303  O  O   . VAL A 1 50  ? 8.056   3.071   0.094   1.00 28.15 ? 45   VAL X O   1 
ATOM   304  C  CB  . VAL A 1 50  ? 7.893   3.985   -3.105  1.00 27.74 ? 45   VAL X CB  1 
ATOM   305  C  CG1 . VAL A 1 50  ? 8.036   2.482   -3.042  1.00 27.01 ? 45   VAL X CG1 1 
ATOM   306  C  CG2 . VAL A 1 50  ? 6.865   4.393   -4.162  1.00 28.04 ? 45   VAL X CG2 1 
ATOM   307  N  N   . ASP A 1 51  ? 9.698   4.379   -0.682  1.00 27.56 ? 46   ASP X N   1 
ATOM   308  C  CA  . ASP A 1 51  ? 10.648  3.880   0.297   1.00 27.91 ? 46   ASP X CA  1 
ATOM   309  C  C   . ASP A 1 51  ? 10.068  4.028   1.689   1.00 27.37 ? 46   ASP X C   1 
ATOM   310  O  O   . ASP A 1 51  ? 10.170  3.128   2.521   1.00 27.83 ? 46   ASP X O   1 
ATOM   311  C  CB  . ASP A 1 51  ? 11.958  4.682   0.272   1.00 28.24 ? 46   ASP X CB  1 
ATOM   312  C  CG  . ASP A 1 51  ? 12.919  4.211   -0.805  1.00 29.84 ? 46   ASP X CG  1 
ATOM   313  O  OD1 . ASP A 1 51  ? 12.636  3.197   -1.479  1.00 30.95 ? 46   ASP X OD1 1 
ATOM   314  O  OD2 . ASP A 1 51  ? 13.991  4.814   -1.043  1.00 32.33 ? 46   ASP X OD2 1 
ATOM   315  N  N   . ALA A 1 52  ? 9.500   5.192   1.958   1.00 26.11 ? 47   ALA X N   1 
ATOM   316  C  CA  . ALA A 1 52  ? 8.984   5.494   3.291   1.00 25.66 ? 47   ALA X CA  1 
ATOM   317  C  C   . ALA A 1 52  ? 7.734   4.680   3.673   1.00 24.68 ? 47   ALA X C   1 
ATOM   318  O  O   . ALA A 1 52  ? 7.615   4.236   4.818   1.00 24.83 ? 47   ALA X O   1 
ATOM   319  C  CB  . ALA A 1 52  ? 8.709   6.993   3.434   1.00 24.89 ? 47   ALA X CB  1 
ATOM   320  N  N   . ILE A 1 53  ? 6.801   4.514   2.738   1.00 24.11 ? 48   ILE X N   1 
ATOM   321  C  CA  . ILE A 1 53  ? 5.611   3.699   2.991   1.00 23.88 ? 48   ILE X CA  1 
ATOM   322  C  C   . ILE A 1 53  ? 6.009   2.230   3.227   1.00 24.45 ? 48   ILE X C   1 
ATOM   323  O  O   . ILE A 1 53  ? 5.481   1.572   4.136   1.00 24.01 ? 48   ILE X O   1 
ATOM   324  C  CB  . ILE A 1 53  ? 4.629   3.761   1.798   1.00 23.93 ? 48   ILE X CB  1 
ATOM   325  C  CG1 . ILE A 1 53  ? 4.063   5.170   1.583   1.00 23.29 ? 48   ILE X CG1 1 
ATOM   326  C  CG2 . ILE A 1 53  ? 3.517   2.703   1.941   1.00 23.30 ? 48   ILE X CG2 1 
ATOM   327  C  CD1 . ILE A 1 53  ? 3.022   5.584   2.558   1.00 21.77 ? 48   ILE X CD1 1 
ATOM   328  N  N   . GLU A 1 54  ? 6.929   1.719   2.408   1.00 24.88 ? 49   GLU X N   1 
ATOM   329  C  CA  . GLU A 1 54  ? 7.359   0.316   2.516   1.00 26.37 ? 49   GLU X CA  1 
ATOM   330  C  C   . GLU A 1 54  ? 8.060   0.087   3.835   1.00 27.65 ? 49   GLU X C   1 
ATOM   331  O  O   . GLU A 1 54  ? 7.825   -0.925  4.511   1.00 27.29 ? 49   GLU X O   1 
ATOM   332  C  CB  . GLU A 1 54  ? 8.256   -0.105  1.351   1.00 25.79 ? 49   GLU X CB  1 
ATOM   333  C  CG  . GLU A 1 54  ? 7.595   0.065   -0.014  1.00 25.98 ? 49   GLU X CG  1 
ATOM   334  C  CD  . GLU A 1 54  ? 8.180   -0.821  -1.109  1.00 26.57 ? 49   GLU X CD  1 
ATOM   335  O  OE1 . GLU A 1 54  ? 9.265   -1.406  -0.909  1.00 27.82 ? 49   GLU X OE1 1 
ATOM   336  O  OE2 . GLU A 1 54  ? 7.541   -0.938  -2.186  1.00 26.99 ? 49   GLU X OE2 1 
ATOM   337  N  N   . SER A 1 55  ? 8.889   1.055   4.224   1.00 28.96 ? 50   SER X N   1 
ATOM   338  C  CA  . SER A 1 55  ? 9.607   0.956   5.477   1.00 30.24 ? 50   SER X CA  1 
ATOM   339  C  C   . SER A 1 55  ? 8.592   0.849   6.608   1.00 31.25 ? 50   SER X C   1 
ATOM   340  O  O   . SER A 1 55  ? 8.709   -0.001  7.498   1.00 31.39 ? 50   SER X O   1 
ATOM   341  C  CB  . SER A 1 55  ? 10.506  2.177   5.670   1.00 30.22 ? 50   SER X CB  1 
ATOM   342  O  OG  . SER A 1 55  ? 11.390  1.991   6.758   1.00 32.32 ? 50   SER X OG  1 
ATOM   343  N  N   . ARG A 1 56  ? 7.592   1.724   6.566   1.00 32.31 ? 51   ARG X N   1 
ATOM   344  C  CA  . ARG A 1 56  ? 6.557   1.744   7.581   1.00 33.24 ? 51   ARG X CA  1 
ATOM   345  C  C   . ARG A 1 56  ? 5.832   0.396   7.622   1.00 33.21 ? 51   ARG X C   1 
ATOM   346  O  O   . ARG A 1 56  ? 5.698   -0.212  8.688   1.00 32.33 ? 51   ARG X O   1 
ATOM   347  C  CB  . ARG A 1 56  ? 5.585   2.895   7.317   1.00 33.83 ? 51   ARG X CB  1 
ATOM   348  C  CG  . ARG A 1 56  ? 4.453   3.036   8.334   1.00 36.61 ? 51   ARG X CG  1 
ATOM   349  C  CD  . ARG A 1 56  ? 4.909   3.241   9.770   1.00 39.72 ? 51   ARG X CD  1 
ATOM   350  N  NE  . ARG A 1 56  ? 3.885   3.928   10.557  1.00 42.79 ? 51   ARG X NE  1 
ATOM   351  C  CZ  . ARG A 1 56  ? 3.941   4.118   11.870  1.00 44.77 ? 51   ARG X CZ  1 
ATOM   352  N  NH1 . ARG A 1 56  ? 4.972   3.657   12.568  1.00 45.00 ? 51   ARG X NH1 1 
ATOM   353  N  NH2 . ARG A 1 56  ? 2.964   4.767   12.488  1.00 46.70 ? 51   ARG X NH2 1 
ATOM   354  N  N   . ILE A 1 57  ? 5.407   -0.081  6.457   1.00 33.37 ? 52   ILE X N   1 
ATOM   355  C  CA  . ILE A 1 57  ? 4.730   -1.373  6.380   1.00 34.02 ? 52   ILE X CA  1 
ATOM   356  C  C   . ILE A 1 57  ? 5.582   -2.486  6.974   1.00 34.93 ? 52   ILE X C   1 
ATOM   357  O  O   . ILE A 1 57  ? 5.085   -3.353  7.712   1.00 34.87 ? 52   ILE X O   1 
ATOM   358  C  CB  . ILE A 1 57  ? 4.372   -1.744  4.922   1.00 33.61 ? 52   ILE X CB  1 
ATOM   359  C  CG1 . ILE A 1 57  ? 3.252   -0.846  4.383   1.00 33.16 ? 52   ILE X CG1 1 
ATOM   360  C  CG2 . ILE A 1 57  ? 3.956   -3.199  4.860   1.00 32.45 ? 52   ILE X CG2 1 
ATOM   361  C  CD1 . ILE A 1 57  ? 3.026   -0.965  2.895   1.00 31.04 ? 52   ILE X CD1 1 
ATOM   362  N  N   . GLU A 1 58  ? 6.866   -2.469  6.646   1.00 36.24 ? 53   GLU X N   1 
ATOM   363  C  CA  . GLU A 1 58  ? 7.750   -3.534  7.111   1.00 37.86 ? 53   GLU X CA  1 
ATOM   364  C  C   . GLU A 1 58  ? 8.122   -3.460  8.590   1.00 37.68 ? 53   GLU X C   1 
ATOM   365  O  O   . GLU A 1 58  ? 8.410   -4.489  9.190   1.00 38.10 ? 53   GLU X O   1 
ATOM   366  C  CB  . GLU A 1 58  ? 9.021   -3.653  6.252   1.00 38.18 ? 53   GLU X CB  1 
ATOM   367  C  CG  . GLU A 1 58  ? 10.095  -4.499  6.927   1.00 41.09 ? 53   GLU X CG  1 
ATOM   368  C  CD  . GLU A 1 58  ? 11.257  -4.859  6.023   1.00 45.37 ? 53   GLU X CD  1 
ATOM   369  O  OE1 . GLU A 1 58  ? 12.127  -3.974  5.810   1.00 46.08 ? 53   GLU X OE1 1 
ATOM   370  O  OE2 . GLU A 1 58  ? 11.299  -6.027  5.541   1.00 47.38 ? 53   GLU X OE2 1 
ATOM   371  N  N   . LYS A 1 59  ? 8.099   -2.267  9.184   1.00 37.64 ? 54   LYS X N   1 
ATOM   372  C  CA  . LYS A 1 59  ? 8.583   -2.117  10.565  1.00 37.91 ? 54   LYS X CA  1 
ATOM   373  C  C   . LYS A 1 59  ? 7.565   -1.823  11.679  1.00 37.31 ? 54   LYS X C   1 
ATOM   374  O  O   . LYS A 1 59  ? 7.815   -2.160  12.822  1.00 37.37 ? 54   LYS X O   1 
ATOM   375  C  CB  . LYS A 1 59  ? 9.720   -1.077  10.638  1.00 38.50 ? 54   LYS X CB  1 
ATOM   376  C  CG  . LYS A 1 59  ? 10.868  -1.315  9.656   1.00 41.07 ? 54   LYS X CG  1 
ATOM   377  C  CD  . LYS A 1 59  ? 12.094  -0.493  10.033  1.00 46.45 ? 54   LYS X CD  1 
ATOM   378  C  CE  . LYS A 1 59  ? 12.942  -0.113  8.817   1.00 47.83 ? 54   LYS X CE  1 
ATOM   379  N  NZ  . LYS A 1 59  ? 13.895  0.965   9.228   1.00 48.97 ? 54   LYS X NZ  1 
ATOM   380  N  N   . CYS A 1 60  ? 6.444   -1.178  11.378  1.00 36.61 ? 55   CYS X N   1 
ATOM   381  C  CA  . CYS A 1 60  ? 5.494   -0.844  12.438  1.00 36.19 ? 55   CYS X CA  1 
ATOM   382  C  C   . CYS A 1 60  ? 4.847   -2.098  13.047  1.00 36.74 ? 55   CYS X C   1 
ATOM   383  O  O   . CYS A 1 60  ? 5.059   -3.217  12.563  1.00 36.80 ? 55   CYS X O   1 
ATOM   384  C  CB  . CYS A 1 60  ? 4.428   0.142   11.938  1.00 35.62 ? 55   CYS X CB  1 
ATOM   385  S  SG  . CYS A 1 60  ? 3.249   -0.532  10.717  1.00 32.97 ? 55   CYS X SG  1 
HETATM 386  N  N   . MSE A 1 61  ? 4.085   -1.903  14.120  1.00 37.25 ? 56   MSE X N   1 
HETATM 387  C  CA  . MSE A 1 61  ? 3.383   -2.998  14.793  1.00 38.37 ? 56   MSE X CA  1 
HETATM 388  C  C   . MSE A 1 61  ? 2.346   -3.626  13.862  1.00 36.86 ? 56   MSE X C   1 
HETATM 389  O  O   . MSE A 1 61  ? 1.678   -2.922  13.109  1.00 35.85 ? 56   MSE X O   1 
HETATM 390  C  CB  . MSE A 1 61  ? 2.680   -2.498  16.053  1.00 39.41 ? 56   MSE X CB  1 
HETATM 391  C  CG  . MSE A 1 61  ? 3.210   -1.181  16.563  1.00 47.12 ? 56   MSE X CG  1 
HETATM 392  SE SE  . MSE A 1 61  ? 2.614   -0.761  18.389  1.00 64.67 ? 56   MSE X SE  1 
HETATM 393  C  CE  . MSE A 1 61  ? 0.751   -0.364  18.071  1.00 60.45 ? 56   MSE X CE  1 
ATOM   394  N  N   . PRO A 1 62  ? 2.221   -4.948  13.948  1.00 35.88 ? 57   PRO X N   1 
ATOM   395  C  CA  . PRO A 1 62  ? 1.330   -5.732  13.090  1.00 35.39 ? 57   PRO X CA  1 
ATOM   396  C  C   . PRO A 1 62  ? -0.070  -5.162  12.931  1.00 34.81 ? 57   PRO X C   1 
ATOM   397  O  O   . PRO A 1 62  ? -0.708  -5.330  11.886  1.00 34.38 ? 57   PRO X O   1 
ATOM   398  C  CB  . PRO A 1 62  ? 1.267   -7.079  13.811  1.00 35.58 ? 57   PRO X CB  1 
ATOM   399  C  CG  . PRO A 1 62  ? 2.660   -7.206  14.440  1.00 36.25 ? 57   PRO X CG  1 
ATOM   400  C  CD  . PRO A 1 62  ? 2.979   -5.796  14.888  1.00 35.96 ? 57   PRO X CD  1 
ATOM   401  N  N   . LYS A 1 63  ? -0.534  -4.486  13.975  1.00 33.87 ? 58   LYS X N   1 
ATOM   402  C  CA  . LYS A 1 63  ? -1.889  -3.963  13.993  1.00 33.40 ? 58   LYS X CA  1 
ATOM   403  C  C   . LYS A 1 63  ? -2.069  -2.589  13.374  1.00 32.05 ? 58   LYS X C   1 
ATOM   404  O  O   . LYS A 1 63  ? -3.185  -2.089  13.347  1.00 32.13 ? 58   LYS X O   1 
ATOM   405  C  CB  . LYS A 1 63  ? -2.499  -3.991  15.405  1.00 34.29 ? 58   LYS X CB  1 
ATOM   406  C  CG  . LYS A 1 63  ? -1.652  -3.346  16.505  1.00 36.31 ? 58   LYS X CG  1 
ATOM   407  C  CD  . LYS A 1 63  ? -2.558  -2.845  17.627  1.00 40.77 ? 58   LYS X CD  1 
ATOM   408  C  CE  . LYS A 1 63  ? -3.281  -1.577  17.166  1.00 43.29 ? 58   LYS X CE  1 
ATOM   409  N  NZ  . LYS A 1 63  ? -4.523  -1.288  17.938  1.00 46.02 ? 58   LYS X NZ  1 
ATOM   410  N  N   . GLN A 1 64  ? -0.990  -1.981  12.883  1.00 30.62 ? 59   GLN X N   1 
ATOM   411  C  CA  . GLN A 1 64  ? -1.097  -0.700  12.163  1.00 29.17 ? 59   GLN X CA  1 
ATOM   412  C  C   . GLN A 1 64  ? -0.503  -0.774  10.757  1.00 27.71 ? 59   GLN X C   1 
ATOM   413  O  O   . GLN A 1 64  ? -0.535  0.203   10.000  1.00 27.73 ? 59   GLN X O   1 
ATOM   414  C  CB  . GLN A 1 64  ? -0.452  0.439   12.952  1.00 29.29 ? 59   GLN X CB  1 
ATOM   415  C  CG  . GLN A 1 64  ? -0.849  0.434   14.444  1.00 30.93 ? 59   GLN X CG  1 
ATOM   416  C  CD  . GLN A 1 64  ? -0.256  1.592   15.231  1.00 31.89 ? 59   GLN X CD  1 
ATOM   417  O  OE1 . GLN A 1 64  ? 0.773   2.148   14.843  1.00 31.84 ? 59   GLN X OE1 1 
ATOM   418  N  NE2 . GLN A 1 64  ? -0.903  1.954   16.339  1.00 32.59 ? 59   GLN X NE2 1 
ATOM   419  N  N   . LYS A 1 65  ? 0.035   -1.938  10.404  1.00 25.56 ? 60   LYS X N   1 
ATOM   420  C  CA  . LYS A 1 65  ? 0.590   -2.128  9.062   1.00 24.01 ? 60   LYS X CA  1 
ATOM   421  C  C   . LYS A 1 65  ? -0.483  -1.903  8.013   1.00 23.45 ? 60   LYS X C   1 
ATOM   422  O  O   . LYS A 1 65  ? -0.211  -1.412  6.902   1.00 23.97 ? 60   LYS X O   1 
ATOM   423  C  CB  . LYS A 1 65  ? 1.161   -3.536  8.892   1.00 23.69 ? 60   LYS X CB  1 
ATOM   424  C  CG  . LYS A 1 65  ? 2.307   -3.876  9.802   1.00 20.69 ? 60   LYS X CG  1 
ATOM   425  C  CD  . LYS A 1 65  ? 2.831   -5.276  9.475   1.00 20.30 ? 60   LYS X CD  1 
ATOM   426  C  CE  . LYS A 1 65  ? 3.921   -5.717  10.437  1.00 20.17 ? 60   LYS X CE  1 
ATOM   427  N  NZ  . LYS A 1 65  ? 5.208   -4.984  10.182  1.00 20.91 ? 60   LYS X NZ  1 
ATOM   428  N  N   . LEU A 1 66  ? -1.711  -2.269  8.357   1.00 21.60 ? 61   LEU X N   1 
ATOM   429  C  CA  . LEU A 1 66  ? -2.826  -2.112  7.444   1.00 20.95 ? 61   LEU X CA  1 
ATOM   430  C  C   . LEU A 1 66  ? -3.052  -0.674  6.981   1.00 20.33 ? 61   LEU X C   1 
ATOM   431  O  O   . LEU A 1 66  ? -3.304  -0.436  5.797   1.00 19.89 ? 61   LEU X O   1 
ATOM   432  C  CB  . LEU A 1 66  ? -4.122  -2.663  8.037   1.00 20.12 ? 61   LEU X CB  1 
ATOM   433  C  CG  . LEU A 1 66  ? -5.330  -2.471  7.111   1.00 21.01 ? 61   LEU X CG  1 
ATOM   434  C  CD1 . LEU A 1 66  ? -5.257  -3.445  5.958   1.00 17.29 ? 61   LEU X CD1 1 
ATOM   435  C  CD2 . LEU A 1 66  ? -6.572  -2.777  7.942   1.00 23.43 ? 61   LEU X CD2 1 
ATOM   436  N  N   . TYR A 1 67  ? -2.983  0.283   7.901   1.00 19.93 ? 62   TYR X N   1 
ATOM   437  C  CA  . TYR A 1 67  ? -3.229  1.679   7.530   1.00 19.78 ? 62   TYR X CA  1 
ATOM   438  C  C   . TYR A 1 67  ? -2.137  2.198   6.581   1.00 19.27 ? 62   TYR X C   1 
ATOM   439  O  O   . TYR A 1 67  ? -2.416  2.993   5.684   1.00 18.56 ? 62   TYR X O   1 
ATOM   440  C  CB  . TYR A 1 67  ? -3.370  2.555   8.777   1.00 20.51 ? 62   TYR X CB  1 
ATOM   441  C  CG  . TYR A 1 67  ? -4.215  1.898   9.833   1.00 21.71 ? 62   TYR X CG  1 
ATOM   442  C  CD1 . TYR A 1 67  ? -3.719  1.691   11.104  1.00 24.66 ? 62   TYR X CD1 1 
ATOM   443  C  CD2 . TYR A 1 67  ? -5.500  1.464   9.545   1.00 22.24 ? 62   TYR X CD2 1 
ATOM   444  C  CE1 . TYR A 1 67  ? -4.480  1.066   12.072  1.00 25.49 ? 62   TYR X CE1 1 
ATOM   445  C  CE2 . TYR A 1 67  ? -6.276  0.840   10.499  1.00 24.17 ? 62   TYR X CE2 1 
ATOM   446  C  CZ  . TYR A 1 67  ? -5.759  0.633   11.766  1.00 25.86 ? 62   TYR X CZ  1 
ATOM   447  O  OH  . TYR A 1 67  ? -6.521  0.014   12.736  1.00 26.95 ? 62   TYR X OH  1 
ATOM   448  N  N   . ALA A 1 68  ? -0.908  1.710   6.758   1.00 18.82 ? 63   ALA X N   1 
ATOM   449  C  CA  . ALA A 1 68  ? 0.172   2.045   5.840   1.00 18.81 ? 63   ALA X CA  1 
ATOM   450  C  C   . ALA A 1 68  ? -0.143  1.462   4.454   1.00 18.59 ? 63   ALA X C   1 
ATOM   451  O  O   . ALA A 1 68  ? 0.194   2.059   3.418   1.00 18.91 ? 63   ALA X O   1 
ATOM   452  C  CB  . ALA A 1 68  ? 1.504   1.529   6.359   1.00 18.99 ? 63   ALA X CB  1 
ATOM   453  N  N   . PHE A 1 69  ? -0.797  0.301   4.428   1.00 17.91 ? 64   PHE X N   1 
ATOM   454  C  CA  . PHE A 1 69  ? -1.212  -0.298  3.158   1.00 17.33 ? 64   PHE X CA  1 
ATOM   455  C  C   . PHE A 1 69  ? -2.357  0.526   2.553   1.00 17.86 ? 64   PHE X C   1 
ATOM   456  O  O   . PHE A 1 69  ? -2.466  0.685   1.336   1.00 18.15 ? 64   PHE X O   1 
ATOM   457  C  CB  . PHE A 1 69  ? -1.598  -1.773  3.315   1.00 17.98 ? 64   PHE X CB  1 
ATOM   458  C  CG  . PHE A 1 69  ? -0.574  -2.742  2.765   1.00 17.26 ? 64   PHE X CG  1 
ATOM   459  C  CD1 . PHE A 1 69  ? 0.186   -3.530  3.603   1.00 18.61 ? 64   PHE X CD1 1 
ATOM   460  C  CD2 . PHE A 1 69  ? -0.386  -2.859  1.395   1.00 17.69 ? 64   PHE X CD2 1 
ATOM   461  C  CE1 . PHE A 1 69  ? 1.119   -4.430  3.095   1.00 17.52 ? 64   PHE X CE1 1 
ATOM   462  C  CE2 . PHE A 1 69  ? 0.532   -3.752  0.879   1.00 18.55 ? 64   PHE X CE2 1 
ATOM   463  C  CZ  . PHE A 1 69  ? 1.283   -4.540  1.729   1.00 18.51 ? 64   PHE X CZ  1 
ATOM   464  N  N   . TYR A 1 70  ? -3.185  1.106   3.405   1.00 18.40 ? 65   TYR X N   1 
ATOM   465  C  CA  . TYR A 1 70  ? -4.247  1.981   2.912   1.00 19.40 ? 65   TYR X CA  1 
ATOM   466  C  C   . TYR A 1 70  ? -3.673  3.183   2.197   1.00 19.09 ? 65   TYR X C   1 
ATOM   467  O  O   . TYR A 1 70  ? -4.118  3.530   1.110   1.00 20.08 ? 65   TYR X O   1 
ATOM   468  C  CB  . TYR A 1 70  ? -5.156  2.400   4.068   1.00 19.33 ? 65   TYR X CB  1 
ATOM   469  C  CG  . TYR A 1 70  ? -6.149  1.317   4.463   1.00 21.60 ? 65   TYR X CG  1 
ATOM   470  C  CD1 . TYR A 1 70  ? -6.936  1.438   5.602   1.00 23.21 ? 65   TYR X CD1 1 
ATOM   471  C  CD2 . TYR A 1 70  ? -6.300  0.173   3.684   1.00 23.68 ? 65   TYR X CD2 1 
ATOM   472  C  CE1 . TYR A 1 70  ? -7.861  0.450   5.943   1.00 23.87 ? 65   TYR X CE1 1 
ATOM   473  C  CE2 . TYR A 1 70  ? -7.211  -0.818  4.022   1.00 23.66 ? 65   TYR X CE2 1 
ATOM   474  C  CZ  . TYR A 1 70  ? -7.989  -0.674  5.140   1.00 22.70 ? 65   TYR X CZ  1 
ATOM   475  O  OH  . TYR A 1 70  ? -8.888  -1.670  5.433   1.00 22.85 ? 65   TYR X OH  1 
ATOM   476  N  N   . ALA A 1 71  ? -2.669  3.794   2.812   1.00 19.58 ? 66   ALA X N   1 
ATOM   477  C  CA  . ALA A 1 71  ? -1.998  4.948   2.252   1.00 19.45 ? 66   ALA X CA  1 
ATOM   478  C  C   . ALA A 1 71  ? -1.394  4.529   0.912   1.00 19.35 ? 66   ALA X C   1 
ATOM   479  O  O   . ALA A 1 71  ? -1.522  5.249   -0.087  1.00 18.48 ? 66   ALA X O   1 
ATOM   480  C  CB  . ALA A 1 71  ? -0.916  5.447   3.208   1.00 19.15 ? 66   ALA X CB  1 
ATOM   481  N  N   . LEU A 1 72  ? -0.746  3.362   0.901   1.00 19.37 ? 67   LEU X N   1 
ATOM   482  C  CA  . LEU A 1 72  ? -0.185  2.824   -0.346  1.00 19.50 ? 67   LEU X CA  1 
ATOM   483  C  C   . LEU A 1 72  ? -1.296  2.662   -1.399  1.00 19.71 ? 67   LEU X C   1 
ATOM   484  O  O   . LEU A 1 72  ? -1.126  3.034   -2.559  1.00 19.04 ? 67   LEU X O   1 
ATOM   485  C  CB  . LEU A 1 72  ? 0.552   1.496   -0.088  1.00 19.22 ? 67   LEU X CB  1 
ATOM   486  C  CG  . LEU A 1 72  ? 1.230   0.677   -1.203  1.00 19.82 ? 67   LEU X CG  1 
ATOM   487  C  CD1 . LEU A 1 72  ? 2.073   -0.435  -0.626  1.00 15.40 ? 67   LEU X CD1 1 
ATOM   488  C  CD2 . LEU A 1 72  ? 0.199   0.073   -2.144  1.00 19.49 ? 67   LEU X CD2 1 
ATOM   489  N  N   . ASP A 1 73  ? -2.440  2.138   -0.960  1.00 19.25 ? 68   ASP X N   1 
ATOM   490  C  CA  . ASP A 1 73  ? -3.560  1.910   -1.849  1.00 19.42 ? 68   ASP X CA  1 
ATOM   491  C  C   . ASP A 1 73  ? -4.017  3.214   -2.477  1.00 19.76 ? 68   ASP X C   1 
ATOM   492  O  O   . ASP A 1 73  ? -4.054  3.340   -3.701  1.00 19.07 ? 68   ASP X O   1 
ATOM   493  C  CB  . ASP A 1 73  ? -4.727  1.270   -1.097  1.00 19.80 ? 68   ASP X CB  1 
ATOM   494  C  CG  . ASP A 1 73  ? -5.866  0.871   -2.016  1.00 20.16 ? 68   ASP X CG  1 
ATOM   495  O  OD1 . ASP A 1 73  ? -6.980  1.416   -1.859  1.00 18.28 ? 68   ASP X OD1 1 
ATOM   496  O  OD2 . ASP A 1 73  ? -5.741  0.018   -2.920  1.00 21.45 ? 68   ASP X OD2 1 
ATOM   497  N  N   . SER A 1 74  ? -4.334  4.197   -1.640  1.00 19.20 ? 69   SER X N   1 
ATOM   498  C  CA  . SER A 1 74  ? -4.808  5.505   -2.106  1.00 19.92 ? 69   SER X CA  1 
ATOM   499  C  C   . SER A 1 74  ? -3.897  6.216   -3.137  1.00 20.40 ? 69   SER X C   1 
ATOM   500  O  O   . SER A 1 74  ? -4.359  6.781   -4.129  1.00 20.09 ? 69   SER X O   1 
ATOM   501  C  CB  . SER A 1 74  ? -5.002  6.459   -0.924  1.00 19.70 ? 69   SER X CB  1 
ATOM   502  O  OG  . SER A 1 74  ? -5.315  7.762   -1.383  1.00 20.02 ? 69   SER X OG  1 
ATOM   503  N  N   . ILE A 1 75  ? -2.601  6.192   -2.865  1.00 20.70 ? 70   ILE X N   1 
ATOM   504  C  CA  . ILE A 1 75  ? -1.643  6.825   -3.752  1.00 21.71 ? 70   ILE X CA  1 
ATOM   505  C  C   . ILE A 1 75  ? -1.645  6.151   -5.113  1.00 22.27 ? 70   ILE X C   1 
ATOM   506  O  O   . ILE A 1 75  ? -1.666  6.830   -6.146  1.00 22.49 ? 70   ILE X O   1 
ATOM   507  C  CB  . ILE A 1 75  ? -0.242  6.813   -3.101  1.00 21.77 ? 70   ILE X CB  1 
ATOM   508  C  CG1 . ILE A 1 75  ? -0.181  7.913   -2.040  1.00 21.70 ? 70   ILE X CG1 1 
ATOM   509  C  CG2 . ILE A 1 75  ? 0.845   7.010   -4.136  1.00 21.73 ? 70   ILE X CG2 1 
ATOM   510  C  CD1 . ILE A 1 75  ? 0.974   7.755   -1.057  1.00 23.09 ? 70   ILE X CD1 1 
ATOM   511  N  N   . CYS A 1 76  ? -1.646  4.823   -5.129  1.00 22.31 ? 71   CYS X N   1 
ATOM   512  C  CA  . CYS A 1 76  ? -1.681  4.110   -6.406  1.00 23.23 ? 71   CYS X CA  1 
ATOM   513  C  C   . CYS A 1 76  ? -2.994  4.305   -7.138  1.00 24.32 ? 71   CYS X C   1 
ATOM   514  O  O   . CYS A 1 76  ? -3.004  4.490   -8.354  1.00 24.72 ? 71   CYS X O   1 
ATOM   515  C  CB  . CYS A 1 76  ? -1.389  2.630   -6.212  1.00 22.53 ? 71   CYS X CB  1 
ATOM   516  S  SG  . CYS A 1 76  ? 0.282   2.365   -5.611  1.00 22.10 ? 71   CYS X SG  1 
ATOM   517  N  N   . LYS A 1 77  ? -4.098  4.288   -6.398  1.00 25.47 ? 72   LYS X N   1 
ATOM   518  C  CA  . LYS A 1 77  ? -5.417  4.501   -6.991  1.00 27.53 ? 72   LYS X CA  1 
ATOM   519  C  C   . LYS A 1 77  ? -5.699  5.949   -7.458  1.00 27.34 ? 72   LYS X C   1 
ATOM   520  O  O   . LYS A 1 77  ? -6.346  6.150   -8.486  1.00 28.03 ? 72   LYS X O   1 
ATOM   521  C  CB  . LYS A 1 77  ? -6.482  4.019   -5.993  1.00 28.19 ? 72   LYS X CB  1 
ATOM   522  C  CG  . LYS A 1 77  ? -7.937  4.129   -6.418  1.00 30.72 ? 72   LYS X CG  1 
ATOM   523  C  CD  . LYS A 1 77  ? -8.796  3.186   -5.523  1.00 36.41 ? 72   LYS X CD  1 
ATOM   524  C  CE  . LYS A 1 77  ? -10.191 3.755   -5.202  1.00 40.12 ? 72   LYS X CE  1 
ATOM   525  N  NZ  . LYS A 1 77  ? -10.634 3.459   -3.773  1.00 41.92 ? 72   LYS X NZ  1 
ATOM   526  N  N   . ASN A 1 78  ? -5.216  6.938   -6.711  1.00 26.99 ? 73   ASN X N   1 
ATOM   527  C  CA  . ASN A 1 78  ? -5.498  8.333   -7.001  1.00 27.50 ? 73   ASN X CA  1 
ATOM   528  C  C   . ASN A 1 78  ? -4.399  9.088   -7.760  1.00 27.72 ? 73   ASN X C   1 
ATOM   529  O  O   . ASN A 1 78  ? -4.678  10.084  -8.401  1.00 27.73 ? 73   ASN X O   1 
ATOM   530  C  CB  . ASN A 1 78  ? -5.874  9.069   -5.712  1.00 27.22 ? 73   ASN X CB  1 
ATOM   531  C  CG  . ASN A 1 78  ? -7.087  8.451   -5.037  1.00 27.67 ? 73   ASN X CG  1 
ATOM   532  O  OD1 . ASN A 1 78  ? -7.071  8.144   -3.845  1.00 27.58 ? 73   ASN X OD1 1 
ATOM   533  N  ND2 . ASN A 1 78  ? -8.132  8.233   -5.811  1.00 27.55 ? 73   ASN X ND2 1 
ATOM   534  N  N   . VAL A 1 79  ? -3.163  8.604   -7.685  1.00 27.45 ? 74   VAL X N   1 
ATOM   535  C  CA  . VAL A 1 79  ? -2.059  9.221   -8.415  1.00 27.23 ? 74   VAL X CA  1 
ATOM   536  C  C   . VAL A 1 79  ? -1.671  8.352   -9.609  1.00 27.65 ? 74   VAL X C   1 
ATOM   537  O  O   . VAL A 1 79  ? -1.516  8.840   -10.723 1.00 27.58 ? 74   VAL X O   1 
ATOM   538  C  CB  . VAL A 1 79  ? -0.820  9.395   -7.530  1.00 27.23 ? 74   VAL X CB  1 
ATOM   539  C  CG1 . VAL A 1 79  ? 0.276   10.109  -8.303  1.00 27.29 ? 74   VAL X CG1 1 
ATOM   540  C  CG2 . VAL A 1 79  ? -1.165  10.139  -6.199  1.00 24.79 ? 74   VAL X CG2 1 
ATOM   541  N  N   . GLY A 1 80  ? -1.532  7.052   -9.377  1.00 27.68 ? 75   GLY X N   1 
ATOM   542  C  CA  . GLY A 1 80  ? -1.165  6.148   -10.448 1.00 27.74 ? 75   GLY X CA  1 
ATOM   543  C  C   . GLY A 1 80  ? 0.331   6.188   -10.661 1.00 27.76 ? 75   GLY X C   1 
ATOM   544  O  O   . GLY A 1 80  ? 1.096   6.294   -9.694  1.00 27.62 ? 75   GLY X O   1 
ATOM   545  N  N   . SER A 1 81  ? 0.728   6.101   -11.926 1.00 27.74 ? 76   SER X N   1 
ATOM   546  C  CA  . SER A 1 81  ? 2.116   6.142   -12.352 1.00 28.67 ? 76   SER X CA  1 
ATOM   547  C  C   . SER A 1 81  ? 2.765   7.424   -11.864 1.00 28.07 ? 76   SER X C   1 
ATOM   548  O  O   . SER A 1 81  ? 2.161   8.482   -11.927 1.00 28.79 ? 76   SER X O   1 
ATOM   549  C  CB  . SER A 1 81  ? 2.149   6.042   -13.891 1.00 29.27 ? 76   SER X CB  1 
ATOM   550  O  OG  . SER A 1 81  ? 3.116   6.904   -14.477 1.00 33.06 ? 76   SER X OG  1 
ATOM   551  N  N   . PRO A 1 82  ? 4.004   7.352   -11.410 1.00 27.72 ? 77   PRO X N   1 
ATOM   552  C  CA  . PRO A 1 82  ? 4.810   6.139   -11.441 1.00 27.33 ? 77   PRO X CA  1 
ATOM   553  C  C   . PRO A 1 82  ? 4.763   5.281   -10.161 1.00 26.90 ? 77   PRO X C   1 
ATOM   554  O  O   . PRO A 1 82  ? 5.566   4.329   -10.035 1.00 26.45 ? 77   PRO X O   1 
ATOM   555  C  CB  . PRO A 1 82  ? 6.203   6.727   -11.622 1.00 27.30 ? 77   PRO X CB  1 
ATOM   556  C  CG  . PRO A 1 82  ? 6.172   7.904   -10.700 1.00 27.38 ? 77   PRO X CG  1 
ATOM   557  C  CD  . PRO A 1 82  ? 4.762   8.472   -10.827 1.00 27.95 ? 77   PRO X CD  1 
ATOM   558  N  N   . TYR A 1 83  ? 3.849   5.595   -9.240  1.00 25.38 ? 78   TYR X N   1 
ATOM   559  C  CA  . TYR A 1 83  ? 3.778   4.862   -7.977  1.00 24.78 ? 78   TYR X CA  1 
ATOM   560  C  C   . TYR A 1 83  ? 3.369   3.393   -8.129  1.00 25.11 ? 78   TYR X C   1 
ATOM   561  O  O   . TYR A 1 83  ? 3.964   2.515   -7.485  1.00 24.70 ? 78   TYR X O   1 
ATOM   562  C  CB  . TYR A 1 83  ? 2.882   5.588   -6.965  1.00 24.55 ? 78   TYR X CB  1 
ATOM   563  C  CG  . TYR A 1 83  ? 3.429   6.923   -6.547  1.00 22.71 ? 78   TYR X CG  1 
ATOM   564  C  CD1 . TYR A 1 83  ? 3.005   8.089   -7.155  1.00 20.51 ? 78   TYR X CD1 1 
ATOM   565  C  CD2 . TYR A 1 83  ? 4.387   7.013   -5.548  1.00 23.12 ? 78   TYR X CD2 1 
ATOM   566  C  CE1 . TYR A 1 83  ? 3.501   9.318   -6.764  1.00 21.52 ? 78   TYR X CE1 1 
ATOM   567  C  CE2 . TYR A 1 83  ? 4.887   8.231   -5.149  1.00 22.04 ? 78   TYR X CE2 1 
ATOM   568  C  CZ  . TYR A 1 83  ? 4.447   9.374   -5.761  1.00 21.69 ? 78   TYR X CZ  1 
ATOM   569  O  OH  . TYR A 1 83  ? 4.952   10.573  -5.343  1.00 23.83 ? 78   TYR X OH  1 
ATOM   570  N  N   . THR A 1 84  ? 2.368   3.134   -8.964  1.00 25.20 ? 79   THR X N   1 
ATOM   571  C  CA  . THR A 1 84  ? 1.942   1.765   -9.257  1.00 26.42 ? 79   THR X CA  1 
ATOM   572  C  C   . THR A 1 84  ? 3.148   0.926   -9.668  1.00 26.63 ? 79   THR X C   1 
ATOM   573  O  O   . THR A 1 84  ? 3.362   -0.168  -9.140  1.00 26.85 ? 79   THR X O   1 
ATOM   574  C  CB  . THR A 1 84  ? 0.891   1.734   -10.392 1.00 26.37 ? 79   THR X CB  1 
ATOM   575  O  OG1 . THR A 1 84  ? 1.179   2.771   -11.336 1.00 27.18 ? 79   THR X OG1 1 
ATOM   576  C  CG2 . THR A 1 84  ? -0.484  2.123   -9.869  1.00 26.26 ? 79   THR X CG2 1 
ATOM   577  N  N   . ILE A 1 85  ? 3.931   1.431   -10.616 1.00 26.80 ? 80   ILE X N   1 
ATOM   578  C  CA  . ILE A 1 85  ? 5.132   0.731   -11.060 1.00 27.10 ? 80   ILE X CA  1 
ATOM   579  C  C   . ILE A 1 85  ? 6.122   0.540   -9.932  1.00 26.84 ? 80   ILE X C   1 
ATOM   580  O  O   . ILE A 1 85  ? 6.631   -0.551  -9.733  1.00 27.40 ? 80   ILE X O   1 
ATOM   581  C  CB  . ILE A 1 85  ? 5.824   1.475   -12.214 1.00 27.46 ? 80   ILE X CB  1 
ATOM   582  C  CG1 . ILE A 1 85  ? 4.830   1.738   -13.337 1.00 29.27 ? 80   ILE X CG1 1 
ATOM   583  C  CG2 . ILE A 1 85  ? 6.963   0.631   -12.784 1.00 27.99 ? 80   ILE X CG2 1 
ATOM   584  C  CD1 . ILE A 1 85  ? 4.340   0.453   -13.973 1.00 32.59 ? 80   ILE X CD1 1 
ATOM   585  N  N   . TYR A 1 86  ? 6.387   1.598   -9.176  1.00 26.80 ? 81   TYR X N   1 
ATOM   586  C  CA  . TYR A 1 86  ? 7.361   1.509   -8.109  1.00 26.68 ? 81   TYR X CA  1 
ATOM   587  C  C   . TYR A 1 86  ? 6.923   0.519   -7.025  1.00 26.40 ? 81   TYR X C   1 
ATOM   588  O  O   . TYR A 1 86  ? 7.717   -0.332  -6.611  1.00 25.95 ? 81   TYR X O   1 
ATOM   589  C  CB  . TYR A 1 86  ? 7.686   2.890   -7.512  1.00 27.14 ? 81   TYR X CB  1 
ATOM   590  C  CG  . TYR A 1 86  ? 8.389   3.825   -8.488  1.00 30.58 ? 81   TYR X CG  1 
ATOM   591  C  CD1 . TYR A 1 86  ? 8.897   5.056   -8.087  1.00 31.49 ? 81   TYR X CD1 1 
ATOM   592  C  CD2 . TYR A 1 86  ? 8.535   3.464   -9.821  1.00 34.40 ? 81   TYR X CD2 1 
ATOM   593  C  CE1 . TYR A 1 86  ? 9.540   5.899   -8.997  1.00 35.08 ? 81   TYR X CE1 1 
ATOM   594  C  CE2 . TYR A 1 86  ? 9.158   4.286   -10.727 1.00 37.64 ? 81   TYR X CE2 1 
ATOM   595  C  CZ  . TYR A 1 86  ? 9.662   5.498   -10.321 1.00 37.45 ? 81   TYR X CZ  1 
ATOM   596  O  OH  . TYR A 1 86  ? 10.276  6.277   -11.279 1.00 38.58 ? 81   TYR X OH  1 
ATOM   597  N  N   . PHE A 1 87  ? 5.674   0.623   -6.572  1.00 25.11 ? 82   PHE X N   1 
ATOM   598  C  CA  . PHE A 1 87  ? 5.189   -0.244  -5.497  1.00 25.13 ? 82   PHE X CA  1 
ATOM   599  C  C   . PHE A 1 87  ? 5.110   -1.717  -5.916  1.00 25.71 ? 82   PHE X C   1 
ATOM   600  O  O   . PHE A 1 87  ? 5.275   -2.599  -5.078  1.00 25.45 ? 82   PHE X O   1 
ATOM   601  C  CB  . PHE A 1 87  ? 3.830   0.223   -4.974  1.00 24.19 ? 82   PHE X CB  1 
ATOM   602  C  CG  . PHE A 1 87  ? 3.902   1.325   -3.964  1.00 23.22 ? 82   PHE X CG  1 
ATOM   603  C  CD1 . PHE A 1 87  ? 3.211   2.503   -4.162  1.00 22.46 ? 82   PHE X CD1 1 
ATOM   604  C  CD2 . PHE A 1 87  ? 4.623   1.174   -2.801  1.00 22.82 ? 82   PHE X CD2 1 
ATOM   605  C  CE1 . PHE A 1 87  ? 3.243   3.509   -3.212  1.00 20.99 ? 82   PHE X CE1 1 
ATOM   606  C  CE2 . PHE A 1 87  ? 4.654   2.173   -1.859  1.00 21.89 ? 82   PHE X CE2 1 
ATOM   607  C  CZ  . PHE A 1 87  ? 3.962   3.340   -2.070  1.00 20.70 ? 82   PHE X CZ  1 
ATOM   608  N  N   . SER A 1 88  ? 4.844   -1.959  -7.206  1.00 26.48 ? 83   SER X N   1 
ATOM   609  C  CA  . SER A 1 88  ? 4.804   -3.300  -7.801  1.00 27.66 ? 83   SER X CA  1 
ATOM   610  C  C   . SER A 1 88  ? 5.965   -4.191  -7.413  1.00 28.10 ? 83   SER X C   1 
ATOM   611  O  O   . SER A 1 88  ? 5.796   -5.393  -7.187  1.00 28.87 ? 83   SER X O   1 
ATOM   612  C  CB  . SER A 1 88  ? 4.865   -3.193  -9.324  1.00 27.84 ? 83   SER X CB  1 
ATOM   613  O  OG  . SER A 1 88  ? 3.582   -3.022  -9.889  1.00 31.11 ? 83   SER X OG  1 
ATOM   614  N  N   . ARG A 1 89  ? 7.151   -3.594  -7.398  1.00 28.74 ? 84   ARG X N   1 
ATOM   615  C  CA  . ARG A 1 89  ? 8.404   -4.285  -7.106  1.00 29.79 ? 84   ARG X CA  1 
ATOM   616  C  C   . ARG A 1 89  ? 8.444   -5.068  -5.795  1.00 29.41 ? 84   ARG X C   1 
ATOM   617  O  O   . ARG A 1 89  ? 8.956   -6.181  -5.760  1.00 30.06 ? 84   ARG X O   1 
ATOM   618  C  CB  . ARG A 1 89  ? 9.591   -3.309  -7.190  1.00 29.50 ? 84   ARG X CB  1 
ATOM   619  C  CG  . ARG A 1 89  ? 9.704   -2.640  -8.553  1.00 33.00 ? 84   ARG X CG  1 
ATOM   620  C  CD  . ARG A 1 89  ? 10.567  -1.359  -8.584  1.00 37.24 ? 84   ARG X CD  1 
ATOM   621  N  NE  . ARG A 1 89  ? 10.751  -0.881  -9.954  1.00 38.51 ? 84   ARG X NE  1 
ATOM   622  C  CZ  . ARG A 1 89  ? 11.282  0.298   -10.285 1.00 40.42 ? 84   ARG X CZ  1 
ATOM   623  N  NH1 . ARG A 1 89  ? 11.683  1.138   -9.339  1.00 41.08 ? 84   ARG X NH1 1 
ATOM   624  N  NH2 . ARG A 1 89  ? 11.415  0.636   -11.569 1.00 40.22 ? 84   ARG X NH2 1 
ATOM   625  N  N   . ASN A 1 90  ? 7.931   -4.491  -4.715  1.00 28.28 ? 85   ASN X N   1 
ATOM   626  C  CA  . ASN A 1 90  ? 7.964   -5.186  -3.436  1.00 26.97 ? 85   ASN X CA  1 
ATOM   627  C  C   . ASN A 1 90  ? 6.581   -5.601  -2.944  1.00 25.55 ? 85   ASN X C   1 
ATOM   628  O  O   . ASN A 1 90  ? 6.457   -6.151  -1.851  1.00 25.07 ? 85   ASN X O   1 
ATOM   629  C  CB  . ASN A 1 90  ? 8.666   -4.321  -2.379  1.00 27.07 ? 85   ASN X CB  1 
ATOM   630  C  CG  . ASN A 1 90  ? 10.149  -4.145  -2.658  1.00 29.49 ? 85   ASN X CG  1 
ATOM   631  O  OD1 . ASN A 1 90  ? 10.866  -5.119  -2.894  1.00 32.59 ? 85   ASN X OD1 1 
ATOM   632  N  ND2 . ASN A 1 90  ? 10.625  -2.901  -2.604  1.00 29.46 ? 85   ASN X ND2 1 
ATOM   633  N  N   . LEU A 1 91  ? 5.552   -5.327  -3.739  1.00 24.55 ? 86   LEU X N   1 
ATOM   634  C  CA  . LEU A 1 91  ? 4.171   -5.556  -3.323  1.00 23.57 ? 86   LEU X CA  1 
ATOM   635  C  C   . LEU A 1 91  ? 3.923   -6.933  -2.730  1.00 24.04 ? 86   LEU X C   1 
ATOM   636  O  O   . LEU A 1 91  ? 3.448   -7.076  -1.600  1.00 23.61 ? 86   LEU X O   1 
ATOM   637  C  CB  . LEU A 1 91  ? 3.231   -5.348  -4.499  1.00 22.83 ? 86   LEU X CB  1 
ATOM   638  C  CG  . LEU A 1 91  ? 1.788   -5.261  -4.067  1.00 20.64 ? 86   LEU X CG  1 
ATOM   639  C  CD1 . LEU A 1 91  ? 1.629   -4.056  -3.190  1.00 20.57 ? 86   LEU X CD1 1 
ATOM   640  C  CD2 . LEU A 1 91  ? 0.876   -5.190  -5.301  1.00 21.17 ? 86   LEU X CD2 1 
ATOM   641  N  N   . PHE A 1 92  ? 4.259   -7.954  -3.498  1.00 23.55 ? 87   PHE X N   1 
ATOM   642  C  CA  . PHE A 1 92  ? 4.025   -9.302  -3.045  1.00 23.33 ? 87   PHE X CA  1 
ATOM   643  C  C   . PHE A 1 92  ? 4.715   -9.646  -1.742  1.00 23.11 ? 87   PHE X C   1 
ATOM   644  O  O   . PHE A 1 92  ? 4.091   -10.190 -0.837  1.00 23.25 ? 87   PHE X O   1 
ATOM   645  C  CB  . PHE A 1 92  ? 4.462   -10.294 -4.105  1.00 22.98 ? 87   PHE X CB  1 
ATOM   646  C  CG  . PHE A 1 92  ? 4.631   -11.661 -3.576  1.00 22.99 ? 87   PHE X CG  1 
ATOM   647  C  CD1 . PHE A 1 92  ? 3.524   -12.420 -3.226  1.00 21.57 ? 87   PHE X CD1 1 
ATOM   648  C  CD2 . PHE A 1 92  ? 5.897   -12.187 -3.407  1.00 22.54 ? 87   PHE X CD2 1 
ATOM   649  C  CE1 . PHE A 1 92  ? 3.685   -13.693 -2.716  1.00 23.66 ? 87   PHE X CE1 1 
ATOM   650  C  CE2 . PHE A 1 92  ? 6.069   -13.454 -2.895  1.00 25.43 ? 87   PHE X CE2 1 
ATOM   651  C  CZ  . PHE A 1 92  ? 4.960   -14.212 -2.548  1.00 23.43 ? 87   PHE X CZ  1 
ATOM   652  N  N   . ASN A 1 93  ? 6.010   -9.370  -1.658  1.00 22.98 ? 88   ASN X N   1 
ATOM   653  C  CA  . ASN A 1 93  ? 6.755   -9.681  -0.439  1.00 23.58 ? 88   ASN X CA  1 
ATOM   654  C  C   . ASN A 1 93  ? 6.273   -8.925  0.790   1.00 23.13 ? 88   ASN X C   1 
ATOM   655  O  O   . ASN A 1 93  ? 6.244   -9.488  1.881   1.00 22.48 ? 88   ASN X O   1 
ATOM   656  C  CB  . ASN A 1 93  ? 8.264   -9.508  -0.632  1.00 23.93 ? 88   ASN X CB  1 
ATOM   657  C  CG  . ASN A 1 93  ? 8.848   -10.570 -1.557  1.00 25.62 ? 88   ASN X CG  1 
ATOM   658  O  OD1 . ASN A 1 93  ? 9.801   -10.311 -2.290  1.00 29.22 ? 88   ASN X OD1 1 
ATOM   659  N  ND2 . ASN A 1 93  ? 8.271   -11.763 -1.526  1.00 24.32 ? 88   ASN X ND2 1 
ATOM   660  N  N   . LEU A 1 94  ? 5.881   -7.667  0.615   1.00 22.60 ? 89   LEU X N   1 
ATOM   661  C  CA  . LEU A 1 94  ? 5.398   -6.896  1.740   1.00 22.52 ? 89   LEU X CA  1 
ATOM   662  C  C   . LEU A 1 94  ? 4.019   -7.386  2.161   1.00 21.70 ? 89   LEU X C   1 
ATOM   663  O  O   . LEU A 1 94  ? 3.721   -7.478  3.352   1.00 21.57 ? 89   LEU X O   1 
ATOM   664  C  CB  . LEU A 1 94  ? 5.420   -5.404  1.434   1.00 23.03 ? 89   LEU X CB  1 
ATOM   665  C  CG  . LEU A 1 94  ? 6.874   -4.916  1.521   1.00 25.63 ? 89   LEU X CG  1 
ATOM   666  C  CD1 . LEU A 1 94  ? 6.969   -3.405  1.558   1.00 26.00 ? 89   LEU X CD1 1 
ATOM   667  C  CD2 . LEU A 1 94  ? 7.562   -5.499  2.750   1.00 25.63 ? 89   LEU X CD2 1 
ATOM   668  N  N   . TYR A 1 95  ? 3.222   -7.759  1.167   1.00 20.68 ? 90   TYR X N   1 
ATOM   669  C  CA  . TYR A 1 95  ? 1.891   -8.263  1.378   1.00 20.00 ? 90   TYR X CA  1 
ATOM   670  C  C   . TYR A 1 95  ? 1.901   -9.600  2.113   1.00 20.37 ? 90   TYR X C   1 
ATOM   671  O  O   . TYR A 1 95  ? 1.192   -9.766  3.096   1.00 20.65 ? 90   TYR X O   1 
ATOM   672  C  CB  . TYR A 1 95  ? 1.174   -8.408  0.050   1.00 18.98 ? 90   TYR X CB  1 
ATOM   673  C  CG  . TYR A 1 95  ? -0.267  -8.807  0.181   1.00 16.98 ? 90   TYR X CG  1 
ATOM   674  C  CD1 . TYR A 1 95  ? -1.266  -7.861  0.095   1.00 17.25 ? 90   TYR X CD1 1 
ATOM   675  C  CD2 . TYR A 1 95  ? -0.635  -10.127 0.405   1.00 16.76 ? 90   TYR X CD2 1 
ATOM   676  C  CE1 . TYR A 1 95  ? -2.601  -8.216  0.209   1.00 14.43 ? 90   TYR X CE1 1 
ATOM   677  C  CE2 . TYR A 1 95  ? -1.966  -10.498 0.536   1.00 14.21 ? 90   TYR X CE2 1 
ATOM   678  C  CZ  . TYR A 1 95  ? -2.944  -9.525  0.421   1.00 16.30 ? 90   TYR X CZ  1 
ATOM   679  O  OH  . TYR A 1 95  ? -4.282  -9.839  0.510   1.00 13.96 ? 90   TYR X OH  1 
ATOM   680  N  N   . LYS A 1 96  ? 2.717   -10.533 1.634   1.00 20.99 ? 91   LYS X N   1 
ATOM   681  C  CA  . LYS A 1 96  ? 2.883   -11.852 2.253   1.00 20.64 ? 91   LYS X CA  1 
ATOM   682  C  C   . LYS A 1 96  ? 3.265   -11.750 3.723   1.00 20.80 ? 91   LYS X C   1 
ATOM   683  O  O   . LYS A 1 96  ? 2.576   -12.302 4.594   1.00 19.62 ? 91   LYS X O   1 
ATOM   684  C  CB  . LYS A 1 96  ? 3.942   -12.656 1.500   1.00 20.70 ? 91   LYS X CB  1 
ATOM   685  C  CG  . LYS A 1 96  ? 4.460   -13.905 2.222   1.00 22.06 ? 91   LYS X CG  1 
ATOM   686  C  CD  . LYS A 1 96  ? 4.692   -15.067 1.204   1.00 24.79 ? 91   LYS X CD  1 
ATOM   687  C  CE  . LYS A 1 96  ? 5.169   -16.341 1.907   1.00 28.61 ? 91   LYS X CE  1 
ATOM   688  N  NZ  . LYS A 1 96  ? 5.827   -17.337 0.962   1.00 32.75 ? 91   LYS X NZ  1 
ATOM   689  N  N   . ARG A 1 97  ? 4.356   -11.044 4.000   1.00 20.79 ? 92   ARG X N   1 
ATOM   690  C  CA  . ARG A 1 97  ? 4.832   -10.925 5.367   1.00 21.79 ? 92   ARG X CA  1 
ATOM   691  C  C   . ARG A 1 97  ? 3.781   -10.308 6.298   1.00 21.12 ? 92   ARG X C   1 
ATOM   692  O  O   . ARG A 1 97  ? 3.624   -10.729 7.451   1.00 20.78 ? 92   ARG X O   1 
ATOM   693  C  CB  . ARG A 1 97  ? 6.118   -10.084 5.450   1.00 22.50 ? 92   ARG X CB  1 
ATOM   694  C  CG  . ARG A 1 97  ? 6.644   -9.933  6.874   1.00 27.18 ? 92   ARG X CG  1 
ATOM   695  C  CD  . ARG A 1 97  ? 7.744   -8.859  7.074   1.00 36.47 ? 92   ARG X CD  1 
ATOM   696  N  NE  . ARG A 1 97  ? 8.038   -8.526  8.482   1.00 39.76 ? 92   ARG X NE  1 
ATOM   697  C  CZ  . ARG A 1 97  ? 9.013   -7.708  8.858   1.00 43.34 ? 92   ARG X CZ  1 
ATOM   698  N  NH1 . ARG A 1 97  ? 9.785   -7.144  7.941   1.00 45.05 ? 92   ARG X NH1 1 
ATOM   699  N  NH2 . ARG A 1 97  ? 9.222   -7.441  10.149  1.00 44.43 ? 92   ARG X NH2 1 
ATOM   700  N  N   . THR A 1 98  ? 3.075   -9.303  5.792   1.00 20.16 ? 93   THR X N   1 
ATOM   701  C  CA  . THR A 1 98  ? 2.070   -8.610  6.582   1.00 19.28 ? 93   THR X CA  1 
ATOM   702  C  C   . THR A 1 98  ? 0.980   -9.594  6.909   1.00 19.88 ? 93   THR X C   1 
ATOM   703  O  O   . THR A 1 98  ? 0.595   -9.742  8.071   1.00 19.31 ? 93   THR X O   1 
ATOM   704  C  CB  . THR A 1 98  ? 1.499   -7.448  5.766   1.00 19.33 ? 93   THR X CB  1 
ATOM   705  O  OG1 . THR A 1 98  ? 2.525   -6.465  5.579   1.00 17.96 ? 93   THR X OG1 1 
ATOM   706  C  CG2 . THR A 1 98  ? 0.380   -6.740  6.524   1.00 17.15 ? 93   THR X CG2 1 
ATOM   707  N  N   . TYR A 1 99  ? 0.488   -10.272 5.879   1.00 19.85 ? 94   TYR X N   1 
ATOM   708  C  CA  . TYR A 1 99  ? -0.540  -11.308 6.068   1.00 20.63 ? 94   TYR X CA  1 
ATOM   709  C  C   . TYR A 1 99  ? -0.157  -12.318 7.146   1.00 20.51 ? 94   TYR X C   1 
ATOM   710  O  O   . TYR A 1 99  ? -0.980  -12.669 8.000   1.00 20.73 ? 94   TYR X O   1 
ATOM   711  C  CB  . TYR A 1 99  ? -0.769  -12.055 4.752   1.00 20.26 ? 94   TYR X CB  1 
ATOM   712  C  CG  . TYR A 1 99  ? -1.953  -12.999 4.702   1.00 21.57 ? 94   TYR X CG  1 
ATOM   713  C  CD1 . TYR A 1 99  ? -3.142  -12.593 4.132   1.00 22.28 ? 94   TYR X CD1 1 
ATOM   714  C  CD2 . TYR A 1 99  ? -1.859  -14.329 5.145   1.00 22.03 ? 94   TYR X CD2 1 
ATOM   715  C  CE1 . TYR A 1 99  ? -4.220  -13.443 4.040   1.00 23.30 ? 94   TYR X CE1 1 
ATOM   716  C  CE2 . TYR A 1 99  ? -2.957  -15.202 5.035   1.00 20.28 ? 94   TYR X CE2 1 
ATOM   717  C  CZ  . TYR A 1 99  ? -4.127  -14.739 4.482   1.00 22.73 ? 94   TYR X CZ  1 
ATOM   718  O  OH  . TYR A 1 99  ? -5.244  -15.527 4.327   1.00 27.19 ? 94   TYR X OH  1 
ATOM   719  N  N   . LEU A 1 100 ? 1.084   -12.786 7.110   1.00 20.13 ? 95   LEU X N   1 
ATOM   720  C  CA  . LEU A 1 100 ? 1.521   -13.798 8.073   1.00 20.66 ? 95   LEU X CA  1 
ATOM   721  C  C   . LEU A 1 100 ? 1.688   -13.270 9.489   1.00 20.90 ? 95   LEU X C   1 
ATOM   722  O  O   . LEU A 1 100 ? 1.809   -14.057 10.436  1.00 20.65 ? 95   LEU X O   1 
ATOM   723  C  CB  . LEU A 1 100 ? 2.840   -14.423 7.642   1.00 20.56 ? 95   LEU X CB  1 
ATOM   724  C  CG  . LEU A 1 100 ? 2.728   -15.222 6.340   1.00 21.17 ? 95   LEU X CG  1 
ATOM   725  C  CD1 . LEU A 1 100 ? 4.125   -15.600 5.886   1.00 24.59 ? 95   LEU X CD1 1 
ATOM   726  C  CD2 . LEU A 1 100 ? 1.857   -16.461 6.541   1.00 21.77 ? 95   LEU X CD2 1 
ATOM   727  N  N   . LEU A 1 101 ? 1.688   -11.945 9.630   1.00 20.61 ? 96   LEU X N   1 
ATOM   728  C  CA  . LEU A 1 101 ? 1.969   -11.343 10.921  1.00 20.38 ? 96   LEU X CA  1 
ATOM   729  C  C   . LEU A 1 101 ? 0.748   -10.789 11.648  1.00 19.62 ? 96   LEU X C   1 
ATOM   730  O  O   . LEU A 1 101 ? 0.880   -10.369 12.781  1.00 18.78 ? 96   LEU X O   1 
ATOM   731  C  CB  . LEU A 1 101 ? 3.011   -10.222 10.780  1.00 19.96 ? 96   LEU X CB  1 
ATOM   732  C  CG  . LEU A 1 101 ? 4.454   -10.555 10.411  1.00 20.69 ? 96   LEU X CG  1 
ATOM   733  C  CD1 . LEU A 1 101 ? 5.258   -9.264  10.225  1.00 21.70 ? 96   LEU X CD1 1 
ATOM   734  C  CD2 . LEU A 1 101 ? 5.126   -11.465 11.411  1.00 18.74 ? 96   LEU X CD2 1 
ATOM   735  N  N   . VAL A 1 102 ? -0.418  -10.786 10.995  1.00 19.29 ? 97   VAL X N   1 
ATOM   736  C  CA  . VAL A 1 102 ? -1.614  -10.176 11.572  1.00 19.65 ? 97   VAL X CA  1 
ATOM   737  C  C   . VAL A 1 102 ? -2.747  -11.161 11.866  1.00 20.31 ? 97   VAL X C   1 
ATOM   738  O  O   . VAL A 1 102 ? -2.772  -12.259 11.302  1.00 19.80 ? 97   VAL X O   1 
ATOM   739  C  CB  . VAL A 1 102 ? -2.191  -9.085  10.626  1.00 19.70 ? 97   VAL X CB  1 
ATOM   740  C  CG1 . VAL A 1 102 ? -1.177  -7.995  10.349  1.00 19.67 ? 97   VAL X CG1 1 
ATOM   741  C  CG2 . VAL A 1 102 ? -2.669  -9.692  9.286   1.00 17.60 ? 97   VAL X CG2 1 
ATOM   742  N  N   . ASP A 1 103 ? -3.752  -10.705 12.611  1.00 21.04 ? 98   ASP X N   1 
ATOM   743  C  CA  . ASP A 1 103 ? -4.873  -11.573 12.999  1.00 22.20 ? 98   ASP X CA  1 
ATOM   744  C  C   . ASP A 1 103 ? -5.797  -11.825 11.839  1.00 22.29 ? 98   ASP X C   1 
ATOM   745  O  O   . ASP A 1 103 ? -5.589  -11.271 10.755  1.00 22.71 ? 98   ASP X O   1 
ATOM   746  C  CB  . ASP A 1 103 ? -5.633  -11.079 14.258  1.00 22.17 ? 98   ASP X CB  1 
ATOM   747  C  CG  . ASP A 1 103 ? -6.205  -9.675  14.114  1.00 24.32 ? 98   ASP X CG  1 
ATOM   748  O  OD1 . ASP A 1 103 ? -6.734  -9.294  13.034  1.00 28.12 ? 98   ASP X OD1 1 
ATOM   749  O  OD2 . ASP A 1 103 ? -6.174  -8.856  15.052  1.00 26.22 ? 98   ASP X OD2 1 
ATOM   750  N  N   . ASN A 1 104 ? -6.805  -12.665 12.055  1.00 22.18 ? 99   ASN X N   1 
ATOM   751  C  CA  . ASN A 1 104 ? -7.710  -13.072 10.974  1.00 22.94 ? 99   ASN X CA  1 
ATOM   752  C  C   . ASN A 1 104 ? -8.619  -11.958 10.453  1.00 22.68 ? 99   ASN X C   1 
ATOM   753  O  O   . ASN A 1 104 ? -8.903  -11.892 9.259   1.00 23.89 ? 99   ASN X O   1 
ATOM   754  C  CB  . ASN A 1 104 ? -8.538  -14.300 11.396  1.00 22.94 ? 99   ASN X CB  1 
ATOM   755  C  CG  . ASN A 1 104 ? -7.708  -15.589 11.452  1.00 23.21 ? 99   ASN X CG  1 
ATOM   756  O  OD1 . ASN A 1 104 ? -6.624  -15.666 10.871  1.00 24.33 ? 99   ASN X OD1 1 
ATOM   757  N  ND2 . ASN A 1 104 ? -8.220  -16.596 12.157  1.00 19.84 ? 99   ASN X ND2 1 
ATOM   758  N  N   . THR A 1 105 ? -9.069  -11.095 11.357  1.00 22.40 ? 100  THR X N   1 
ATOM   759  C  CA  . THR A 1 105 ? -9.882  -9.946  11.016  1.00 22.52 ? 100  THR X CA  1 
ATOM   760  C  C   . THR A 1 105 ? -9.119  -9.060  10.034  1.00 21.45 ? 100  THR X C   1 
ATOM   761  O  O   . THR A 1 105 ? -9.672  -8.591  9.051   1.00 22.13 ? 100  THR X O   1 
ATOM   762  C  CB  . THR A 1 105 ? -10.219 -9.151  12.305  1.00 22.59 ? 100  THR X CB  1 
ATOM   763  O  OG1 . THR A 1 105 ? -11.001 -9.987  13.149  1.00 25.87 ? 100  THR X OG1 1 
ATOM   764  C  CG2 . THR A 1 105 ? -11.191 -8.022  12.008  1.00 24.15 ? 100  THR X CG2 1 
ATOM   765  N  N   . THR A 1 106 ? -7.841  -8.839  10.316  1.00 20.26 ? 101  THR X N   1 
ATOM   766  C  CA  . THR A 1 106 ? -7.005  -8.022  9.464   1.00 19.17 ? 101  THR X CA  1 
ATOM   767  C  C   . THR A 1 106 ? -6.744  -8.709  8.126   1.00 18.93 ? 101  THR X C   1 
ATOM   768  O  O   . THR A 1 106 ? -6.745  -8.045  7.075   1.00 18.17 ? 101  THR X O   1 
ATOM   769  C  CB  . THR A 1 106 ? -5.701  -7.648  10.186  1.00 19.09 ? 101  THR X CB  1 
ATOM   770  O  OG1 . THR A 1 106 ? -6.025  -7.130  11.478  1.00 20.09 ? 101  THR X OG1 1 
ATOM   771  C  CG2 . THR A 1 106 ? -5.026  -6.495  9.513   1.00 18.88 ? 101  THR X CG2 1 
ATOM   772  N  N   . ARG A 1 107 ? -6.507  -10.021 8.157   1.00 18.42 ? 102  ARG X N   1 
ATOM   773  C  CA  . ARG A 1 107 ? -6.376  -10.785 6.920   1.00 18.99 ? 102  ARG X CA  1 
ATOM   774  C  C   . ARG A 1 107 ? -7.592  -10.583 6.007   1.00 18.93 ? 102  ARG X C   1 
ATOM   775  O  O   . ARG A 1 107 ? -7.448  -10.393 4.799   1.00 19.21 ? 102  ARG X O   1 
ATOM   776  C  CB  . ARG A 1 107 ? -6.182  -12.295 7.182   1.00 18.56 ? 102  ARG X CB  1 
ATOM   777  C  CG  . ARG A 1 107 ? -4.814  -12.637 7.752   1.00 18.62 ? 102  ARG X CG  1 
ATOM   778  C  CD  . ARG A 1 107 ? -4.537  -14.125 7.930   1.00 17.73 ? 102  ARG X CD  1 
ATOM   779  N  NE  . ARG A 1 107 ? -3.176  -14.332 8.407   1.00 21.22 ? 102  ARG X NE  1 
ATOM   780  C  CZ  . ARG A 1 107 ? -2.692  -15.485 8.881   1.00 19.39 ? 102  ARG X CZ  1 
ATOM   781  N  NH1 . ARG A 1 107 ? -3.434  -16.581 8.921   1.00 18.13 ? 102  ARG X NH1 1 
ATOM   782  N  NH2 . ARG A 1 107 ? -1.446  -15.531 9.314   1.00 18.73 ? 102  ARG X NH2 1 
ATOM   783  N  N   . THR A 1 108 ? -8.782  -10.641 6.575   1.00 19.08 ? 103  THR X N   1 
ATOM   784  C  CA  . THR A 1 108 ? -9.973  -10.480 5.768   1.00 20.07 ? 103  THR X CA  1 
ATOM   785  C  C   . THR A 1 108 ? -9.901  -9.137  5.013   1.00 19.86 ? 103  THR X C   1 
ATOM   786  O  O   . THR A 1 108 ? -10.157 -9.076  3.806   1.00 19.44 ? 103  THR X O   1 
ATOM   787  C  CB  . THR A 1 108 ? -11.223 -10.545 6.646   1.00 20.47 ? 103  THR X CB  1 
ATOM   788  O  OG1 . THR A 1 108 ? -11.439 -11.901 7.065   1.00 22.55 ? 103  THR X OG1 1 
ATOM   789  C  CG2 . THR A 1 108 ? -12.457 -10.227 5.813   1.00 19.83 ? 103  THR X CG2 1 
ATOM   790  N  N   . LYS A 1 109 ? -9.555  -8.075  5.736   1.00 19.33 ? 104  LYS X N   1 
ATOM   791  C  CA  . LYS A 1 109 ? -9.370  -6.746  5.133   1.00 19.79 ? 104  LYS X CA  1 
ATOM   792  C  C   . LYS A 1 109 ? -8.249  -6.720  4.081   1.00 19.53 ? 104  LYS X C   1 
ATOM   793  O  O   . LYS A 1 109 ? -8.387  -6.063  3.054   1.00 19.29 ? 104  LYS X O   1 
ATOM   794  C  CB  . LYS A 1 109 ? -9.084  -5.681  6.211   1.00 19.15 ? 104  LYS X CB  1 
ATOM   795  C  CG  . LYS A 1 109 ? -10.307 -5.291  7.044   1.00 20.06 ? 104  LYS X CG  1 
ATOM   796  C  CD  . LYS A 1 109 ? -9.885  -4.730  8.411   1.00 20.85 ? 104  LYS X CD  1 
ATOM   797  C  CE  . LYS A 1 109 ? -11.105 -4.525  9.337   1.00 22.84 ? 104  LYS X CE  1 
ATOM   798  N  NZ  . LYS A 1 109 ? -10.736 -3.690  10.525  1.00 25.05 ? 104  LYS X NZ  1 
ATOM   799  N  N   . LEU A 1 110 ? -7.150  -7.433  4.340   1.00 18.83 ? 105  LEU X N   1 
ATOM   800  C  CA  . LEU A 1 110 ? -6.044  -7.490  3.379   1.00 19.08 ? 105  LEU X CA  1 
ATOM   801  C  C   . LEU A 1 110 ? -6.542  -8.109  2.084   1.00 18.97 ? 105  LEU X C   1 
ATOM   802  O  O   . LEU A 1 110 ? -6.177  -7.653  0.990   1.00 18.79 ? 105  LEU X O   1 
ATOM   803  C  CB  . LEU A 1 110 ? -4.843  -8.281  3.922   1.00 18.54 ? 105  LEU X CB  1 
ATOM   804  C  CG  . LEU A 1 110 ? -3.915  -7.576  4.910   1.00 17.53 ? 105  LEU X CG  1 
ATOM   805  C  CD1 . LEU A 1 110 ? -2.885  -8.538  5.502   1.00 16.07 ? 105  LEU X CD1 1 
ATOM   806  C  CD2 . LEU A 1 110 ? -3.239  -6.420  4.182   1.00 16.51 ? 105  LEU X CD2 1 
ATOM   807  N  N   . ILE A 1 111 ? -7.398  -9.126  2.213   1.00 18.84 ? 106  ILE X N   1 
ATOM   808  C  CA  . ILE A 1 111 ? -7.933  -9.844  1.049   1.00 19.48 ? 106  ILE X CA  1 
ATOM   809  C  C   . ILE A 1 111 ? -8.936  -9.036  0.265   1.00 20.01 ? 106  ILE X C   1 
ATOM   810  O  O   . ILE A 1 111 ? -8.944  -9.077  -0.965  1.00 20.73 ? 106  ILE X O   1 
ATOM   811  C  CB  . ILE A 1 111 ? -8.570  -11.166 1.468   1.00 19.55 ? 106  ILE X CB  1 
ATOM   812  C  CG1 . ILE A 1 111 ? -7.503  -12.135 1.973   1.00 19.96 ? 106  ILE X CG1 1 
ATOM   813  C  CG2 . ILE A 1 111 ? -9.321  -11.800 0.304   1.00 18.37 ? 106  ILE X CG2 1 
ATOM   814  C  CD1 . ILE A 1 111 ? -8.085  -13.390 2.642   1.00 21.81 ? 106  ILE X CD1 1 
ATOM   815  N  N   . ASN A 1 112 ? -9.795  -8.311  0.968   1.00 20.89 ? 107  ASN X N   1 
ATOM   816  C  CA  . ASN A 1 112 ? -10.724 -7.428  0.288   1.00 22.07 ? 107  ASN X CA  1 
ATOM   817  C  C   . ASN A 1 112 ? -9.943  -6.391  -0.507  1.00 22.47 ? 107  ASN X C   1 
ATOM   818  O  O   . ASN A 1 112 ? -10.315 -6.061  -1.626  1.00 23.13 ? 107  ASN X O   1 
ATOM   819  C  CB  . ASN A 1 112 ? -11.677 -6.748  1.291   1.00 22.21 ? 107  ASN X CB  1 
ATOM   820  C  CG  . ASN A 1 112 ? -12.693 -7.719  1.879   1.00 23.90 ? 107  ASN X CG  1 
ATOM   821  O  OD1 . ASN A 1 112 ? -12.870 -8.824  1.381   1.00 25.86 ? 107  ASN X OD1 1 
ATOM   822  N  ND2 . ASN A 1 112 ? -13.360 -7.308  2.939   1.00 26.94 ? 107  ASN X ND2 1 
HETATM 823  N  N   . MSE A 1 113 ? -8.853  -5.882  0.071   1.00 22.83 ? 108  MSE X N   1 
HETATM 824  C  CA  . MSE A 1 113 ? -8.017  -4.887  -0.606  1.00 23.52 ? 108  MSE X CA  1 
HETATM 825  C  C   . MSE A 1 113 ? -7.380  -5.475  -1.863  1.00 23.48 ? 108  MSE X C   1 
HETATM 826  O  O   . MSE A 1 113 ? -7.274  -4.789  -2.887  1.00 22.58 ? 108  MSE X O   1 
HETATM 827  C  CB  . MSE A 1 113 ? -6.931  -4.326  0.327   1.00 24.13 ? 108  MSE X CB  1 
HETATM 828  C  CG  . MSE A 1 113 ? -6.121  -3.102  -0.211  1.00 26.50 ? 108  MSE X CG  1 
HETATM 829  SE SE  . MSE A 1 113 ? -4.625  -2.778  1.028   1.00 34.30 ? 108  MSE X SE  1 
HETATM 830  C  CE  . MSE A 1 113 ? -5.438  -3.545  2.640   1.00 35.24 ? 108  MSE X CE  1 
ATOM   831  N  N   . PHE A 1 114 ? -6.956  -6.738  -1.790  1.00 23.42 ? 109  PHE X N   1 
ATOM   832  C  CA  . PHE A 1 114 ? -6.349  -7.395  -2.952  1.00 24.04 ? 109  PHE X CA  1 
ATOM   833  C  C   . PHE A 1 114 ? -7.377  -7.574  -4.058  1.00 24.52 ? 109  PHE X C   1 
ATOM   834  O  O   . PHE A 1 114 ? -7.062  -7.399  -5.224  1.00 25.00 ? 109  PHE X O   1 
ATOM   835  C  CB  . PHE A 1 114 ? -5.747  -8.746  -2.580  1.00 23.84 ? 109  PHE X CB  1 
ATOM   836  C  CG  . PHE A 1 114 ? -5.444  -9.623  -3.758  1.00 23.60 ? 109  PHE X CG  1 
ATOM   837  C  CD1 . PHE A 1 114 ? -4.299  -9.429  -4.500  1.00 23.67 ? 109  PHE X CD1 1 
ATOM   838  C  CD2 . PHE A 1 114 ? -6.294  -10.660 -4.107  1.00 25.30 ? 109  PHE X CD2 1 
ATOM   839  C  CE1 . PHE A 1 114 ? -4.008  -10.240 -5.580  1.00 24.37 ? 109  PHE X CE1 1 
ATOM   840  C  CE2 . PHE A 1 114 ? -6.013  -11.467 -5.209  1.00 27.12 ? 109  PHE X CE2 1 
ATOM   841  C  CZ  . PHE A 1 114 ? -4.868  -11.254 -5.940  1.00 25.84 ? 109  PHE X CZ  1 
ATOM   842  N  N   . LYS A 1 115 ? -8.609  -7.906  -3.683  1.00 25.18 ? 110  LYS X N   1 
ATOM   843  C  CA  . LYS A 1 115 ? -9.690  -8.049  -4.657  1.00 26.34 ? 110  LYS X CA  1 
ATOM   844  C  C   . LYS A 1 115 ? -9.961  -6.775  -5.453  1.00 26.62 ? 110  LYS X C   1 
ATOM   845  O  O   . LYS A 1 115 ? -10.255 -6.849  -6.653  1.00 25.70 ? 110  LYS X O   1 
ATOM   846  C  CB  . LYS A 1 115 ? -10.989 -8.476  -3.969  1.00 26.77 ? 110  LYS X CB  1 
ATOM   847  C  CG  . LYS A 1 115 ? -11.195 -9.960  -3.846  1.00 28.78 ? 110  LYS X CG  1 
ATOM   848  C  CD  . LYS A 1 115 ? -12.512 -10.206 -3.134  1.00 31.52 ? 110  LYS X CD  1 
ATOM   849  C  CE  . LYS A 1 115 ? -13.068 -11.567 -3.435  1.00 33.18 ? 110  LYS X CE  1 
ATOM   850  N  NZ  . LYS A 1 115 ? -14.454 -11.664 -2.890  1.00 36.44 ? 110  LYS X NZ  1 
ATOM   851  N  N   . LEU A 1 116 ? -9.908  -5.618  -4.788  1.00 27.18 ? 111  LEU X N   1 
ATOM   852  C  CA  . LEU A 1 116 ? -10.128 -4.358  -5.496  1.00 28.65 ? 111  LEU X CA  1 
ATOM   853  C  C   . LEU A 1 116 ? -8.984  -4.069  -6.482  1.00 29.35 ? 111  LEU X C   1 
ATOM   854  O  O   . LEU A 1 116 ? -9.211  -3.495  -7.535  1.00 29.88 ? 111  LEU X O   1 
ATOM   855  C  CB  . LEU A 1 116 ? -10.353 -3.178  -4.526  1.00 28.50 ? 111  LEU X CB  1 
ATOM   856  C  CG  . LEU A 1 116 ? -11.677 -3.219  -3.754  1.00 30.61 ? 111  LEU X CG  1 
ATOM   857  C  CD1 . LEU A 1 116 ? -11.924 -1.977  -2.897  1.00 31.40 ? 111  LEU X CD1 1 
ATOM   858  C  CD2 . LEU A 1 116 ? -12.828 -3.423  -4.725  1.00 31.55 ? 111  LEU X CD2 1 
ATOM   859  N  N   . TRP A 1 117 ? -7.767  -4.485  -6.137  1.00 30.26 ? 112  TRP X N   1 
ATOM   860  C  CA  . TRP A 1 117 ? -6.595  -4.302  -6.992  1.00 31.76 ? 112  TRP X CA  1 
ATOM   861  C  C   . TRP A 1 117 ? -6.711  -5.029  -8.359  1.00 34.26 ? 112  TRP X C   1 
ATOM   862  O  O   . TRP A 1 117 ? -6.119  -4.591  -9.351  1.00 33.04 ? 112  TRP X O   1 
ATOM   863  C  CB  . TRP A 1 117 ? -5.306  -4.776  -6.281  1.00 30.70 ? 112  TRP X CB  1 
ATOM   864  C  CG  . TRP A 1 117 ? -4.826  -3.927  -5.138  1.00 26.87 ? 112  TRP X CG  1 
ATOM   865  C  CD1 . TRP A 1 117 ? -5.236  -2.658  -4.823  1.00 24.34 ? 112  TRP X CD1 1 
ATOM   866  C  CD2 . TRP A 1 117 ? -3.839  -4.278  -4.161  1.00 22.03 ? 112  TRP X CD2 1 
ATOM   867  N  NE1 . TRP A 1 117 ? -4.562  -2.207  -3.714  1.00 21.27 ? 112  TRP X NE1 1 
ATOM   868  C  CE2 . TRP A 1 117 ? -3.707  -3.184  -3.280  1.00 20.57 ? 112  TRP X CE2 1 
ATOM   869  C  CE3 . TRP A 1 117 ? -3.060  -5.415  -3.927  1.00 23.26 ? 112  TRP X CE3 1 
ATOM   870  C  CZ2 . TRP A 1 117 ? -2.825  -3.188  -2.201  1.00 20.69 ? 112  TRP X CZ2 1 
ATOM   871  C  CZ3 . TRP A 1 117 ? -2.185  -5.416  -2.860  1.00 22.17 ? 112  TRP X CZ3 1 
ATOM   872  C  CH2 . TRP A 1 117 ? -2.079  -4.313  -2.004  1.00 22.89 ? 112  TRP X CH2 1 
ATOM   873  N  N   . LEU A 1 118 ? -7.457  -6.134  -8.393  1.00 37.69 ? 113  LEU X N   1 
ATOM   874  C  CA  . LEU A 1 118 ? -7.596  -6.965  -9.600  1.00 41.60 ? 113  LEU X CA  1 
ATOM   875  C  C   . LEU A 1 118 ? -8.709  -6.460  -10.464 1.00 44.32 ? 113  LEU X C   1 
ATOM   876  O  O   . LEU A 1 118 ? -8.605  -6.391  -11.688 1.00 44.83 ? 113  LEU X O   1 
ATOM   877  C  CB  . LEU A 1 118 ? -7.978  -8.396  -9.232  1.00 41.59 ? 113  LEU X CB  1 
ATOM   878  C  CG  . LEU A 1 118 ? -7.000  -9.338  -8.550  1.00 41.72 ? 113  LEU X CG  1 
ATOM   879  C  CD1 . LEU A 1 118 ? -7.719  -10.649 -8.254  1.00 43.55 ? 113  LEU X CD1 1 
ATOM   880  C  CD2 . LEU A 1 118 ? -5.759  -9.573  -9.384  1.00 41.80 ? 113  LEU X CD2 1 
ATOM   881  N  N   . ASN A 1 119 ? -9.803  -6.149  -9.796  1.00 47.68 ? 114  ASN X N   1 
ATOM   882  C  CA  . ASN A 1 119 ? -10.977 -5.628  -10.429 1.00 50.83 ? 114  ASN X CA  1 
ATOM   883  C  C   . ASN A 1 119 ? -11.193 -4.362  -9.658  1.00 52.84 ? 114  ASN X C   1 
ATOM   884  O  O   . ASN A 1 119 ? -11.971 -4.351  -8.706  1.00 53.36 ? 114  ASN X O   1 
ATOM   885  C  CB  . ASN A 1 119 ? -12.152 -6.560  -10.157 1.00 51.01 ? 114  ASN X CB  1 
ATOM   886  C  CG  . ASN A 1 119 ? -11.710 -7.923  -9.627  1.00 52.78 ? 114  ASN X CG  1 
ATOM   887  O  OD1 . ASN A 1 119 ? -11.387 -8.830  -10.405 1.00 54.79 ? 114  ASN X OD1 1 
ATOM   888  N  ND2 . ASN A 1 119 ? -11.702 -8.077  -8.297  1.00 52.80 ? 114  ASN X ND2 1 
ATOM   889  N  N   . PRO A 1 120 ? -10.492 -3.297  -10.022 1.00 54.89 ? 115  PRO X N   1 
ATOM   890  C  CA  . PRO A 1 120 ? -10.647 -2.042  -9.297  1.00 56.68 ? 115  PRO X CA  1 
ATOM   891  C  C   . PRO A 1 120 ? -12.117 -1.723  -9.385  1.00 58.49 ? 115  PRO X C   1 
ATOM   892  O  O   . PRO A 1 120 ? -12.465 -0.539  -9.314  1.00 59.08 ? 115  PRO X O   1 
ATOM   893  C  CB  . PRO A 1 120 ? -9.867  -1.046  -10.159 1.00 56.65 ? 115  PRO X CB  1 
ATOM   894  C  CG  . PRO A 1 120 ? -8.897  -1.867  -10.923 1.00 55.74 ? 115  PRO X CG  1 
ATOM   895  C  CD  . PRO A 1 120 ? -9.553  -3.189  -11.151 1.00 55.08 ? 115  PRO X CD  1 
ATOM   896  N  N   . ASN A 1 121 ? -12.960 -2.760  -9.475  1.00 60.28 ? 116  ASN X N   1 
ATOM   897  C  CA  . ASN A 1 121 ? -14.320 -2.548  -9.935  1.00 61.98 ? 116  ASN X CA  1 
ATOM   898  C  C   . ASN A 1 121 ? -13.802 -1.514  -10.886 1.00 62.84 ? 116  ASN X C   1 
ATOM   899  O  O   . ASN A 1 121 ? -12.863 -1.905  -11.584 1.00 63.19 ? 116  ASN X O   1 
ATOM   900  C  CB  . ASN A 1 121 ? -15.267 -2.187  -8.815  1.00 62.30 ? 116  ASN X CB  1 
ATOM   901  C  CG  . ASN A 1 121 ? -15.824 -3.455  -8.151  1.00 63.35 ? 116  ASN X CG  1 
ATOM   902  O  OD1 . ASN A 1 121 ? -17.003 -3.792  -8.297  1.00 63.86 ? 116  ASN X OD1 1 
ATOM   903  N  ND2 . ASN A 1 121 ? -14.944 -4.202  -7.486  1.00 64.09 ? 116  ASN X ND2 1 
ATOM   904  N  N   . ASP A 1 122 ? -14.211 -0.254  -11.012 1.00 63.73 ? 117  ASP X N   1 
ATOM   905  C  CA  . ASP A 1 122 ? -13.242 0.353   -11.911 1.00 64.39 ? 117  ASP X CA  1 
ATOM   906  C  C   . ASP A 1 122 ? -13.257 1.449   -12.940 1.00 64.68 ? 117  ASP X C   1 
ATOM   907  O  O   . ASP A 1 122 ? -14.183 2.244   -13.150 1.00 64.70 ? 117  ASP X O   1 
ATOM   908  C  CB  . ASP A 1 122 ? -12.838 -0.816  -12.805 1.00 64.61 ? 117  ASP X CB  1 
ATOM   909  C  CG  . ASP A 1 122 ? -13.998 -1.294  -13.689 1.00 65.11 ? 117  ASP X CG  1 
ATOM   910  O  OD1 . ASP A 1 122 ? -14.316 -0.610  -14.685 1.00 66.00 ? 117  ASP X OD1 1 
ATOM   911  O  OD2 . ASP A 1 122 ? -14.649 -2.337  -13.456 1.00 66.04 ? 117  ASP X OD2 1 
ATOM   912  N  N   . THR A 1 123 ? -12.096 1.337   -13.593 1.00 64.72 ? 118  THR X N   1 
ATOM   913  C  CA  . THR A 1 123 ? -11.660 1.932   -14.832 1.00 64.83 ? 118  THR X CA  1 
ATOM   914  C  C   . THR A 1 123 ? -11.375 0.631   -15.606 1.00 64.21 ? 118  THR X C   1 
ATOM   915  O  O   . THR A 1 123 ? -11.216 0.624   -16.827 1.00 64.36 ? 118  THR X O   1 
ATOM   916  C  CB  . THR A 1 123 ? -10.369 2.730   -14.599 1.00 65.07 ? 118  THR X CB  1 
ATOM   917  O  OG1 . THR A 1 123 ? -10.645 3.841   -13.731 1.00 66.13 ? 118  THR X OG1 1 
ATOM   918  C  CG2 . THR A 1 123 ? -9.900  3.397   -15.890 1.00 65.62 ? 118  THR X CG2 1 
ATOM   919  N  N   . GLY A 1 124 ? -11.287 -0.469  -14.846 1.00 63.43 ? 119  GLY X N   1 
ATOM   920  C  CA  . GLY A 1 124 ? -11.227 -1.836  -15.366 1.00 62.00 ? 119  GLY X CA  1 
ATOM   921  C  C   . GLY A 1 124 ? -9.934  -2.529  -15.777 1.00 60.87 ? 119  GLY X C   1 
ATOM   922  O  O   . GLY A 1 124 ? -9.891  -3.123  -16.855 1.00 61.02 ? 119  GLY X O   1 
ATOM   923  N  N   . LEU A 1 125 ? -8.912  -2.528  -14.923 1.00 59.41 ? 120  LEU X N   1 
ATOM   924  C  CA  . LEU A 1 125 ? -7.637  -3.143  -15.298 1.00 57.43 ? 120  LEU X CA  1 
ATOM   925  C  C   . LEU A 1 125 ? -6.625  -3.154  -14.152 1.00 55.54 ? 120  LEU X C   1 
ATOM   926  O  O   . LEU A 1 125 ? -6.511  -2.166  -13.427 1.00 55.90 ? 120  LEU X O   1 
ATOM   927  C  CB  . LEU A 1 125 ? -7.046  -2.364  -16.478 1.00 57.73 ? 120  LEU X CB  1 
ATOM   928  C  CG  . LEU A 1 125 ? -6.044  -3.029  -17.418 1.00 58.30 ? 120  LEU X CG  1 
ATOM   929  C  CD1 . LEU A 1 125 ? -6.638  -4.281  -18.028 1.00 58.68 ? 120  LEU X CD1 1 
ATOM   930  C  CD2 . LEU A 1 125 ? -5.640  -2.053  -18.511 1.00 59.49 ? 120  LEU X CD2 1 
ATOM   931  N  N   . PRO A 1 126 ? -5.894  -4.262  -13.996 1.00 53.33 ? 121  PRO X N   1 
ATOM   932  C  CA  . PRO A 1 126 ? -4.855  -4.396  -12.970 1.00 51.37 ? 121  PRO X CA  1 
ATOM   933  C  C   . PRO A 1 126 ? -4.140  -3.100  -12.627 1.00 49.22 ? 121  PRO X C   1 
ATOM   934  O  O   . PRO A 1 126 ? -3.386  -2.536  -13.439 1.00 49.20 ? 121  PRO X O   1 
ATOM   935  C  CB  . PRO A 1 126 ? -3.888  -5.389  -13.604 1.00 51.60 ? 121  PRO X CB  1 
ATOM   936  C  CG  . PRO A 1 126 ? -4.806  -6.317  -14.360 1.00 52.38 ? 121  PRO X CG  1 
ATOM   937  C  CD  . PRO A 1 126 ? -6.017  -5.498  -14.788 1.00 53.14 ? 121  PRO X CD  1 
ATOM   938  N  N   . LEU A 1 127 ? -4.421  -2.646  -11.408 1.00 46.49 ? 122  LEU X N   1 
ATOM   939  C  CA  . LEU A 1 127 ? -3.825  -1.466  -10.810 1.00 43.87 ? 122  LEU X CA  1 
ATOM   940  C  C   . LEU A 1 127 ? -2.323  -1.640  -10.804 1.00 41.96 ? 122  LEU X C   1 
ATOM   941  O  O   . LEU A 1 127 ? -1.565  -0.674  -10.850 1.00 41.79 ? 122  LEU X O   1 
ATOM   942  C  CB  . LEU A 1 127 ? -4.311  -1.325  -9.372  1.00 43.39 ? 122  LEU X CB  1 
ATOM   943  C  CG  . LEU A 1 127 ? -3.765  -0.100  -8.642  1.00 43.32 ? 122  LEU X CG  1 
ATOM   944  C  CD1 . LEU A 1 127 ? -4.282  1.157   -9.330  1.00 42.66 ? 122  LEU X CD1 1 
ATOM   945  C  CD2 . LEU A 1 127 ? -4.138  -0.115  -7.158  1.00 41.86 ? 122  LEU X CD2 1 
ATOM   946  N  N   . PHE A 1 128 ? -1.914  -2.897  -10.732 1.00 39.87 ? 123  PHE X N   1 
ATOM   947  C  CA  . PHE A 1 128 ? -0.519  -3.270  -10.721 1.00 38.18 ? 123  PHE X CA  1 
ATOM   948  C  C   . PHE A 1 128 ? -0.293  -4.211  -11.896 1.00 38.70 ? 123  PHE X C   1 
ATOM   949  O  O   . PHE A 1 128 ? -1.069  -5.147  -12.120 1.00 38.61 ? 123  PHE X O   1 
ATOM   950  C  CB  . PHE A 1 128 ? -0.183  -3.963  -9.408  1.00 37.04 ? 123  PHE X CB  1 
ATOM   951  C  CG  . PHE A 1 128 ? -0.273  -3.066  -8.208  1.00 33.22 ? 123  PHE X CG  1 
ATOM   952  C  CD1 . PHE A 1 128 ? -1.315  -3.193  -7.299  1.00 29.56 ? 123  PHE X CD1 1 
ATOM   953  C  CD2 . PHE A 1 128 ? 0.700   -2.105  -7.976  1.00 29.95 ? 123  PHE X CD2 1 
ATOM   954  C  CE1 . PHE A 1 128 ? -1.393  -2.365  -6.177  1.00 27.19 ? 123  PHE X CE1 1 
ATOM   955  C  CE2 . PHE A 1 128 ? 0.630   -1.274  -6.869  1.00 28.10 ? 123  PHE X CE2 1 
ATOM   956  C  CZ  . PHE A 1 128 ? -0.422  -1.399  -5.971  1.00 27.27 ? 123  PHE X CZ  1 
ATOM   957  N  N   . GLU A 1 129 ? 0.728   -3.932  -12.690 1.00 38.85 ? 124  GLU X N   1 
ATOM   958  C  CA  . GLU A 1 129 ? 1.073   -4.824  -13.779 1.00 39.17 ? 124  GLU X CA  1 
ATOM   959  C  C   . GLU A 1 129 ? 2.293   -5.622  -13.351 1.00 38.46 ? 124  GLU X C   1 
ATOM   960  O  O   . GLU A 1 129 ? 2.951   -5.279  -12.367 1.00 38.38 ? 124  GLU X O   1 
ATOM   961  C  CB  . GLU A 1 129 ? 1.317   -4.060  -15.081 1.00 40.26 ? 124  GLU X CB  1 
ATOM   962  C  CG  . GLU A 1 129 ? 2.520   -3.129  -15.108 1.00 43.41 ? 124  GLU X CG  1 
ATOM   963  C  CD  . GLU A 1 129 ? 2.598   -2.379  -16.431 1.00 48.71 ? 124  GLU X CD  1 
ATOM   964  O  OE1 . GLU A 1 129 ? 2.042   -2.912  -17.416 1.00 50.49 ? 124  GLU X OE1 1 
ATOM   965  O  OE2 . GLU A 1 129 ? 3.188   -1.264  -16.490 1.00 50.59 ? 124  GLU X OE2 1 
ATOM   966  N  N   . GLY A 1 130 ? 2.601   -6.692  -14.077 1.00 37.36 ? 125  GLY X N   1 
ATOM   967  C  CA  . GLY A 1 130 ? 3.706   -7.537  -13.672 1.00 35.85 ? 125  GLY X CA  1 
ATOM   968  C  C   . GLY A 1 130 ? 3.203   -8.718  -12.859 1.00 34.48 ? 125  GLY X C   1 
ATOM   969  O  O   . GLY A 1 130 ? 2.023   -9.039  -12.875 1.00 34.78 ? 125  GLY X O   1 
ATOM   970  N  N   . SER A 1 131 ? 4.091   -9.355  -12.118 1.00 33.11 ? 126  SER X N   1 
ATOM   971  C  CA  . SER A 1 131 ? 3.736   -10.607 -11.470 1.00 32.41 ? 126  SER X CA  1 
ATOM   972  C  C   . SER A 1 131 ? 3.180   -10.424 -10.053 1.00 31.54 ? 126  SER X C   1 
ATOM   973  O  O   . SER A 1 131 ? 2.710   -11.376 -9.438  1.00 31.55 ? 126  SER X O   1 
ATOM   974  C  CB  . SER A 1 131 ? 4.984   -11.482 -11.406 1.00 32.23 ? 126  SER X CB  1 
ATOM   975  O  OG  . SER A 1 131 ? 5.998   -10.794 -10.676 1.00 32.73 ? 126  SER X OG  1 
ATOM   976  N  N   . ALA A 1 132 ? 3.211   -9.208  -9.534  1.00 30.43 ? 127  ALA X N   1 
ATOM   977  C  CA  . ALA A 1 132 ? 2.817   -9.017  -8.147  1.00 29.62 ? 127  ALA X CA  1 
ATOM   978  C  C   . ALA A 1 132 ? 1.461   -9.616  -7.777  1.00 29.09 ? 127  ALA X C   1 
ATOM   979  O  O   . ALA A 1 132 ? 1.354   -10.332 -6.782  1.00 28.71 ? 127  ALA X O   1 
ATOM   980  C  CB  . ALA A 1 132 ? 2.875   -7.560  -7.765  1.00 29.51 ? 127  ALA X CB  1 
ATOM   981  N  N   . LEU A 1 133 ? 0.441   -9.345  -8.585  1.00 28.59 ? 128  LEU X N   1 
ATOM   982  C  CA  . LEU A 1 133 ? -0.909  -9.777  -8.256  1.00 28.19 ? 128  LEU X CA  1 
ATOM   983  C  C   . LEU A 1 133 ? -1.113  -11.269 -8.408  1.00 28.59 ? 128  LEU X C   1 
ATOM   984  O  O   . LEU A 1 133 ? -1.845  -11.882 -7.623  1.00 28.63 ? 128  LEU X O   1 
ATOM   985  C  CB  . LEU A 1 133 ? -1.955  -8.992  -9.054  1.00 28.01 ? 128  LEU X CB  1 
ATOM   986  C  CG  . LEU A 1 133 ? -1.958  -7.495  -8.698  1.00 27.12 ? 128  LEU X CG  1 
ATOM   987  C  CD1 . LEU A 1 133 ? -2.941  -6.716  -9.551  1.00 25.96 ? 128  LEU X CD1 1 
ATOM   988  C  CD2 . LEU A 1 133 ? -2.244  -7.275  -7.207  1.00 27.73 ? 128  LEU X CD2 1 
ATOM   989  N  N   . GLU A 1 134 ? -0.455  -11.850 -9.401  1.00 28.52 ? 129  GLU X N   1 
ATOM   990  C  CA  . GLU A 1 134 ? -0.529  -13.285 -9.634  1.00 29.04 ? 129  GLU X CA  1 
ATOM   991  C  C   . GLU A 1 134 ? 0.103   -14.017 -8.459  1.00 28.67 ? 129  GLU X C   1 
ATOM   992  O  O   . GLU A 1 134 ? -0.447  -14.984 -7.954  1.00 27.63 ? 129  GLU X O   1 
ATOM   993  C  CB  . GLU A 1 134 ? 0.212   -13.661 -10.918 1.00 29.56 ? 129  GLU X CB  1 
ATOM   994  C  CG  . GLU A 1 134 ? 0.026   -15.115 -11.322 1.00 32.52 ? 129  GLU X CG  1 
ATOM   995  C  CD  . GLU A 1 134 ? -1.401  -15.421 -11.732 1.00 35.79 ? 129  GLU X CD  1 
ATOM   996  O  OE1 . GLU A 1 134 ? -2.085  -14.511 -12.260 1.00 38.66 ? 129  GLU X OE1 1 
ATOM   997  O  OE2 . GLU A 1 134 ? -1.839  -16.569 -11.517 1.00 37.37 ? 129  GLU X OE2 1 
ATOM   998  N  N   . LYS A 1 135 ? 1.265   -13.535 -8.020  1.00 28.12 ? 130  LYS X N   1 
ATOM   999  C  CA  . LYS A 1 135 ? 1.928   -14.151 -6.897  1.00 28.09 ? 130  LYS X CA  1 
ATOM   1000 C  C   . LYS A 1 135 ? 1.063   -14.053 -5.628  1.00 27.80 ? 130  LYS X C   1 
ATOM   1001 O  O   . LYS A 1 135 ? 0.971   -15.008 -4.871  1.00 27.16 ? 130  LYS X O   1 
ATOM   1002 C  CB  . LYS A 1 135 ? 3.305   -13.524 -6.667  1.00 29.02 ? 130  LYS X CB  1 
ATOM   1003 C  CG  . LYS A 1 135 ? 4.347   -13.808 -7.761  1.00 30.53 ? 130  LYS X CG  1 
ATOM   1004 C  CD  . LYS A 1 135 ? 5.666   -13.112 -7.369  1.00 34.33 ? 130  LYS X CD  1 
ATOM   1005 C  CE  . LYS A 1 135 ? 6.691   -13.111 -8.503  1.00 37.67 ? 130  LYS X CE  1 
ATOM   1006 N  NZ  . LYS A 1 135 ? 7.621   -11.922 -8.415  1.00 40.86 ? 130  LYS X NZ  1 
ATOM   1007 N  N   . ILE A 1 136 ? 0.408   -12.912 -5.402  1.00 27.38 ? 131  ILE X N   1 
ATOM   1008 C  CA  . ILE A 1 136 ? -0.401  -12.776 -4.193  1.00 26.53 ? 131  ILE X CA  1 
ATOM   1009 C  C   . ILE A 1 136 ? -1.549  -13.775 -4.206  1.00 26.20 ? 131  ILE X C   1 
ATOM   1010 O  O   . ILE A 1 136 ? -1.819  -14.439 -3.209  1.00 25.82 ? 131  ILE X O   1 
ATOM   1011 C  CB  . ILE A 1 136 ? -0.910  -11.331 -4.001  1.00 26.33 ? 131  ILE X CB  1 
ATOM   1012 C  CG1 . ILE A 1 136 ? 0.265   -10.409 -3.661  1.00 27.16 ? 131  ILE X CG1 1 
ATOM   1013 C  CG2 . ILE A 1 136 ? -1.974  -11.290 -2.921  1.00 25.81 ? 131  ILE X CG2 1 
ATOM   1014 C  CD1 . ILE A 1 136 ? -0.060  -8.932  -3.603  1.00 27.52 ? 131  ILE X CD1 1 
ATOM   1015 N  N   . GLU A 1 137 ? -2.199  -13.889 -5.357  1.00 25.96 ? 132  GLU X N   1 
ATOM   1016 C  CA  . GLU A 1 137 ? -3.321  -14.791 -5.553  1.00 26.18 ? 132  GLU X CA  1 
ATOM   1017 C  C   . GLU A 1 137 ? -2.920  -16.249 -5.256  1.00 26.10 ? 132  GLU X C   1 
ATOM   1018 O  O   . GLU A 1 137 ? -3.599  -16.966 -4.502  1.00 24.75 ? 132  GLU X O   1 
ATOM   1019 C  CB  . GLU A 1 137 ? -3.807  -14.661 -6.993  1.00 26.12 ? 132  GLU X CB  1 
ATOM   1020 C  CG  . GLU A 1 137 ? -5.259  -14.998 -7.228  1.00 28.66 ? 132  GLU X CG  1 
ATOM   1021 C  CD  . GLU A 1 137 ? -5.594  -15.068 -8.703  1.00 33.10 ? 132  GLU X CD  1 
ATOM   1022 O  OE1 . GLU A 1 137 ? -5.141  -16.026 -9.373  1.00 36.35 ? 132  GLU X OE1 1 
ATOM   1023 O  OE2 . GLU A 1 137 ? -6.307  -14.168 -9.204  1.00 36.70 ? 132  GLU X OE2 1 
ATOM   1024 N  N   . GLN A 1 138 ? -1.802  -16.667 -5.843  1.00 26.05 ? 133  GLN X N   1 
ATOM   1025 C  CA  . GLN A 1 138 ? -1.302  -18.020 -5.638  1.00 26.38 ? 133  GLN X CA  1 
ATOM   1026 C  C   . GLN A 1 138 ? -0.970  -18.216 -4.165  1.00 25.83 ? 133  GLN X C   1 
ATOM   1027 O  O   . GLN A 1 138 ? -1.269  -19.263 -3.604  1.00 26.10 ? 133  GLN X O   1 
ATOM   1028 C  CB  . GLN A 1 138 ? -0.111  -18.326 -6.566  1.00 26.39 ? 133  GLN X CB  1 
ATOM   1029 C  CG  . GLN A 1 138 ? -0.474  -18.322 -8.031  1.00 26.36 ? 133  GLN X CG  1 
ATOM   1030 C  CD  . GLN A 1 138 ? -1.542  -19.351 -8.354  1.00 29.32 ? 133  GLN X CD  1 
ATOM   1031 O  OE1 . GLN A 1 138 ? -1.601  -20.400 -7.721  1.00 30.20 ? 133  GLN X OE1 1 
ATOM   1032 N  NE2 . GLN A 1 138 ? -2.391  -19.053 -9.333  1.00 31.27 ? 133  GLN X NE2 1 
ATOM   1033 N  N   . PHE A 1 139 ? -0.390  -17.202 -3.529  1.00 25.14 ? 134  PHE X N   1 
ATOM   1034 C  CA  . PHE A 1 139 ? -0.155  -17.258 -2.083  1.00 24.72 ? 134  PHE X CA  1 
ATOM   1035 C  C   . PHE A 1 139 ? -1.462  -17.416 -1.307  1.00 24.92 ? 134  PHE X C   1 
ATOM   1036 O  O   . PHE A 1 139 ? -1.542  -18.193 -0.378  1.00 24.40 ? 134  PHE X O   1 
ATOM   1037 C  CB  . PHE A 1 139 ? 0.539   -15.990 -1.588  1.00 24.50 ? 134  PHE X CB  1 
ATOM   1038 C  CG  . PHE A 1 139 ? 0.531   -15.832 -0.081  1.00 22.07 ? 134  PHE X CG  1 
ATOM   1039 C  CD1 . PHE A 1 139 ? 1.332   -16.635 0.726   1.00 22.84 ? 134  PHE X CD1 1 
ATOM   1040 C  CD2 . PHE A 1 139 ? -0.251  -14.877 0.521   1.00 20.60 ? 134  PHE X CD2 1 
ATOM   1041 C  CE1 . PHE A 1 139 ? 1.348   -16.472 2.134   1.00 21.89 ? 134  PHE X CE1 1 
ATOM   1042 C  CE2 . PHE A 1 139 ? -0.244  -14.699 1.915   1.00 22.58 ? 134  PHE X CE2 1 
ATOM   1043 C  CZ  . PHE A 1 139 ? 0.550   -15.498 2.724   1.00 21.13 ? 134  PHE X CZ  1 
ATOM   1044 N  N   . LEU A 1 140 ? -2.482  -16.659 -1.673  1.00 25.85 ? 135  LEU X N   1 
ATOM   1045 C  CA  . LEU A 1 140 ? -3.746  -16.746 -0.951  1.00 27.80 ? 135  LEU X CA  1 
ATOM   1046 C  C   . LEU A 1 140 ? -4.402  -18.106 -1.166  1.00 28.86 ? 135  LEU X C   1 
ATOM   1047 O  O   . LEU A 1 140 ? -5.064  -18.630 -0.287  1.00 29.83 ? 135  LEU X O   1 
ATOM   1048 C  CB  . LEU A 1 140 ? -4.693  -15.614 -1.350  1.00 27.40 ? 135  LEU X CB  1 
ATOM   1049 C  CG  . LEU A 1 140 ? -4.296  -14.230 -0.828  1.00 28.84 ? 135  LEU X CG  1 
ATOM   1050 C  CD1 . LEU A 1 140 ? -5.332  -13.190 -1.232  1.00 28.90 ? 135  LEU X CD1 1 
ATOM   1051 C  CD2 . LEU A 1 140 ? -4.106  -14.249 0.684   1.00 27.54 ? 135  LEU X CD2 1 
ATOM   1052 N  N   . ILE A 1 141 ? -4.186  -18.683 -2.335  1.00 29.79 ? 136  ILE X N   1 
ATOM   1053 C  CA  . ILE A 1 141 ? -4.759  -19.980 -2.639  1.00 30.99 ? 136  ILE X CA  1 
ATOM   1054 C  C   . ILE A 1 141 ? -4.210  -21.049 -1.697  1.00 31.89 ? 136  ILE X C   1 
ATOM   1055 O  O   . ILE A 1 141 ? -4.970  -21.816 -1.108  1.00 31.62 ? 136  ILE X O   1 
ATOM   1056 C  CB  . ILE A 1 141 ? -4.509  -20.319 -4.127  1.00 30.59 ? 136  ILE X CB  1 
ATOM   1057 C  CG1 . ILE A 1 141 ? -5.493  -19.530 -4.986  1.00 29.84 ? 136  ILE X CG1 1 
ATOM   1058 C  CG2 . ILE A 1 141 ? -4.623  -21.812 -4.380  1.00 30.54 ? 136  ILE X CG2 1 
ATOM   1059 C  CD1 . ILE A 1 141 ? -5.199  -19.569 -6.466  1.00 29.93 ? 136  ILE X CD1 1 
ATOM   1060 N  N   . LYS A 1 142 ? -2.892  -21.040 -1.524  1.00 33.55 ? 137  LYS X N   1 
ATOM   1061 C  CA  . LYS A 1 142 ? -2.185  -22.009 -0.696  1.00 35.37 ? 137  LYS X CA  1 
ATOM   1062 C  C   . LYS A 1 142 ? -2.271  -21.724 0.807   1.00 35.99 ? 137  LYS X C   1 
ATOM   1063 O  O   . LYS A 1 142 ? -1.994  -22.606 1.609   1.00 36.26 ? 137  LYS X O   1 
ATOM   1064 C  CB  . LYS A 1 142 ? -0.687  -22.031 -1.069  1.00 35.97 ? 137  LYS X CB  1 
ATOM   1065 C  CG  . LYS A 1 142 ? -0.300  -22.752 -2.395  1.00 38.94 ? 137  LYS X CG  1 
ATOM   1066 C  CD  . LYS A 1 142 ? 1.232   -22.698 -2.590  1.00 44.11 ? 137  LYS X CD  1 
ATOM   1067 C  CE  . LYS A 1 142 ? 1.677   -23.280 -3.944  1.00 47.03 ? 137  LYS X CE  1 
ATOM   1068 N  NZ  . LYS A 1 142 ? 3.171   -23.403 -4.076  1.00 48.17 ? 137  LYS X NZ  1 
ATOM   1069 N  N   . ALA A 1 143 ? -2.626  -20.503 1.199   1.00 36.28 ? 138  ALA X N   1 
ATOM   1070 C  CA  . ALA A 1 143 ? -2.516  -20.128 2.605   1.00 36.70 ? 138  ALA X CA  1 
ATOM   1071 C  C   . ALA A 1 143 ? -3.844  -19.975 3.326   1.00 37.07 ? 138  ALA X C   1 
ATOM   1072 O  O   . ALA A 1 143 ? -4.702  -19.248 2.817   1.00 36.15 ? 138  ALA X O   1 
ATOM   1073 C  CB  . ALA A 1 143 ? -1.693  -18.847 2.753   1.00 37.06 ? 138  ALA X CB  1 
ATOM   1074 O  OXT . ALA A 1 143 ? -4.016  -20.576 4.401   1.00 37.41 ? 138  ALA X OXT 1 
HETATM 1075 CA CA  . CA  B 2 .   ? -6.426  -18.898 1.456   0.50 34.00 ? 1139 CA  X CA  1 
HETATM 1076 O  O   . HOH C 3 .   ? 12.762  17.634  3.544   1.00 48.09 ? 2001 HOH X O   1 
HETATM 1077 O  O   . HOH C 3 .   ? 9.119   4.960   13.574  1.00 44.56 ? 2002 HOH X O   1 
HETATM 1078 O  O   . HOH C 3 .   ? 4.460   5.407   14.899  1.00 59.00 ? 2003 HOH X O   1 
HETATM 1079 O  O   . HOH C 3 .   ? -6.775  15.705  -1.770  1.00 38.99 ? 2004 HOH X O   1 
HETATM 1080 O  O   . HOH C 3 .   ? 5.758   12.083  13.706  1.00 33.47 ? 2005 HOH X O   1 
HETATM 1081 O  O   . HOH C 3 .   ? 0.841   2.812   9.812   1.00 23.22 ? 2006 HOH X O   1 
HETATM 1082 O  O   . HOH C 3 .   ? -8.599  2.878   13.156  1.00 35.75 ? 2007 HOH X O   1 
HETATM 1083 O  O   . HOH C 3 .   ? -11.179 7.119   11.567  1.00 44.65 ? 2008 HOH X O   1 
HETATM 1084 O  O   . HOH C 3 .   ? -11.073 1.410   10.394  1.00 50.25 ? 2009 HOH X O   1 
HETATM 1085 O  O   . HOH C 3 .   ? -10.869 9.190   9.438   1.00 34.92 ? 2010 HOH X O   1 
HETATM 1086 O  O   . HOH C 3 .   ? -5.041  13.563  -1.890  1.00 21.60 ? 2011 HOH X O   1 
HETATM 1087 O  O   . HOH C 3 .   ? -0.514  17.365  1.599   1.00 30.35 ? 2012 HOH X O   1 
HETATM 1088 O  O   . HOH C 3 .   ? -5.630  16.435  -8.411  1.00 30.79 ? 2013 HOH X O   1 
HETATM 1089 O  O   . HOH C 3 .   ? -4.278  13.847  -4.352  1.00 40.68 ? 2014 HOH X O   1 
HETATM 1090 O  O   . HOH C 3 .   ? -2.929  16.584  -10.293 1.00 23.89 ? 2015 HOH X O   1 
HETATM 1091 O  O   . HOH C 3 .   ? 3.304   19.468  -1.923  1.00 37.76 ? 2016 HOH X O   1 
HETATM 1092 O  O   . HOH C 3 .   ? 6.684   20.582  -3.425  1.00 35.12 ? 2017 HOH X O   1 
HETATM 1093 O  O   . HOH C 3 .   ? 4.436   16.052  -9.118  1.00 40.55 ? 2018 HOH X O   1 
HETATM 1094 O  O   . HOH C 3 .   ? 11.440  1.237   2.175   1.00 40.30 ? 2019 HOH X O   1 
HETATM 1095 O  O   . HOH C 3 .   ? 8.452   -1.664  -4.410  1.00 36.97 ? 2020 HOH X O   1 
HETATM 1096 O  O   . HOH C 3 .   ? 5.117   -2.183  -2.273  1.00 34.57 ? 2021 HOH X O   1 
HETATM 1097 O  O   . HOH C 3 .   ? 10.318  -3.365  13.403  1.00 41.39 ? 2022 HOH X O   1 
HETATM 1098 O  O   . HOH C 3 .   ? 4.592   0.982   15.574  1.00 49.95 ? 2023 HOH X O   1 
HETATM 1099 O  O   . HOH C 3 .   ? -2.282  -3.988  10.554  1.00 33.36 ? 2024 HOH X O   1 
HETATM 1100 O  O   . HOH C 3 .   ? 0.195   -5.354  16.752  1.00 42.24 ? 2025 HOH X O   1 
HETATM 1101 O  O   . HOH C 3 .   ? -10.965 -1.048  7.130   1.00 37.97 ? 2026 HOH X O   1 
HETATM 1102 O  O   . HOH C 3 .   ? -7.994  -1.799  -2.896  1.00 36.34 ? 2027 HOH X O   1 
HETATM 1103 O  O   . HOH C 3 .   ? -8.342  0.768   -4.659  1.00 39.21 ? 2028 HOH X O   1 
HETATM 1104 O  O   . HOH C 3 .   ? -7.130  9.176   0.171   1.00 41.09 ? 2029 HOH X O   1 
HETATM 1105 O  O   . HOH C 3 .   ? -4.262  4.524   -10.618 1.00 40.71 ? 2030 HOH X O   1 
HETATM 1106 O  O   . HOH C 3 .   ? -8.520  3.872   -9.031  1.00 42.91 ? 2031 HOH X O   1 
HETATM 1107 O  O   . HOH C 3 .   ? -10.689 0.401   -3.527  1.00 57.84 ? 2032 HOH X O   1 
HETATM 1108 O  O   . HOH C 3 .   ? 5.897   -8.029  -6.117  1.00 28.05 ? 2033 HOH X O   1 
HETATM 1109 O  O   . HOH C 3 .   ? 12.608  -2.649  -11.058 1.00 36.45 ? 2034 HOH X O   1 
HETATM 1110 O  O   . HOH C 3 .   ? 13.930  0.769   -7.778  1.00 32.57 ? 2035 HOH X O   1 
HETATM 1111 O  O   . HOH C 3 .   ? 7.940   -8.582  -4.088  1.00 28.97 ? 2036 HOH X O   1 
HETATM 1112 O  O   . HOH C 3 .   ? 9.111   -11.574 6.988   1.00 48.74 ? 2037 HOH X O   1 
HETATM 1113 O  O   . HOH C 3 .   ? 4.999   -6.270  7.005   1.00 32.89 ? 2038 HOH X O   1 
HETATM 1114 O  O   . HOH C 3 .   ? -4.124  -14.576 11.895  1.00 21.11 ? 2039 HOH X O   1 
HETATM 1115 O  O   . HOH C 3 .   ? -3.250  -8.053  13.935  1.00 26.20 ? 2040 HOH X O   1 
HETATM 1116 O  O   . HOH C 3 .   ? -12.746 -8.118  8.919   1.00 26.37 ? 2041 HOH X O   1 
HETATM 1117 O  O   . HOH C 3 .   ? -0.427  -18.758 8.343   1.00 56.00 ? 2042 HOH X O   1 
HETATM 1118 O  O   . HOH C 3 .   ? -2.114  -18.752 10.761  1.00 39.00 ? 2043 HOH X O   1 
HETATM 1119 O  O   . HOH C 3 .   ? -13.416 -10.771 9.099   1.00 32.04 ? 2044 HOH X O   1 
HETATM 1120 O  O   . HOH C 3 .   ? -10.297 -0.578  9.692   1.00 42.03 ? 2045 HOH X O   1 
HETATM 1121 O  O   . HOH C 3 .   ? -16.766 -3.503  -5.703  1.00 62.33 ? 2046 HOH X O   1 
HETATM 1122 O  O   . HOH C 3 .   ? -13.762 -4.671  -11.947 1.00 55.58 ? 2047 HOH X O   1 
HETATM 1123 O  O   . HOH C 3 .   ? -2.608  0.828   -12.795 1.00 31.90 ? 2048 HOH X O   1 
HETATM 1124 O  O   . HOH C 3 .   ? 4.271   -6.574  -10.383 1.00 30.64 ? 2049 HOH X O   1 
HETATM 1125 O  O   . HOH C 3 .   ? 0.811   -7.171  -10.924 1.00 39.73 ? 2050 HOH X O   1 
HETATM 1126 O  O   . HOH C 3 .   ? 8.720   -9.551  -11.985 1.00 47.59 ? 2051 HOH X O   1 
HETATM 1127 O  O   . HOH C 3 .   ? 0.593   -17.430 -11.351 1.00 54.94 ? 2052 HOH X O   1 
HETATM 1128 O  O   . HOH C 3 .   ? -8.592  -14.246 -8.328  1.00 45.84 ? 2053 HOH X O   1 
HETATM 1129 O  O   . HOH C 3 .   ? -0.823  -21.639 -5.528  1.00 53.89 ? 2054 HOH X O   1 
HETATM 1130 O  O   . HOH C 3 .   ? -3.768  -21.777 -9.020  1.00 36.48 ? 2055 HOH X O   1 
HETATM 1131 O  O   . HOH C 3 .   ? -1.800  -19.355 5.858   1.00 53.91 ? 2056 HOH X O   1 
# 
